data_8TLT
#
_entry.id   8TLT
#
_cell.length_a   1.00
_cell.length_b   1.00
_cell.length_c   1.00
_cell.angle_alpha   90.00
_cell.angle_beta   90.00
_cell.angle_gamma   90.00
#
_symmetry.space_group_name_H-M   'P 1'
#
loop_
_entity.id
_entity.type
_entity.pdbx_description
1 polymer 'DNA polymerase zeta catalytic subunit'
2 polymer 'DNA polymerase zeta processivity subunit'
3 polymer 'DNA polymerase delta small subunit'
4 polymer 'DNA polymerase delta subunit 3'
5 polymer 'DNA repair protein REV1'
6 polymer "DNA (5'-D(P*CP*CP*CP*TP*CP*CP*CP*CP*TP*AP*C)-3')"
7 polymer "DNA (5'-D(*TP*AP*AP*TP*GP*GP*TP*AP*GP*GP*GP*GP*AP*GP*GP*GP*AP*AP*T)-3')"
8 non-polymer 'IRON/SULFUR CLUSTER'
9 non-polymer 'CALCIUM ION'
10 non-polymer "2'-DEOXYCYTIDINE-5'-TRIPHOSPHATE"
11 water water
#
loop_
_entity_poly.entity_id
_entity_poly.type
_entity_poly.pdbx_seq_one_letter_code
_entity_poly.pdbx_strand_id
1 'polypeptide(L)'
;MDYKDDDDKGDHNHRHKHGDPLEVLFQGPGGDPHMSRESNDTIQSDTVRSSSKSDYFRIQLNNQDYYMSKPTFLDPSHGE
SLPLNQFSQVPNIRVFGALPTGHQVLCHVHGILPYMFIKYDGQITDTSTLRHQRCAQVHKTLEVKIRASFKRKKDDKHDL
AGDKLGNLNFVADVSVVKGIPFYGYHVGWNLFYKISLLNPSCLSRISELIRDGKIFGKKFEIYESHIPYLLQWTADFNLF
GCSWINVDRCYFRSPVLNSILDIDKLTINDDLQLLLDRFCDFKCNVLSRRDFPRVGNGLIEIDILPQFIKNREKLQHRDI
HHDFLEKLGDISDIPVKPYVSSARDMINELTMQREELSLKEYKEPPETKRHVSGHQWQSSGEFEAFYKKAQHKTSTFDGQ
IPNFENFIDKNQKFSAINTPYEALPQLWPRLPQIEINNNSMQDKKNDDQVNASFTEYEICGVDNENEGVKGSNIKSRSYS
WLPESIASPKDSTILLDHQTKYHNTINFSMDCAMTQNMASKRKLRSSVSANKTSLLSRKRKKVMAAGLRYGKRAFVYGEP
PFGYQDILNKLEDEGFPKIDYKDPFFSNPVDLENKPYAYAGKRFEISSTHVSTRIPVQFGGETVSVYNKPTFDMFSSWKY
ALKPPTYDAVQKWYNKVPSMGNKKTESQISMHTPHSKFLYKFASDVSGKQKRKKSSVHDSLTHLTLEIHANTRSDKIPDP
AIDEVSMIIWCLEEETFPLDLDIAYEGIMIVHKASEDSTFPTKIQHCINEIPVMFYESEFEMFEALTDLVLLLDPDILSG
FEIHNFSWGYIIERCQKIHQFDIVRELARVKCQIKTKLSDTWGYAHSSGIMITGRHMINIWRALRSDVNLTQYTIESAAF
NILHKRLPHFSFESLTNMWNAKKSTTELKTVLNYWLSRAQINIQLLRKQDYIARNIEQARLIGIDFHSVYYRGSQFKVES
FLIRICKSESFILLSPGKKDVRKQKALECVPLVMEPESAFYKSPLIVLDFQSLYPSIMIGYNYCYSTMIGRVREINLTEN
NLGVSKFSLPRNILALLKNDVTIAPNGVVYAKTSVRKSTLSKMLTDILDVRVMIKKTMNEIGDDNTTLKRLLNNKQLALK
LLANVTYGYTSASFSGRMPCSDLADSIVQTGRETLEKAIDIIEKDETWNAKVVYGDTDSLFVYLPGKTAIEAFSIGHAMA
ERVTQNNPKPIFLKFEKVYHPSILISKKRYVGFSYESPSQTLPIFDAKGIETVRRDGIPAQQKIIEKCIRLLFQTKDLSK
IKKYLQNEFFKIQIGKVSAQDFCFAKEVKLGAYKSEKTAPAGAVVVKRRINEDHRAEPQYKERIPYLVVKGKQGQLLRER
CVSPEEFLEGENLELDSEYYINKILIPPLDRLFNLIGINVGNWAQEIVKSKRASTTTTKVENITRVGTSATCCNCGEELT
KICSLQLCDDCLEKRSTTTLSFLIKKLKRQKEYQTLKTVCRTCSYRYTSDAGIENDHIASKCNSYDCPVFYSRVKAERYL
RDNQSVQREEALISLNDW
;
A
2 'polypeptide(L)'
;MNRWVEKWLRVYLKCYINLILFYRNVYPPQSFDYTTYQSFNLPQFVPINRHPALIDYIEELILDVLSKLTHVYRFSICII
NKKNDLCIEKYVLDFSELQHVDKDDQIITETEVFDEFRSSLNSLIMHLEKLPKVNDDTITFEAVINAIELELGHKLDRNR
RVDSLEEKAEIERDSNWVKCQEDENLPDNNGFQPPKIKLTSLVGSDVGPLIIHQFSEKLISGDDKILNGVYSQYEEGESI
FGSLF
;
D,E
3 'polypeptide(L)'
;GPGGDLHMDALLTKFNEDRSLQDENLSQPRTRVRIVDDNLYNKSNPFQLCYKKRDYGSQYYHIYQYRLKTFRERVLKECD
KRWDAGFTLNGQLVLKKDKVLDIQGNQPCWCVGSIYCEMKYKPNVLDEVINDTYGAPDLTKSYTDKEGGSDEIMLEDESG
RVLLVGDFIRSTPFITGVVVGILGMEAEAGTFQVLDICYPTPLPQNPFPAPIATCPTRGKIALVSGLNLNNTSPDRLLRL
EILREFLMGRINNKIDDISLIGRLLICGNSVDFDIKSVNKDELMISLTEFSKFLHNILPSISVDIMPGTNDPSDKSLPQQ
PFHKSLFDKSLESYFNGSNKEILNLVTNPYEFSYNGVDVLAVSGKNINDICKYVIPSNDNGESENKVEEGESNDFKDDIE
HRLDLMECTMKWQNIAPTAPDTLWCYPYTDKDPFVLDKWPHVYIVANQPYFGTRVVEIGGKNIKIISVPEFSSTGMIILL
DLETLEAETVKIDI
;
F
4 'polypeptide(L)'
;MDQKASYFINEKLFTEVKPVLFTDLIHHLKIGPSMAKKLMFDYYKQTTNAKYNCVVICCYKDQTIKIIHDLSNIPQQDSI
IDCFIYAFNPMDSFIPYYDIIDQKDCLTIKNSYELKVSESSKIIERTKTLEEKSKPLVRPTARSKTTPEETTGRKSKSKD
MGLRSTALLAKMKKDRDDKETSRQNELRKRKEENLQKINKQNPEREAQMKELNNLFVEDDLDTEEVNGGSKPNSPKETDS
NDKDKNNDDLEDLLETTAEDSLMDVPKIQQTKPSETEHSKEPKSEEEPSSFIDEDGYIVTKRPATSTPPRKPSPVVKRAL
SSSKKQETPSSNKRLKKQGTLESFFKRKAK
;
G
5 'polypeptide(L)'
;MGEHGGLVDLLDSDLEYSINRETPDKNNCLSQQSVNDSHLTAKTGGLNARSFLSTLSDDSLIEYVNQLSQTNKNNSNPTA
GTLRFTTKNISCDELHADLGGGEDSPIARSVIEIQESDSNGDDVKKNTVYTREAYFHEKAHGQTLQDQILKDQYKDQISS
QSSKIFKNCVIYINGYTKPGRLQLHEMIVLHGGKFLHYLSSKKTVTHIVASNLPLKKRIEFANYKVVSPDWIVDSVKEAR
LLPWQNYSLTSKLDEQQKKLDNCKTVNSIPLPSETSLHKGSKCVGSALLPVEQQSPVNLNNLEAKRIVACDDPDFLTSYF
AHSRLHHLSAWKANLKDKFLNENIHKYTKITDKDTYIIFHIDFDCFFATVAYLCRSSSFSACDFKRDPIVVCHGTKNSDI
ASCNYVARSYGIKNGMWVSQAEKMLPNGIKLISLPYTFEQFQLKSEAFYSTLKRLNIFNLILPISIDEAVCVRIIPDNIH
NTNTLNARLCEEIRQEIFQGTNGCTVSIGCSDSLVLARLALKMAKPNGYNITFKSNLSEEFWSSFKLDDLPGVGHSTLSR
LESTFDSPHSLNDLRKRYTLDALKASVGSKLGMKIHLALQGQDDEESLKILYDPKEVLQRKSLSIDINWGIRFKNITQVD
LFIERGCQYLLEKLNEINKTTSQITLKLMRRCKDAPIEPPKYMGMGRCDSFSRSSRLGIPTNEFGIIATEMKSLYRTLGC
PPMELRGLALQFNKLVDVGPDNNQLKLRLPFKTIVTNRAFEALPEDVKNDINNEFEKRNYKRKESGLTSNSLSSKKKGFA
ISRLEVNDLPSTMEEQFMNELPTQIRAEVRHDLRIQKKIQQTKLGNLQEKIKRREESLQNEKNHFMGQNSIFQPIKFQNL
TRFKKICQLVKQWVAETLGDGGPHEKDVKLFVKYLIKLCDSNRVHLVLHLSNLISRELNLCAFLNQDHSGFQTWERILLN
DIIPLLNRNKHTYQTVRKLDMDFEV
;
B
6 'polydeoxyribonucleotide' (DC)(DC)(DC)(DT)(DC)(DC)(DC)(DC)(DT)(DA)(DC) P
7 'polydeoxyribonucleotide' (DT)(DA)(DA)(DT)(DG)(DG)(DT)(DA)(DG)(DG)(DG)(DG)(DA)(DG)(DG)(DG)(DA)(DA)(DT) T
#
# COMPACT_ATOMS: atom_id res chain seq x y z
N SER A 54 44.20 -5.18 32.90
CA SER A 54 45.53 -4.71 32.54
C SER A 54 46.27 -4.15 33.75
N ASP A 55 47.49 -3.67 33.53
CA ASP A 55 48.32 -3.13 34.59
C ASP A 55 48.34 -1.60 34.60
N TYR A 56 47.35 -0.97 33.95
CA TYR A 56 47.30 0.48 33.83
C TYR A 56 45.96 1.00 34.35
N PHE A 57 46.02 2.12 35.07
CA PHE A 57 44.82 2.83 35.47
C PHE A 57 44.18 3.45 34.22
N ARG A 58 43.11 2.85 33.73
CA ARG A 58 42.52 3.23 32.45
C ARG A 58 41.35 4.17 32.68
N ILE A 59 41.36 5.31 31.99
CA ILE A 59 40.29 6.29 32.05
C ILE A 59 39.92 6.67 30.62
N GLN A 60 38.66 6.49 30.27
CA GLN A 60 38.20 6.83 28.93
C GLN A 60 38.07 8.34 28.80
N LEU A 61 38.44 8.87 27.63
CA LEU A 61 38.39 10.31 27.39
C LEU A 61 37.02 10.65 26.84
N ASN A 62 36.07 10.93 27.75
CA ASN A 62 34.72 11.27 27.35
C ASN A 62 34.60 12.76 27.02
N ASN A 63 34.90 13.62 28.00
CA ASN A 63 34.86 15.07 27.82
C ASN A 63 36.14 15.68 28.38
N GLN A 64 36.62 16.74 27.74
CA GLN A 64 37.85 17.39 28.13
C GLN A 64 37.69 18.90 28.09
N ASP A 65 38.27 19.56 29.08
CA ASP A 65 38.23 21.02 29.19
C ASP A 65 39.47 21.49 29.94
N TYR A 66 39.74 22.78 29.86
CA TYR A 66 40.91 23.36 30.52
C TYR A 66 40.52 24.58 31.33
N TYR A 67 41.38 24.93 32.29
CA TYR A 67 41.19 26.09 33.13
C TYR A 67 42.55 26.61 33.58
N MET A 68 42.57 27.86 34.01
CA MET A 68 43.80 28.52 34.47
C MET A 68 43.82 28.55 36.00
N SER A 69 44.98 28.23 36.57
CA SER A 69 45.11 28.17 38.02
C SER A 69 46.51 28.61 38.43
N LYS A 70 46.64 29.00 39.69
CA LYS A 70 47.95 29.36 40.22
C LYS A 70 48.82 28.11 40.32
N PRO A 71 50.12 28.24 40.09
CA PRO A 71 51.00 27.06 40.08
C PRO A 71 51.17 26.47 41.47
N THR A 72 51.35 25.15 41.49
CA THR A 72 51.66 24.42 42.72
C THR A 72 52.92 23.60 42.49
N PHE A 73 53.25 22.70 43.42
CA PHE A 73 54.41 21.84 43.22
C PHE A 73 54.15 20.72 42.24
N LEU A 74 52.89 20.53 41.82
CA LEU A 74 52.56 19.57 40.78
C LEU A 74 52.67 20.16 39.37
N ASP A 75 52.77 21.47 39.26
CA ASP A 75 52.85 22.16 37.99
C ASP A 75 54.19 22.90 37.85
N PRO A 76 54.65 23.14 36.62
CA PRO A 76 55.92 23.87 36.45
C PRO A 76 55.78 25.32 36.90
N SER A 77 56.91 25.89 37.32
CA SER A 77 56.95 27.26 37.81
C SER A 77 58.07 28.10 37.21
N HIS A 78 58.94 27.51 36.40
CA HIS A 78 60.05 28.23 35.79
C HIS A 78 60.17 27.85 34.33
N GLY A 79 60.85 28.71 33.56
CA GLY A 79 61.08 28.48 32.15
C GLY A 79 62.55 28.42 31.84
N GLU A 80 62.89 27.71 30.76
CA GLU A 80 64.29 27.57 30.37
C GLU A 80 64.87 28.91 29.91
N SER A 81 64.10 29.69 29.15
CA SER A 81 64.63 30.96 28.63
C SER A 81 64.86 31.97 29.73
N LEU A 82 63.92 32.08 30.68
CA LEU A 82 64.00 33.05 31.78
C LEU A 82 63.85 32.28 33.08
N PRO A 83 64.92 31.62 33.55
CA PRO A 83 64.80 30.80 34.76
C PRO A 83 64.54 31.59 36.02
N LEU A 84 64.79 32.90 36.02
CA LEU A 84 64.61 33.71 37.22
C LEU A 84 63.23 34.33 37.34
N ASN A 85 62.35 34.09 36.37
CA ASN A 85 61.00 34.63 36.38
C ASN A 85 60.00 33.51 36.58
N GLN A 86 59.15 33.64 37.60
CA GLN A 86 58.17 32.63 37.92
C GLN A 86 56.93 32.80 37.04
N PHE A 87 56.05 31.80 37.08
CA PHE A 87 54.80 31.83 36.32
C PHE A 87 53.69 32.39 37.20
N SER A 88 52.97 33.38 36.68
CA SER A 88 51.82 33.91 37.41
C SER A 88 50.71 32.86 37.52
N GLN A 89 50.45 32.15 36.43
CA GLN A 89 49.46 31.07 36.44
C GLN A 89 49.82 30.06 35.36
N VAL A 90 49.31 28.85 35.52
CA VAL A 90 49.59 27.77 34.57
C VAL A 90 48.27 27.15 34.12
N PRO A 91 48.18 26.64 32.89
CA PRO A 91 46.95 25.98 32.46
C PRO A 91 46.89 24.53 32.90
N ASN A 92 45.69 24.09 33.26
CA ASN A 92 45.43 22.70 33.61
C ASN A 92 44.30 22.19 32.74
N ILE A 93 44.28 20.87 32.52
CA ILE A 93 43.28 20.22 31.69
C ILE A 93 42.44 19.31 32.58
N ARG A 94 41.12 19.48 32.49
CA ARG A 94 40.18 18.64 33.22
C ARG A 94 39.63 17.59 32.26
N VAL A 95 39.83 16.32 32.58
CA VAL A 95 39.37 15.20 31.77
C VAL A 95 38.28 14.49 32.55
N PHE A 96 37.07 14.48 32.01
CA PHE A 96 35.94 13.77 32.60
C PHE A 96 35.82 12.42 31.90
N GLY A 97 36.00 11.34 32.66
CA GLY A 97 35.97 10.02 32.09
C GLY A 97 35.43 9.00 33.08
N ALA A 98 35.39 7.75 32.63
CA ALA A 98 34.85 6.65 33.41
C ALA A 98 35.87 5.52 33.47
N LEU A 99 35.99 4.91 34.65
CA LEU A 99 36.82 3.74 34.82
C LEU A 99 36.18 2.55 34.10
N PRO A 100 36.97 1.51 33.79
CA PRO A 100 36.38 0.31 33.17
C PRO A 100 35.31 -0.34 34.03
N THR A 101 35.33 -0.14 35.34
CA THR A 101 34.26 -0.62 36.21
C THR A 101 32.99 0.18 36.07
N GLY A 102 33.02 1.32 35.38
CA GLY A 102 31.85 2.14 35.16
C GLY A 102 31.77 3.40 36.01
N HIS A 103 32.58 3.49 37.06
CA HIS A 103 32.54 4.68 37.91
C HIS A 103 33.18 5.86 37.21
N GLN A 104 32.57 7.03 37.37
CA GLN A 104 33.09 8.25 36.77
C GLN A 104 34.29 8.77 37.57
N VAL A 105 35.20 9.44 36.88
CA VAL A 105 36.43 9.96 37.47
C VAL A 105 36.75 11.31 36.85
N LEU A 106 37.30 12.21 37.67
CA LEU A 106 37.79 13.50 37.19
C LEU A 106 39.31 13.50 37.27
N CYS A 107 39.96 13.86 36.17
CA CYS A 107 41.41 13.84 36.05
C CYS A 107 41.92 15.26 35.82
N HIS A 108 42.91 15.66 36.62
CA HIS A 108 43.57 16.94 36.44
C HIS A 108 44.93 16.69 35.82
N VAL A 109 45.19 17.32 34.68
CA VAL A 109 46.45 17.16 33.96
C VAL A 109 47.27 18.44 34.15
N HIS A 110 48.48 18.28 34.66
CA HIS A 110 49.39 19.40 34.90
C HIS A 110 50.56 19.34 33.94
N GLY A 111 51.16 20.49 33.68
CA GLY A 111 52.39 20.56 32.92
C GLY A 111 52.24 20.59 31.41
N ILE A 112 51.05 20.83 30.89
CA ILE A 112 50.82 20.91 29.46
C ILE A 112 50.62 22.37 29.09
N LEU A 113 51.45 22.87 28.17
CA LEU A 113 51.37 24.26 27.76
C LEU A 113 51.20 24.36 26.24
N PRO A 114 50.32 25.25 25.77
CA PRO A 114 50.20 25.45 24.32
C PRO A 114 51.45 26.09 23.75
N TYR A 115 51.70 25.82 22.47
CA TYR A 115 52.91 26.32 21.82
C TYR A 115 52.66 26.57 20.35
N MET A 116 53.56 27.34 19.75
CA MET A 116 53.54 27.62 18.32
C MET A 116 54.98 27.86 17.86
N PHE A 117 55.18 27.80 16.55
CA PHE A 117 56.52 27.86 15.97
C PHE A 117 56.65 29.09 15.08
N ILE A 118 57.84 29.69 15.09
CA ILE A 118 58.17 30.81 14.22
C ILE A 118 59.54 30.54 13.60
N LYS A 119 59.82 31.24 12.50
CA LYS A 119 61.11 31.11 11.84
C LYS A 119 62.23 31.57 12.75
N TYR A 120 63.37 30.88 12.67
CA TYR A 120 64.52 31.20 13.50
C TYR A 120 65.36 32.28 12.82
N ASP A 121 65.63 33.35 13.55
CA ASP A 121 66.36 34.50 13.01
C ASP A 121 67.87 34.35 13.10
N GLY A 122 68.37 33.31 13.76
CA GLY A 122 69.79 33.11 13.93
C GLY A 122 70.40 32.33 12.78
N GLN A 123 71.53 31.68 13.08
CA GLN A 123 72.27 30.90 12.10
C GLN A 123 72.50 29.50 12.65
N ILE A 124 72.69 28.55 11.75
CA ILE A 124 72.86 27.14 12.10
C ILE A 124 74.26 26.91 12.65
N THR A 125 75.09 27.95 12.67
CA THR A 125 76.46 27.87 13.14
C THR A 125 76.61 28.36 14.58
N ASP A 126 75.51 28.53 15.31
CA ASP A 126 75.57 29.04 16.66
C ASP A 126 76.27 28.04 17.59
N THR A 127 76.87 28.56 18.66
CA THR A 127 77.69 27.78 19.56
C THR A 127 76.92 27.30 20.79
N SER A 128 75.60 27.16 20.68
CA SER A 128 74.69 26.69 21.72
C SER A 128 74.62 27.62 22.92
N THR A 129 75.36 28.74 22.92
CA THR A 129 75.26 29.76 23.95
C THR A 129 74.66 31.05 23.42
N LEU A 130 74.98 31.41 22.18
CA LEU A 130 74.28 32.52 21.53
C LEU A 130 72.81 32.18 21.29
N ARG A 131 72.50 30.90 21.11
CA ARG A 131 71.11 30.48 20.98
C ARG A 131 70.31 30.79 22.23
N HIS A 132 70.88 30.53 23.41
CA HIS A 132 70.20 30.85 24.65
C HIS A 132 70.01 32.35 24.80
N GLN A 133 71.02 33.14 24.45
CA GLN A 133 70.88 34.59 24.55
C GLN A 133 69.80 35.12 23.62
N ARG A 134 69.76 34.61 22.39
CA ARG A 134 68.72 35.03 21.44
C ARG A 134 67.34 34.61 21.93
N CYS A 135 67.22 33.40 22.48
CA CYS A 135 65.94 32.95 23.01
C CYS A 135 65.49 33.83 24.17
N ALA A 136 66.40 34.18 25.07
CA ALA A 136 66.05 35.05 26.19
C ALA A 136 65.64 36.43 25.70
N GLN A 137 66.37 36.98 24.72
CA GLN A 137 66.03 38.30 24.21
C GLN A 137 64.66 38.30 23.54
N VAL A 138 64.38 37.30 22.71
CA VAL A 138 63.09 37.24 22.05
C VAL A 138 61.97 36.99 23.06
N HIS A 139 62.24 36.21 24.11
CA HIS A 139 61.25 36.00 25.16
C HIS A 139 60.91 37.31 25.86
N LYS A 140 61.94 38.08 26.23
CA LYS A 140 61.71 39.35 26.90
C LYS A 140 60.95 40.32 26.00
N THR A 141 61.35 40.42 24.73
CA THR A 141 60.68 41.33 23.81
C THR A 141 59.22 40.92 23.60
N LEU A 142 58.96 39.63 23.45
CA LEU A 142 57.60 39.14 23.27
C LEU A 142 56.75 39.45 24.49
N GLU A 143 57.26 39.16 25.69
CA GLU A 143 56.49 39.40 26.90
C GLU A 143 56.18 40.89 27.06
N VAL A 144 57.17 41.74 26.82
CA VAL A 144 56.95 43.18 26.95
C VAL A 144 55.92 43.66 25.94
N LYS A 145 56.01 43.18 24.70
CA LYS A 145 55.08 43.63 23.67
C LYS A 145 53.66 43.19 23.96
N ILE A 146 53.46 41.95 24.42
CA ILE A 146 52.11 41.51 24.74
C ILE A 146 51.56 42.25 25.97
N ARG A 147 52.41 42.51 26.96
CA ARG A 147 51.94 43.29 28.12
C ARG A 147 51.54 44.70 27.70
N ALA A 148 52.28 45.30 26.78
CA ALA A 148 51.89 46.61 26.27
C ALA A 148 50.59 46.55 25.47
N SER A 149 50.45 45.52 24.63
CA SER A 149 49.27 45.42 23.77
C SER A 149 48.00 45.18 24.58
N PHE A 150 48.07 44.28 25.57
CA PHE A 150 46.89 43.99 26.37
C PHE A 150 46.43 45.20 27.17
N LYS A 151 47.39 45.95 27.73
CA LYS A 151 47.11 47.16 28.50
C LYS A 151 46.12 46.92 29.64
N LYS A 164 62.20 45.97 32.76
CA LYS A 164 62.41 44.57 33.10
C LYS A 164 61.22 44.00 33.86
N LEU A 165 61.19 44.25 35.17
CA LEU A 165 60.14 43.75 36.07
C LEU A 165 60.11 42.23 35.94
N GLY A 166 59.02 41.63 35.48
CA GLY A 166 59.01 40.20 35.26
C GLY A 166 58.04 39.42 36.11
N ASN A 167 56.94 38.97 35.49
CA ASN A 167 55.99 38.08 36.13
C ASN A 167 55.56 36.91 35.25
N LEU A 168 55.81 36.97 33.94
CA LEU A 168 55.51 35.89 33.01
C LEU A 168 54.03 35.50 33.08
N ASN A 169 53.19 36.44 32.63
CA ASN A 169 51.75 36.22 32.60
C ASN A 169 51.25 35.68 31.27
N PHE A 170 52.01 35.87 30.19
CA PHE A 170 51.56 35.46 28.86
C PHE A 170 52.47 34.42 28.22
N VAL A 171 53.78 34.62 28.24
CA VAL A 171 54.74 33.75 27.56
C VAL A 171 55.54 33.00 28.61
N ALA A 172 55.67 31.68 28.42
CA ALA A 172 56.34 30.83 29.39
C ALA A 172 57.80 30.60 29.02
N ASP A 173 58.08 30.17 27.78
CA ASP A 173 59.45 29.85 27.39
C ASP A 173 59.55 29.88 25.88
N VAL A 174 60.74 30.26 25.40
CA VAL A 174 61.07 30.22 23.98
C VAL A 174 62.29 29.33 23.80
N SER A 175 62.18 28.36 22.89
CA SER A 175 63.25 27.40 22.64
C SER A 175 63.44 27.23 21.15
N VAL A 176 64.60 26.71 20.78
CA VAL A 176 64.98 26.52 19.37
C VAL A 176 64.91 25.03 19.08
N VAL A 177 64.14 24.66 18.06
CA VAL A 177 63.99 23.27 17.63
C VAL A 177 64.21 23.21 16.12
N LYS A 178 64.47 22.00 15.65
CA LYS A 178 64.62 21.73 14.23
C LYS A 178 63.35 21.10 13.69
N GLY A 179 63.12 21.28 12.39
CA GLY A 179 61.91 20.73 11.78
C GLY A 179 61.93 20.88 10.28
N ILE A 180 61.00 20.16 9.65
CA ILE A 180 60.82 20.17 8.20
C ILE A 180 59.46 20.77 7.91
N PRO A 181 59.38 21.92 7.24
CA PRO A 181 58.07 22.52 6.95
C PRO A 181 57.24 21.66 6.01
N PHE A 182 55.93 21.74 6.18
CA PHE A 182 54.98 20.91 5.44
C PHE A 182 54.45 21.61 4.19
N TYR A 183 54.20 22.91 4.26
CA TYR A 183 53.64 23.68 3.15
C TYR A 183 54.74 23.91 2.12
N GLY A 184 54.84 23.01 1.15
CA GLY A 184 55.87 23.07 0.13
C GLY A 184 56.86 21.93 0.27
N TYR A 185 57.70 21.80 -0.76
CA TYR A 185 58.72 20.75 -0.79
C TYR A 185 60.02 21.31 -0.21
N HIS A 186 60.34 20.89 1.01
CA HIS A 186 61.59 21.23 1.66
C HIS A 186 62.24 19.94 2.16
N VAL A 187 63.56 19.85 2.00
CA VAL A 187 64.31 18.64 2.31
C VAL A 187 65.20 18.84 3.52
N GLY A 188 65.86 19.99 3.63
CA GLY A 188 66.80 20.20 4.71
C GLY A 188 66.12 20.44 6.04
N TRP A 189 66.90 20.28 7.11
CA TRP A 189 66.46 20.68 8.43
C TRP A 189 66.28 22.19 8.48
N ASN A 190 65.25 22.63 9.21
CA ASN A 190 65.00 24.05 9.41
C ASN A 190 64.86 24.32 10.89
N LEU A 191 65.44 25.44 11.34
CA LEU A 191 65.38 25.82 12.74
C LEU A 191 64.16 26.71 13.01
N PHE A 192 63.53 26.49 14.16
CA PHE A 192 62.31 27.21 14.51
C PHE A 192 62.40 27.66 15.96
N TYR A 193 61.63 28.70 16.27
CA TYR A 193 61.43 29.14 17.64
C TYR A 193 60.19 28.48 18.21
N LYS A 194 60.34 27.83 19.37
CA LYS A 194 59.22 27.17 20.04
C LYS A 194 58.75 28.05 21.18
N ILE A 195 57.74 28.86 20.93
CA ILE A 195 57.19 29.77 21.93
C ILE A 195 56.07 29.07 22.67
N SER A 196 56.27 28.85 23.97
CA SER A 196 55.28 28.20 24.82
C SER A 196 54.52 29.27 25.59
N LEU A 197 53.19 29.27 25.44
CA LEU A 197 52.34 30.25 26.09
C LEU A 197 51.71 29.66 27.34
N LEU A 198 51.28 30.55 28.23
CA LEU A 198 50.66 30.13 29.49
C LEU A 198 49.14 30.14 29.44
N ASN A 199 48.53 30.97 28.61
CA ASN A 199 47.08 31.01 28.49
C ASN A 199 46.66 30.53 27.11
N PRO A 200 45.99 29.37 27.01
CA PRO A 200 45.57 28.89 25.68
C PRO A 200 44.57 29.80 24.99
N SER A 201 43.86 30.65 25.73
CA SER A 201 42.84 31.50 25.12
C SER A 201 43.44 32.64 24.31
N CYS A 202 44.67 33.04 24.60
CA CYS A 202 45.28 34.18 23.94
C CYS A 202 46.12 33.79 22.73
N LEU A 203 46.20 32.49 22.40
CA LEU A 203 47.10 32.04 21.33
C LEU A 203 46.78 32.71 20.00
N SER A 204 45.49 32.81 19.67
CA SER A 204 45.11 33.47 18.42
C SER A 204 45.52 34.93 18.43
N ARG A 205 45.36 35.61 19.56
CA ARG A 205 45.75 37.02 19.65
C ARG A 205 47.26 37.19 19.48
N ILE A 206 48.05 36.32 20.10
CA ILE A 206 49.50 36.40 19.95
C ILE A 206 49.89 36.15 18.50
N SER A 207 49.28 35.14 17.87
CA SER A 207 49.59 34.84 16.48
C SER A 207 49.24 36.02 15.58
N GLU A 208 48.09 36.64 15.80
CA GLU A 208 47.72 37.81 14.99
C GLU A 208 48.69 38.95 15.20
N LEU A 209 49.08 39.22 16.46
CA LEU A 209 49.99 40.32 16.73
C LEU A 209 51.35 40.09 16.08
N ILE A 210 51.84 38.85 16.11
CA ILE A 210 53.12 38.55 15.47
C ILE A 210 53.01 38.64 13.96
N ARG A 211 51.88 38.18 13.40
CA ARG A 211 51.74 38.13 11.94
C ARG A 211 51.77 39.53 11.32
N ASP A 212 51.08 40.49 11.92
CA ASP A 212 51.04 41.84 11.36
C ASP A 212 52.25 42.68 11.75
N GLY A 213 53.24 42.09 12.42
CA GLY A 213 54.43 42.82 12.80
C GLY A 213 54.20 43.91 13.82
N LYS A 214 53.30 43.67 14.77
CA LYS A 214 53.05 44.59 15.87
C LYS A 214 54.00 44.35 17.04
N ILE A 215 54.89 43.37 16.94
CA ILE A 215 55.81 43.01 18.02
C ILE A 215 57.26 43.14 17.58
N PHE A 216 57.62 42.50 16.47
CA PHE A 216 58.96 42.58 15.92
C PHE A 216 59.00 43.64 14.83
N GLY A 217 60.18 43.82 14.24
CA GLY A 217 60.31 44.80 13.17
C GLY A 217 59.52 44.44 11.93
N LYS A 218 59.58 43.18 11.53
CA LYS A 218 58.96 42.70 10.30
C LYS A 218 57.79 41.79 10.62
N LYS A 219 57.13 41.33 9.56
CA LYS A 219 55.99 40.43 9.67
C LYS A 219 56.49 38.98 9.60
N PHE A 220 56.25 38.23 10.67
CA PHE A 220 56.68 36.84 10.74
C PHE A 220 55.58 35.90 10.28
N GLU A 221 55.99 34.71 9.85
CA GLU A 221 55.07 33.63 9.50
C GLU A 221 54.97 32.68 10.67
N ILE A 222 53.74 32.35 11.05
CA ILE A 222 53.44 31.60 12.26
C ILE A 222 53.03 30.18 11.89
N TYR A 223 53.58 29.20 12.59
CA TYR A 223 53.34 27.79 12.32
C TYR A 223 52.67 27.14 13.52
N GLU A 224 51.76 26.22 13.24
CA GLU A 224 51.04 25.45 14.26
C GLU A 224 50.28 26.37 15.22
N SER A 225 49.32 27.09 14.66
CA SER A 225 48.40 27.91 15.44
C SER A 225 46.93 27.63 15.14
N HIS A 226 46.60 27.06 13.98
CA HIS A 226 45.24 26.64 13.70
C HIS A 226 44.85 25.37 14.43
N ILE A 227 45.82 24.69 15.04
CA ILE A 227 45.54 23.49 15.85
C ILE A 227 45.11 23.94 17.24
N PRO A 228 43.92 23.52 17.70
CA PRO A 228 43.48 23.91 19.03
C PRO A 228 44.34 23.29 20.13
N TYR A 229 44.26 23.88 21.32
CA TYR A 229 45.09 23.44 22.43
C TYR A 229 44.80 21.99 22.81
N LEU A 230 43.52 21.64 22.93
CA LEU A 230 43.16 20.28 23.34
C LEU A 230 43.50 19.28 22.24
N LEU A 231 43.22 19.63 20.98
CA LEU A 231 43.60 18.76 19.87
C LEU A 231 45.10 18.56 19.81
N GLN A 232 45.87 19.64 20.00
CA GLN A 232 47.32 19.54 19.96
C GLN A 232 47.84 18.67 21.10
N TRP A 233 47.27 18.81 22.29
CA TRP A 233 47.69 17.97 23.41
C TRP A 233 47.38 16.50 23.15
N THR A 234 46.19 16.20 22.62
CA THR A 234 45.85 14.82 22.33
C THR A 234 46.76 14.23 21.24
N ALA A 235 47.05 15.03 20.21
CA ALA A 235 47.94 14.55 19.15
C ALA A 235 49.35 14.32 19.69
N ASP A 236 49.83 15.20 20.57
CA ASP A 236 51.16 15.04 21.13
C ASP A 236 51.25 13.82 22.02
N PHE A 237 50.20 13.53 22.79
CA PHE A 237 50.23 12.45 23.77
C PHE A 237 49.50 11.20 23.31
N ASN A 238 49.21 11.09 22.01
CA ASN A 238 48.63 9.88 21.43
C ASN A 238 47.31 9.52 22.09
N LEU A 239 46.44 10.52 22.26
CA LEU A 239 45.14 10.35 22.88
C LEU A 239 44.04 10.48 21.82
N PHE A 240 43.05 9.59 21.89
CA PHE A 240 41.92 9.61 20.99
C PHE A 240 40.64 9.82 21.78
N GLY A 241 39.67 10.47 21.15
CA GLY A 241 38.39 10.70 21.80
C GLY A 241 37.66 9.39 22.06
N CYS A 242 37.04 9.30 23.24
CA CYS A 242 36.29 8.12 23.67
C CYS A 242 37.18 6.87 23.65
N SER A 243 38.43 7.04 24.07
CA SER A 243 39.39 5.94 24.15
C SER A 243 40.13 6.00 25.48
N TRP A 244 40.73 4.88 25.84
CA TRP A 244 41.38 4.76 27.14
C TRP A 244 42.61 5.66 27.23
N ILE A 245 42.82 6.22 28.42
CA ILE A 245 44.04 6.94 28.76
C ILE A 245 44.77 6.09 29.79
N ASN A 246 45.92 5.54 29.41
CA ASN A 246 46.66 4.63 30.25
C ASN A 246 47.70 5.41 31.05
N VAL A 247 47.64 5.30 32.38
CA VAL A 247 48.59 5.97 33.25
C VAL A 247 49.20 4.94 34.20
N ASP A 248 50.51 5.02 34.40
CA ASP A 248 51.18 4.09 35.29
C ASP A 248 50.87 4.39 36.75
N ARG A 249 50.83 5.68 37.12
CA ARG A 249 50.54 6.08 38.49
C ARG A 249 49.83 7.43 38.45
N CYS A 250 49.19 7.76 39.57
CA CYS A 250 48.43 9.00 39.67
C CYS A 250 48.34 9.43 41.11
N TYR A 251 47.98 10.70 41.31
CA TYR A 251 47.79 11.28 42.62
C TYR A 251 46.30 11.40 42.91
N PHE A 252 45.88 11.02 44.11
CA PHE A 252 44.48 11.02 44.48
C PHE A 252 44.15 12.21 45.36
N ARG A 253 42.91 12.68 45.24
CA ARG A 253 42.41 13.75 46.09
C ARG A 253 42.24 13.23 47.52
N SER A 254 42.06 14.16 48.46
CA SER A 254 42.04 13.77 49.88
C SER A 254 40.87 12.84 50.21
N PRO A 255 39.61 13.13 49.83
CA PRO A 255 38.56 12.12 49.94
C PRO A 255 38.59 11.19 48.74
N VAL A 256 39.04 9.96 48.97
CA VAL A 256 39.24 9.03 47.86
C VAL A 256 37.91 8.71 47.19
N LEU A 257 36.86 8.52 47.97
CA LEU A 257 35.52 8.23 47.46
C LEU A 257 34.59 9.33 47.94
N ASN A 258 34.10 10.15 47.01
CA ASN A 258 33.22 11.25 47.36
C ASN A 258 31.88 10.74 47.88
N SER A 259 31.31 11.49 48.82
CA SER A 259 29.98 11.22 49.35
C SER A 259 29.13 12.46 49.14
N ILE A 260 28.59 12.60 47.93
CA ILE A 260 27.69 13.72 47.65
C ILE A 260 26.39 13.55 48.41
N LEU A 261 25.71 12.42 48.19
CA LEU A 261 24.58 12.03 49.03
C LEU A 261 24.90 10.71 49.74
N ASP A 262 24.96 9.60 49.00
CA ASP A 262 25.48 8.33 49.51
C ASP A 262 26.33 7.67 48.45
N ILE A 263 26.99 8.46 47.61
CA ILE A 263 27.65 7.95 46.41
C ILE A 263 28.75 6.96 46.78
N ASP A 264 29.49 7.23 47.85
CA ASP A 264 30.53 6.31 48.29
C ASP A 264 29.94 4.97 48.71
N LYS A 265 28.83 4.99 49.45
CA LYS A 265 28.24 3.75 49.94
C LYS A 265 27.53 2.99 48.83
N LEU A 266 26.78 3.69 47.98
CA LEU A 266 25.96 3.01 46.98
C LEU A 266 26.81 2.42 45.87
N THR A 267 27.82 3.16 45.40
CA THR A 267 28.59 2.77 44.23
C THR A 267 29.81 1.94 44.56
N ILE A 268 30.05 1.60 45.83
CA ILE A 268 31.21 0.79 46.18
C ILE A 268 31.08 -0.58 45.54
N ASN A 269 32.23 -1.13 45.13
CA ASN A 269 32.25 -2.37 44.38
C ASN A 269 33.55 -3.10 44.65
N ASP A 270 33.54 -4.41 44.40
CA ASP A 270 34.74 -5.21 44.60
C ASP A 270 35.84 -4.87 43.60
N ASP A 271 35.46 -4.69 42.33
CA ASP A 271 36.45 -4.31 41.32
C ASP A 271 37.02 -2.93 41.61
N LEU A 272 36.18 -1.98 42.04
CA LEU A 272 36.66 -0.67 42.43
C LEU A 272 37.61 -0.76 43.62
N GLN A 273 37.27 -1.61 44.60
CA GLN A 273 38.15 -1.78 45.75
C GLN A 273 39.50 -2.35 45.33
N LEU A 274 39.51 -3.32 44.42
CA LEU A 274 40.76 -3.87 43.92
C LEU A 274 41.58 -2.81 43.20
N LEU A 275 40.93 -2.00 42.36
CA LEU A 275 41.64 -0.95 41.65
C LEU A 275 42.24 0.08 42.62
N LEU A 276 41.46 0.48 43.63
CA LEU A 276 41.96 1.45 44.61
C LEU A 276 43.11 0.87 45.41
N ASP A 277 43.01 -0.40 45.81
CA ASP A 277 44.10 -1.02 46.56
C ASP A 277 45.36 -1.13 45.73
N ARG A 278 45.21 -1.39 44.43
CA ARG A 278 46.38 -1.53 43.56
C ARG A 278 47.02 -0.18 43.27
N PHE A 279 46.22 0.87 43.07
CA PHE A 279 46.74 2.14 42.57
C PHE A 279 46.73 3.27 43.58
N CYS A 280 46.24 3.05 44.80
CA CYS A 280 46.23 4.08 45.83
C CYS A 280 46.85 3.51 47.10
N ASP A 281 47.77 4.28 47.70
CA ASP A 281 48.52 3.81 48.87
C ASP A 281 48.15 4.55 50.15
N PHE A 282 47.41 5.65 50.07
CA PHE A 282 46.94 6.43 51.21
C PHE A 282 48.07 7.01 52.04
N LYS A 283 49.32 6.93 51.56
CA LYS A 283 50.44 7.52 52.28
C LYS A 283 51.23 8.44 51.36
N CYS A 284 51.21 8.15 50.07
CA CYS A 284 51.94 8.95 49.08
C CYS A 284 51.04 9.46 47.95
N ASN A 285 50.08 8.66 47.49
CA ASN A 285 49.25 9.07 46.37
C ASN A 285 48.25 10.15 46.77
N VAL A 286 47.69 10.05 47.98
CA VAL A 286 46.62 10.94 48.40
C VAL A 286 47.20 12.31 48.71
N LEU A 287 46.63 13.35 48.10
CA LEU A 287 47.10 14.71 48.25
C LEU A 287 46.47 15.37 49.48
N SER A 288 47.03 16.52 49.85
CA SER A 288 46.54 17.26 51.00
C SER A 288 45.18 17.86 50.71
N ARG A 289 44.31 17.87 51.73
CA ARG A 289 42.98 18.44 51.56
C ARG A 289 43.02 19.94 51.39
N ARG A 290 43.88 20.63 52.16
CA ARG A 290 43.94 22.09 52.08
C ARG A 290 44.61 22.55 50.79
N ASP A 291 45.70 21.89 50.40
CA ASP A 291 46.44 22.31 49.20
C ASP A 291 45.69 21.93 47.93
N PHE A 292 45.06 20.76 47.92
CA PHE A 292 44.35 20.26 46.74
C PHE A 292 42.94 19.85 47.13
N PRO A 293 42.04 20.81 47.34
CA PRO A 293 40.65 20.47 47.65
C PRO A 293 39.94 19.91 46.44
N ARG A 294 38.94 19.06 46.71
CA ARG A 294 38.13 18.48 45.64
C ARG A 294 37.30 19.57 44.97
N VAL A 295 37.10 19.42 43.67
CA VAL A 295 36.36 20.42 42.90
C VAL A 295 35.31 19.74 42.02
N GLY A 296 35.37 18.40 41.94
CA GLY A 296 34.53 17.66 41.04
C GLY A 296 33.34 17.00 41.73
N ASN A 297 32.23 16.93 40.99
CA ASN A 297 31.02 16.24 41.46
C ASN A 297 30.99 14.79 40.99
N GLY A 298 32.09 14.07 41.25
CA GLY A 298 32.20 12.68 40.85
C GLY A 298 32.74 11.84 41.99
N LEU A 299 32.77 10.53 41.77
CA LEU A 299 33.15 9.60 42.83
C LEU A 299 34.63 9.71 43.16
N ILE A 300 35.49 9.72 42.15
CA ILE A 300 36.94 9.70 42.33
C ILE A 300 37.56 10.83 41.52
N GLU A 301 38.48 11.57 42.14
CA GLU A 301 39.17 12.69 41.50
C GLU A 301 40.67 12.47 41.65
N ILE A 302 41.40 12.58 40.54
CA ILE A 302 42.83 12.29 40.52
C ILE A 302 43.58 13.40 39.80
N ASP A 303 44.87 13.50 40.11
CA ASP A 303 45.80 14.41 39.43
C ASP A 303 46.95 13.61 38.86
N ILE A 304 47.27 13.86 37.59
CA ILE A 304 48.34 13.14 36.91
C ILE A 304 49.34 14.14 36.35
N LEU A 305 50.43 13.60 35.83
CA LEU A 305 51.54 14.34 35.24
C LEU A 305 51.79 13.79 33.85
N PRO A 306 52.41 14.58 32.96
CA PRO A 306 52.60 14.10 31.59
C PRO A 306 53.45 12.84 31.49
N GLN A 307 54.38 12.65 32.42
CA GLN A 307 55.16 11.42 32.42
C GLN A 307 54.31 10.20 32.76
N PHE A 308 53.22 10.40 33.50
CA PHE A 308 52.39 9.27 33.90
C PHE A 308 51.65 8.66 32.72
N ILE A 309 51.28 9.47 31.73
CA ILE A 309 50.52 9.00 30.58
C ILE A 309 51.37 8.02 29.80
N LYS A 310 50.96 6.75 29.80
CA LYS A 310 51.65 5.71 29.06
C LYS A 310 51.13 5.53 27.65
N ASN A 311 50.11 6.30 27.26
CA ASN A 311 49.64 6.27 25.88
C ASN A 311 50.69 6.84 24.93
N ARG A 312 51.55 7.73 25.42
CA ARG A 312 52.72 8.15 24.68
C ARG A 312 53.75 7.03 24.70
N GLU A 313 54.92 7.29 24.12
CA GLU A 313 55.98 6.30 23.96
C GLU A 313 55.55 5.10 23.13
N LYS A 314 54.36 5.16 22.53
CA LYS A 314 53.88 4.15 21.61
C LYS A 314 53.76 4.67 20.19
N LEU A 315 54.02 5.96 19.98
CA LEU A 315 54.06 6.53 18.64
C LEU A 315 55.35 6.15 17.93
N GLN A 316 55.26 5.94 16.63
CA GLN A 316 56.41 5.62 15.79
C GLN A 316 56.88 6.89 15.10
N HIS A 317 58.11 7.32 15.39
CA HIS A 317 58.68 8.53 14.83
C HIS A 317 59.69 8.17 13.75
N ARG A 318 59.50 8.74 12.56
CA ARG A 318 60.37 8.48 11.41
C ARG A 318 61.05 9.78 11.01
N ASP A 319 62.38 9.75 10.95
CA ASP A 319 63.18 10.90 10.52
C ASP A 319 63.73 10.55 9.14
N ILE A 320 62.93 10.83 8.11
CA ILE A 320 63.27 10.45 6.74
C ILE A 320 63.24 11.68 5.84
N HIS A 321 62.70 12.77 6.34
CA HIS A 321 62.50 13.97 5.53
C HIS A 321 63.64 14.96 5.61
N HIS A 322 64.68 14.68 6.40
CA HIS A 322 65.81 15.60 6.51
C HIS A 322 66.82 15.42 5.39
N ASP A 323 66.67 14.39 4.55
CA ASP A 323 67.54 14.16 3.42
C ASP A 323 66.79 13.29 2.42
N PHE A 324 67.50 12.77 1.43
CA PHE A 324 66.90 11.87 0.44
C PHE A 324 67.04 10.41 0.86
N LEU A 325 66.59 10.10 2.08
CA LEU A 325 66.66 8.73 2.58
C LEU A 325 65.78 7.80 1.75
N GLU A 326 64.58 8.25 1.39
CA GLU A 326 63.68 7.41 0.61
C GLU A 326 64.25 7.10 -0.76
N LYS A 327 64.84 8.09 -1.42
CA LYS A 327 65.41 7.87 -2.75
C LYS A 327 66.62 6.95 -2.69
N LEU A 328 67.47 7.13 -1.67
CA LEU A 328 68.67 6.30 -1.54
C LEU A 328 68.36 4.90 -1.05
N GLY A 329 67.14 4.62 -0.62
CA GLY A 329 66.77 3.30 -0.15
C GLY A 329 67.11 3.00 1.29
N ASP A 330 67.59 3.98 2.04
CA ASP A 330 67.92 3.76 3.44
C ASP A 330 66.65 3.57 4.26
N ILE A 331 66.62 2.53 5.07
CA ILE A 331 65.48 2.19 5.92
C ILE A 331 64.19 2.09 5.10
N LYS A 337 51.93 0.77 6.10
CA LYS A 337 50.55 0.75 5.59
C LYS A 337 49.53 1.32 6.59
N PRO A 338 49.55 0.87 7.86
CA PRO A 338 48.60 1.46 8.83
C PRO A 338 49.16 2.69 9.53
N TYR A 339 49.23 3.80 8.78
CA TYR A 339 49.70 5.05 9.36
C TYR A 339 48.70 5.60 10.37
N VAL A 340 47.41 5.43 10.11
CA VAL A 340 46.38 5.79 11.08
C VAL A 340 46.23 4.66 12.07
N SER A 341 46.50 4.94 13.35
CA SER A 341 46.43 3.90 14.37
C SER A 341 45.00 3.48 14.67
N SER A 342 44.05 4.41 14.53
CA SER A 342 42.67 4.12 14.87
C SER A 342 41.95 3.24 13.84
N ALA A 343 42.47 3.16 12.61
CA ALA A 343 41.80 2.38 11.58
C ALA A 343 41.93 0.89 11.84
N ARG A 344 43.02 0.47 12.49
CA ARG A 344 43.21 -0.96 12.79
C ARG A 344 42.12 -1.47 13.72
N ASP A 345 41.72 -0.67 14.71
CA ASP A 345 40.66 -1.09 15.62
C ASP A 345 39.34 -1.28 14.88
N MET A 346 39.02 -0.34 13.98
CA MET A 346 37.78 -0.46 13.21
C MET A 346 37.81 -1.67 12.29
N ILE A 347 38.97 -1.93 11.66
CA ILE A 347 39.11 -3.09 10.79
C ILE A 347 38.94 -4.38 11.59
N ASN A 348 39.56 -4.44 12.77
CA ASN A 348 39.43 -5.63 13.61
C ASN A 348 37.98 -5.84 14.05
N GLU A 349 37.30 -4.76 14.43
CA GLU A 349 35.91 -4.87 14.83
C GLU A 349 35.05 -5.37 13.67
N LEU A 350 35.28 -4.85 12.47
CA LEU A 350 34.51 -5.31 11.31
C LEU A 350 34.80 -6.76 10.98
N THR A 351 36.06 -7.19 11.08
CA THR A 351 36.39 -8.59 10.81
C THR A 351 35.73 -9.52 11.82
N MET A 352 35.78 -9.15 13.10
CA MET A 352 35.13 -9.96 14.12
C MET A 352 33.62 -10.00 13.92
N GLN A 353 33.03 -8.87 13.54
CA GLN A 353 31.59 -8.79 13.36
C GLN A 353 31.14 -9.61 12.14
N ARG A 354 31.93 -9.60 11.07
CA ARG A 354 31.63 -10.42 9.91
C ARG A 354 32.01 -11.88 10.12
N GLU A 355 32.78 -12.20 11.16
CA GLU A 355 33.02 -13.60 11.49
C GLU A 355 31.81 -14.23 12.14
N GLU A 356 30.96 -13.42 12.80
CA GLU A 356 29.76 -13.94 13.44
C GLU A 356 28.72 -14.42 12.43
N LEU A 357 28.86 -14.04 11.17
CA LEU A 357 27.97 -14.49 10.10
C LEU A 357 28.56 -15.65 9.31
N SER A 358 29.62 -16.26 9.80
CA SER A 358 30.30 -17.38 9.12
C SER A 358 30.75 -16.99 7.71
N LEU A 359 31.23 -15.75 7.58
CA LEU A 359 31.72 -15.28 6.30
C LEU A 359 33.19 -15.67 6.12
N LYS A 360 33.63 -15.66 4.87
CA LYS A 360 35.01 -16.01 4.56
C LYS A 360 35.94 -14.85 4.89
N GLU A 361 37.24 -15.07 4.71
CA GLU A 361 38.22 -14.03 4.98
C GLU A 361 38.15 -12.94 3.92
N TYR A 362 38.72 -11.79 4.25
CA TYR A 362 38.67 -10.62 3.39
C TYR A 362 39.95 -10.50 2.58
N LYS A 363 39.81 -10.24 1.28
CA LYS A 363 40.94 -10.04 0.40
C LYS A 363 40.47 -9.26 -0.83
N GLU A 364 41.42 -8.68 -1.56
CA GLU A 364 41.12 -7.89 -2.74
C GLU A 364 42.13 -8.20 -3.85
N PRO A 365 41.67 -8.51 -5.06
CA PRO A 365 42.59 -8.85 -6.15
C PRO A 365 43.04 -7.62 -6.91
N PRO A 366 44.34 -7.34 -6.93
CA PRO A 366 44.85 -6.25 -7.76
C PRO A 366 44.96 -6.66 -9.22
N GLU A 367 45.03 -5.66 -10.09
CA GLU A 367 45.13 -5.88 -11.53
C GLU A 367 46.25 -5.03 -12.10
N THR A 368 46.86 -5.54 -13.16
CA THR A 368 47.93 -4.82 -13.85
C THR A 368 47.36 -3.70 -14.70
N LYS A 369 48.12 -2.61 -14.81
CA LYS A 369 47.69 -1.43 -15.54
C LYS A 369 48.76 -1.03 -16.55
N ARG A 370 48.31 -0.67 -17.75
CA ARG A 370 49.20 -0.35 -18.86
C ARG A 370 49.29 1.16 -19.11
N HIS A 371 49.20 1.97 -18.05
CA HIS A 371 49.31 3.41 -18.21
C HIS A 371 50.73 3.81 -18.59
N VAL A 372 50.85 4.84 -19.40
CA VAL A 372 52.15 5.32 -19.85
C VAL A 372 52.72 6.31 -18.84
N HIS A 375 50.75 9.29 -18.85
CA HIS A 375 49.52 10.05 -18.85
C HIS A 375 49.78 11.51 -19.23
N GLN A 376 50.19 11.74 -20.47
CA GLN A 376 50.41 13.09 -20.95
C GLN A 376 49.09 13.86 -21.03
N TRP A 377 49.12 15.11 -20.62
CA TRP A 377 47.94 15.96 -20.58
C TRP A 377 47.86 16.78 -21.87
N GLN A 378 46.89 17.71 -21.90
CA GLN A 378 46.67 18.51 -23.11
C GLN A 378 47.86 19.41 -23.41
N SER A 379 48.46 20.00 -22.38
CA SER A 379 49.56 20.94 -22.53
C SER A 379 50.85 20.38 -21.92
N SER A 380 51.11 19.09 -22.14
CA SER A 380 52.30 18.48 -21.57
C SER A 380 53.58 19.01 -22.21
N GLY A 381 53.56 19.26 -23.52
CA GLY A 381 54.75 19.76 -24.20
C GLY A 381 55.14 21.16 -23.75
N GLU A 382 54.16 22.04 -23.62
CA GLU A 382 54.43 23.39 -23.13
C GLU A 382 54.99 23.35 -21.72
N PHE A 383 54.43 22.49 -20.87
CA PHE A 383 54.92 22.36 -19.51
C PHE A 383 56.35 21.81 -19.48
N GLU A 384 56.66 20.86 -20.36
CA GLU A 384 58.02 20.35 -20.44
C GLU A 384 59.00 21.43 -20.88
N ALA A 385 58.61 22.24 -21.87
CA ALA A 385 59.48 23.32 -22.32
C ALA A 385 59.69 24.34 -21.20
N PHE A 386 58.62 24.69 -20.48
CA PHE A 386 58.75 25.64 -19.38
C PHE A 386 59.62 25.08 -18.27
N TYR A 387 59.51 23.78 -17.99
CA TYR A 387 60.35 23.17 -16.96
C TYR A 387 61.82 23.19 -17.39
N LYS A 388 62.09 22.94 -18.67
CA LYS A 388 63.46 23.02 -19.15
C LYS A 388 64.00 24.44 -19.01
N LYS A 389 63.19 25.44 -19.34
CA LYS A 389 63.62 26.83 -19.18
C LYS A 389 63.89 27.15 -17.72
N ALA A 390 63.02 26.70 -16.82
CA ALA A 390 63.21 26.96 -15.39
C ALA A 390 64.45 26.26 -14.86
N GLN A 391 64.71 25.04 -15.32
CA GLN A 391 65.93 24.34 -14.93
C GLN A 391 67.16 25.09 -15.40
N HIS A 392 67.12 25.63 -16.62
CA HIS A 392 68.23 26.45 -17.10
C HIS A 392 68.40 27.70 -16.25
N LYS A 393 67.30 28.34 -15.88
CA LYS A 393 67.37 29.58 -15.11
C LYS A 393 67.90 29.34 -13.70
N THR A 394 67.34 28.35 -13.00
CA THR A 394 67.73 28.05 -11.62
C THR A 394 68.73 26.90 -11.62
N SER A 395 69.98 27.24 -11.93
CA SER A 395 71.05 26.27 -11.91
C SER A 395 72.38 27.01 -11.79
N THR A 396 73.32 26.39 -11.10
CA THR A 396 74.65 26.97 -10.93
C THR A 396 75.38 27.01 -12.27
N PHE A 397 76.20 28.04 -12.45
CA PHE A 397 76.95 28.21 -13.68
C PHE A 397 78.00 27.12 -13.80
N ASP A 398 77.77 26.17 -14.70
CA ASP A 398 78.67 25.03 -14.94
C ASP A 398 78.78 24.26 -13.62
N GLY A 399 79.98 23.83 -13.23
CA GLY A 399 80.16 23.10 -12.00
C GLY A 399 79.74 21.65 -12.10
N GLN A 400 79.91 20.94 -10.99
CA GLN A 400 79.55 19.53 -10.92
C GLN A 400 78.04 19.37 -10.90
N ILE A 401 77.57 18.29 -11.53
CA ILE A 401 76.14 18.00 -11.54
C ILE A 401 75.69 17.59 -10.15
N PRO A 402 74.48 17.95 -9.71
CA PRO A 402 74.04 17.57 -8.36
C PRO A 402 73.85 16.08 -8.22
N ASN A 403 74.03 15.59 -6.99
CA ASN A 403 73.88 14.19 -6.67
C ASN A 403 72.97 14.04 -5.45
N PHE A 404 72.25 12.92 -5.40
CA PHE A 404 71.34 12.67 -4.29
C PHE A 404 72.08 12.39 -2.99
N GLU A 405 73.39 12.12 -3.06
CA GLU A 405 74.16 11.81 -1.86
C GLU A 405 74.84 13.02 -1.26
N ASN A 406 75.04 14.09 -2.03
CA ASN A 406 75.76 15.27 -1.55
C ASN A 406 74.98 16.57 -1.71
N PHE A 407 73.71 16.51 -2.16
CA PHE A 407 72.94 17.72 -2.33
C PHE A 407 72.70 18.43 -1.00
N ILE A 408 72.37 17.67 0.05
CA ILE A 408 72.18 18.24 1.37
C ILE A 408 73.54 18.37 2.05
N ASP A 409 73.82 19.56 2.57
CA ASP A 409 75.11 19.83 3.21
C ASP A 409 75.22 19.01 4.49
N LYS A 410 76.03 17.97 4.46
CA LYS A 410 76.24 17.12 5.62
C LYS A 410 77.19 17.82 6.61
N ASN A 411 77.32 17.21 7.80
CA ASN A 411 78.16 17.74 8.87
C ASN A 411 77.76 19.18 9.23
N GLN A 412 76.46 19.41 9.34
CA GLN A 412 75.93 20.72 9.69
C GLN A 412 75.75 20.92 11.19
N LYS A 413 76.15 19.94 12.00
CA LYS A 413 76.05 20.03 13.46
C LYS A 413 74.61 20.26 13.91
N PHE A 414 73.67 19.54 13.30
CA PHE A 414 72.26 19.65 13.66
C PHE A 414 71.87 18.74 14.81
N SER A 415 72.77 17.86 15.27
CA SER A 415 72.43 16.93 16.34
C SER A 415 72.25 17.60 17.68
N ALA A 416 72.80 18.81 17.86
CA ALA A 416 72.65 19.50 19.14
C ALA A 416 71.23 20.00 19.33
N ILE A 417 70.55 20.39 18.25
CA ILE A 417 69.18 20.88 18.37
C ILE A 417 68.23 19.73 18.64
N ASN A 418 67.01 20.06 19.06
CA ASN A 418 66.03 19.10 19.53
C ASN A 418 64.92 18.94 18.50
N THR A 419 64.60 17.69 18.19
CA THR A 419 63.43 17.39 17.36
C THR A 419 62.17 17.77 18.14
N PRO A 420 61.09 18.18 17.45
CA PRO A 420 59.91 18.66 18.19
C PRO A 420 59.34 17.66 19.18
N TYR A 421 59.36 16.36 18.87
CA TYR A 421 58.86 15.40 19.83
C TYR A 421 59.84 15.15 20.98
N GLU A 422 61.10 15.54 20.82
CA GLU A 422 62.04 15.50 21.93
C GLU A 422 62.03 16.75 22.77
N ALA A 423 61.48 17.85 22.25
CA ALA A 423 61.35 19.08 23.02
C ALA A 423 60.12 19.09 23.92
N LEU A 424 59.19 18.17 23.71
CA LEU A 424 58.02 18.09 24.59
C LEU A 424 58.37 17.75 26.03
N PRO A 425 59.20 16.74 26.33
CA PRO A 425 59.49 16.43 27.73
C PRO A 425 60.20 17.55 28.48
N GLN A 426 60.80 18.50 27.78
CA GLN A 426 61.39 19.64 28.46
C GLN A 426 60.29 20.48 29.12
N LEU A 427 60.68 21.14 30.21
CA LEU A 427 59.80 21.99 31.03
C LEU A 427 58.72 21.20 31.76
N TRP A 428 58.83 19.87 31.80
CA TRP A 428 57.86 19.09 32.55
C TRP A 428 58.13 19.23 34.05
N PRO A 429 57.10 19.04 34.89
CA PRO A 429 57.29 19.26 36.33
C PRO A 429 58.39 18.40 36.94
N ARG A 430 58.51 17.15 36.53
CA ARG A 430 59.53 16.22 37.03
C ARG A 430 59.47 16.13 38.56
N LEU A 431 58.32 15.70 39.05
CA LEU A 431 58.12 15.58 40.49
C LEU A 431 58.89 14.37 41.04
N PRO A 432 59.15 14.37 42.36
CA PRO A 432 59.87 13.30 43.06
C PRO A 432 59.14 11.96 42.99
N GLY A 547 9.53 -38.91 -39.38
CA GLY A 547 9.48 -37.75 -40.25
C GLY A 547 8.43 -37.87 -41.34
N LEU A 548 7.65 -36.80 -41.52
CA LEU A 548 6.60 -36.81 -42.52
C LEU A 548 7.21 -36.80 -43.92
N ARG A 549 6.63 -37.62 -44.81
CA ARG A 549 7.12 -37.70 -46.17
C ARG A 549 6.75 -36.46 -46.95
N TYR A 550 7.68 -36.00 -47.80
CA TYR A 550 7.43 -34.78 -48.56
C TYR A 550 6.35 -34.98 -49.61
N GLY A 551 6.36 -36.13 -50.29
CA GLY A 551 5.34 -36.42 -51.27
C GLY A 551 5.90 -37.30 -52.37
N LYS A 552 5.01 -37.67 -53.29
CA LYS A 552 5.40 -38.50 -54.42
C LYS A 552 6.38 -37.77 -55.34
N ARG A 553 6.12 -36.48 -55.60
CA ARG A 553 6.98 -35.65 -56.45
C ARG A 553 7.11 -34.29 -55.78
N ALA A 554 8.15 -34.12 -54.98
CA ALA A 554 8.33 -32.93 -54.16
C ALA A 554 9.64 -32.24 -54.52
N PHE A 555 9.58 -30.92 -54.63
CA PHE A 555 10.75 -30.09 -54.90
C PHE A 555 11.11 -29.30 -53.65
N VAL A 556 12.40 -29.05 -53.47
CA VAL A 556 12.93 -28.38 -52.29
C VAL A 556 13.53 -27.05 -52.70
N TYR A 557 13.15 -25.99 -51.98
CA TYR A 557 13.67 -24.65 -52.26
C TYR A 557 15.04 -24.46 -51.59
N GLY A 558 15.73 -23.40 -51.99
CA GLY A 558 17.02 -23.10 -51.43
C GLY A 558 16.95 -22.74 -49.96
N GLU A 559 18.07 -22.96 -49.27
CA GLU A 559 18.12 -22.71 -47.84
C GLU A 559 17.99 -21.21 -47.57
N PRO A 560 17.35 -20.84 -46.46
CA PRO A 560 17.24 -19.42 -46.13
C PRO A 560 18.60 -18.81 -45.87
N PRO A 561 18.77 -17.52 -46.17
CA PRO A 561 20.10 -16.91 -46.00
C PRO A 561 20.59 -16.91 -44.56
N PHE A 562 19.71 -16.81 -43.59
CA PHE A 562 20.08 -16.63 -42.18
C PHE A 562 19.73 -17.88 -41.38
N GLY A 563 20.20 -17.89 -40.14
CA GLY A 563 19.84 -18.92 -39.18
C GLY A 563 19.21 -18.29 -37.97
N TYR A 564 18.97 -19.09 -36.92
CA TYR A 564 18.34 -18.55 -35.73
C TYR A 564 19.25 -17.56 -35.00
N GLN A 565 20.56 -17.81 -35.02
CA GLN A 565 21.49 -16.96 -34.28
C GLN A 565 22.10 -15.85 -35.12
N ASP A 566 22.17 -16.04 -36.44
CA ASP A 566 22.80 -15.04 -37.31
C ASP A 566 21.84 -13.93 -37.73
N ILE A 567 20.54 -14.09 -37.51
CA ILE A 567 19.58 -13.11 -38.02
C ILE A 567 19.71 -11.79 -37.28
N LEU A 568 19.79 -11.84 -35.95
CA LEU A 568 19.90 -10.60 -35.17
C LEU A 568 21.24 -9.92 -35.40
N ASN A 569 22.32 -10.70 -35.48
CA ASN A 569 23.63 -10.12 -35.76
C ASN A 569 23.67 -9.46 -37.13
N LYS A 570 23.11 -10.13 -38.15
CA LYS A 570 23.09 -9.53 -39.47
C LYS A 570 22.18 -8.31 -39.53
N LEU A 571 21.09 -8.32 -38.76
CA LEU A 571 20.22 -7.16 -38.70
C LEU A 571 20.94 -5.97 -38.06
N GLU A 572 21.71 -6.22 -37.00
CA GLU A 572 22.52 -5.16 -36.42
C GLU A 572 23.58 -4.67 -37.39
N ASP A 573 24.18 -5.60 -38.15
CA ASP A 573 25.17 -5.21 -39.15
C ASP A 573 24.55 -4.37 -40.27
N GLU A 574 23.29 -4.60 -40.60
CA GLU A 574 22.62 -3.85 -41.65
C GLU A 574 22.23 -2.44 -41.24
N GLY A 575 22.32 -2.11 -39.95
CA GLY A 575 22.02 -0.77 -39.47
C GLY A 575 20.83 -0.68 -38.53
N PHE A 576 20.05 -1.74 -38.36
CA PHE A 576 18.93 -1.70 -37.43
C PHE A 576 19.34 -2.22 -36.06
N PRO A 577 18.72 -1.75 -34.99
CA PRO A 577 19.03 -2.29 -33.66
C PRO A 577 18.59 -3.75 -33.56
N LYS A 578 19.29 -4.50 -32.71
CA LYS A 578 18.94 -5.90 -32.49
C LYS A 578 17.53 -6.02 -31.92
N ILE A 579 17.21 -5.20 -30.92
CA ILE A 579 15.89 -5.18 -30.32
C ILE A 579 15.27 -3.82 -30.59
N ASP A 580 14.10 -3.81 -31.23
CA ASP A 580 13.37 -2.58 -31.47
C ASP A 580 12.34 -2.42 -30.35
N TYR A 581 12.79 -1.81 -29.25
CA TYR A 581 11.90 -1.59 -28.11
C TYR A 581 10.76 -0.68 -28.51
N LYS A 582 9.60 -0.91 -27.91
CA LYS A 582 8.42 -0.15 -28.26
C LYS A 582 8.52 1.28 -27.73
N ASP A 583 8.29 2.25 -28.61
CA ASP A 583 8.22 3.65 -28.23
C ASP A 583 6.89 3.93 -27.54
N PRO A 584 6.79 5.05 -26.82
CA PRO A 584 5.50 5.41 -26.21
C PRO A 584 4.41 5.51 -27.28
N PHE A 585 3.22 5.01 -26.93
CA PHE A 585 2.12 4.91 -27.87
C PHE A 585 0.81 5.16 -27.14
N PHE A 586 -0.28 5.07 -27.88
CA PHE A 586 -1.63 5.23 -27.35
C PHE A 586 -2.39 3.93 -27.54
N SER A 587 -3.08 3.49 -26.49
CA SER A 587 -3.89 2.27 -26.60
C SER A 587 -5.05 2.47 -27.57
N ASN A 588 -5.70 3.62 -27.53
CA ASN A 588 -6.82 3.91 -28.41
C ASN A 588 -6.53 5.15 -29.26
N PRO A 589 -7.02 5.19 -30.49
CA PRO A 589 -6.69 6.30 -31.39
C PRO A 589 -7.46 7.58 -31.12
N VAL A 590 -8.33 7.60 -30.12
CA VAL A 590 -9.05 8.82 -29.78
C VAL A 590 -8.09 9.88 -29.25
N ASP A 591 -7.07 9.46 -28.50
CA ASP A 591 -6.12 10.37 -27.87
C ASP A 591 -5.02 10.84 -28.81
N LEU A 592 -5.00 10.39 -30.06
CA LEU A 592 -3.94 10.77 -30.97
C LEU A 592 -4.00 12.26 -31.32
N GLU A 593 -5.22 12.81 -31.44
CA GLU A 593 -5.51 14.22 -31.68
C GLU A 593 -5.11 14.68 -33.07
N ASN A 594 -4.48 13.84 -33.89
CA ASN A 594 -4.18 14.15 -35.29
C ASN A 594 -3.39 15.45 -35.43
N LYS A 595 -2.45 15.67 -34.53
CA LYS A 595 -1.60 16.86 -34.56
C LYS A 595 -0.14 16.46 -34.43
N PRO A 596 0.76 17.21 -35.07
CA PRO A 596 2.19 16.89 -34.95
C PRO A 596 2.66 16.99 -33.51
N TYR A 597 3.54 16.07 -33.13
CA TYR A 597 4.13 16.02 -31.79
C TYR A 597 5.58 16.47 -31.90
N ALA A 598 5.88 17.64 -31.35
CA ALA A 598 7.22 18.19 -31.46
C ALA A 598 7.55 19.00 -30.22
N TYR A 599 8.85 19.18 -29.98
CA TYR A 599 9.32 19.97 -28.86
C TYR A 599 10.73 20.45 -29.16
N ALA A 600 10.95 21.76 -29.06
CA ALA A 600 12.27 22.37 -29.28
C ALA A 600 12.84 22.01 -30.65
N GLY A 601 11.97 21.97 -31.65
CA GLY A 601 12.40 21.69 -33.01
C GLY A 601 12.66 20.22 -33.32
N LYS A 602 12.33 19.32 -32.40
CA LYS A 602 12.53 17.89 -32.59
C LYS A 602 11.18 17.25 -32.83
N ARG A 603 11.03 16.60 -33.99
CA ARG A 603 9.77 15.97 -34.35
C ARG A 603 9.67 14.59 -33.74
N PHE A 604 8.51 14.30 -33.14
CA PHE A 604 8.26 13.02 -32.50
C PHE A 604 7.10 12.33 -33.20
N GLU A 605 7.28 11.06 -33.54
CA GLU A 605 6.26 10.27 -34.22
C GLU A 605 5.59 9.36 -33.18
N ILE A 606 4.35 9.67 -32.84
CA ILE A 606 3.58 8.91 -31.87
C ILE A 606 2.38 8.30 -32.58
N SER A 607 2.22 6.99 -32.46
CA SER A 607 1.15 6.26 -33.11
C SER A 607 0.42 5.41 -32.07
N SER A 608 -0.56 4.64 -32.53
CA SER A 608 -1.33 3.76 -31.67
C SER A 608 -1.28 2.33 -32.21
N THR A 609 -1.43 1.38 -31.29
CA THR A 609 -1.43 -0.03 -31.65
C THR A 609 -2.80 -0.53 -32.09
N HIS A 610 -3.80 0.35 -32.10
CA HIS A 610 -5.15 -0.03 -32.52
C HIS A 610 -5.17 -0.39 -34.00
N VAL A 611 -6.08 -1.28 -34.37
CA VAL A 611 -6.18 -1.76 -35.74
C VAL A 611 -6.56 -0.64 -36.71
N SER A 612 -7.20 0.42 -36.22
CA SER A 612 -7.59 1.52 -37.09
C SER A 612 -6.38 2.23 -37.67
N THR A 613 -5.34 2.43 -36.87
CA THR A 613 -4.16 3.17 -37.28
C THR A 613 -3.03 2.27 -37.78
N ARG A 614 -3.21 0.96 -37.76
CA ARG A 614 -2.19 0.05 -38.26
C ARG A 614 -2.24 -0.02 -39.78
N ILE A 615 -1.08 0.13 -40.41
CA ILE A 615 -0.99 0.17 -41.87
C ILE A 615 -1.20 -1.24 -42.43
N PRO A 616 -1.80 -1.37 -43.62
CA PRO A 616 -1.93 -2.69 -44.23
C PRO A 616 -0.57 -3.27 -44.62
N VAL A 617 -0.51 -4.60 -44.67
CA VAL A 617 0.72 -5.27 -45.03
C VAL A 617 1.03 -5.00 -46.50
N GLN A 618 2.26 -4.57 -46.77
CA GLN A 618 2.68 -4.21 -48.11
C GLN A 618 3.54 -5.30 -48.73
N PHE A 619 3.34 -5.55 -50.02
CA PHE A 619 4.10 -6.54 -50.77
C PHE A 619 4.92 -5.81 -51.83
N GLY A 620 6.24 -6.01 -51.81
CA GLY A 620 7.10 -5.33 -52.74
C GLY A 620 7.30 -3.86 -52.45
N GLY A 621 7.06 -3.43 -51.22
CA GLY A 621 7.17 -2.04 -50.85
C GLY A 621 5.95 -1.20 -51.14
N GLU A 622 4.92 -1.77 -51.76
CA GLU A 622 3.68 -1.06 -52.08
C GLU A 622 2.54 -1.70 -51.30
N THR A 623 1.76 -0.87 -50.61
CA THR A 623 0.64 -1.38 -49.82
C THR A 623 -0.49 -1.84 -50.74
N VAL A 624 -1.01 -3.03 -50.47
CA VAL A 624 -2.10 -3.60 -51.24
C VAL A 624 -3.39 -3.39 -50.45
N SER A 625 -4.37 -2.76 -51.09
CA SER A 625 -5.64 -2.46 -50.45
C SER A 625 -6.76 -2.58 -51.47
N VAL A 626 -8.00 -2.60 -50.98
CA VAL A 626 -9.19 -2.72 -51.81
C VAL A 626 -9.67 -1.31 -52.14
N TYR A 627 -9.84 -1.02 -53.44
CA TYR A 627 -10.27 0.29 -53.90
C TYR A 627 -11.76 0.37 -54.17
N ASN A 628 -12.34 -0.68 -54.76
CA ASN A 628 -13.76 -0.68 -55.06
C ASN A 628 -14.59 -0.87 -53.79
N LYS A 629 -15.84 -0.40 -53.86
CA LYS A 629 -16.74 -0.55 -52.74
C LYS A 629 -17.12 -2.01 -52.54
N PRO A 630 -17.34 -2.43 -51.29
CA PRO A 630 -17.69 -3.83 -51.04
C PRO A 630 -19.00 -4.23 -51.72
N THR A 631 -19.04 -5.46 -52.22
CA THR A 631 -20.23 -6.03 -52.83
C THR A 631 -20.59 -7.30 -52.06
N PHE A 632 -21.73 -7.26 -51.38
CA PHE A 632 -22.13 -8.35 -50.50
C PHE A 632 -23.10 -9.30 -51.22
N ASP A 633 -23.50 -10.34 -50.52
CA ASP A 633 -24.50 -11.29 -50.99
C ASP A 633 -25.49 -11.56 -49.88
N MET A 634 -26.70 -11.95 -50.26
CA MET A 634 -27.74 -12.22 -49.28
C MET A 634 -27.42 -13.48 -48.48
N PHE A 635 -27.85 -13.48 -47.22
CA PHE A 635 -27.75 -14.64 -46.32
C PHE A 635 -26.30 -15.06 -46.14
N SER A 636 -25.56 -14.19 -45.47
CA SER A 636 -24.16 -14.43 -45.11
C SER A 636 -24.07 -14.74 -43.62
N SER A 637 -23.24 -15.72 -43.27
CA SER A 637 -23.02 -16.12 -41.88
C SER A 637 -21.65 -15.66 -41.42
N TRP A 638 -21.56 -15.25 -40.15
CA TRP A 638 -20.36 -14.65 -39.61
C TRP A 638 -20.05 -15.22 -38.24
N LYS A 639 -18.77 -15.17 -37.87
CA LYS A 639 -18.25 -15.70 -36.62
C LYS A 639 -17.52 -14.61 -35.86
N TYR A 640 -17.54 -14.70 -34.53
CA TYR A 640 -17.13 -13.56 -33.70
C TYR A 640 -15.63 -13.46 -33.51
N ALA A 641 -14.86 -14.45 -33.98
CA ALA A 641 -13.39 -14.34 -34.03
C ALA A 641 -12.77 -14.31 -32.64
N LEU A 642 -12.87 -13.17 -31.95
CA LEU A 642 -12.25 -12.97 -30.64
C LEU A 642 -12.46 -14.17 -29.73
N LYS A 643 -11.36 -14.66 -29.16
CA LYS A 643 -11.34 -15.86 -28.32
C LYS A 643 -11.70 -15.50 -26.88
N PRO A 644 -12.56 -16.31 -26.25
CA PRO A 644 -12.94 -16.05 -24.86
C PRO A 644 -11.84 -16.50 -23.91
N PRO A 645 -11.93 -16.14 -22.63
CA PRO A 645 -10.97 -16.67 -21.65
C PRO A 645 -11.05 -18.19 -21.57
N THR A 646 -9.91 -18.81 -21.28
CA THR A 646 -9.84 -20.26 -21.20
C THR A 646 -10.37 -20.77 -19.88
N TYR A 647 -10.64 -22.08 -19.83
CA TYR A 647 -11.06 -22.72 -18.59
C TYR A 647 -9.98 -22.61 -17.53
N ASP A 648 -8.72 -22.84 -17.91
CA ASP A 648 -7.63 -22.80 -16.95
C ASP A 648 -7.45 -21.39 -16.36
N ALA A 649 -7.61 -20.36 -17.19
CA ALA A 649 -7.48 -18.99 -16.69
C ALA A 649 -8.54 -18.67 -15.65
N VAL A 650 -9.79 -19.06 -15.91
CA VAL A 650 -10.86 -18.80 -14.96
C VAL A 650 -10.65 -19.59 -13.68
N GLN A 651 -10.23 -20.86 -13.80
CA GLN A 651 -9.97 -21.65 -12.60
C GLN A 651 -8.83 -21.07 -11.78
N LYS A 652 -7.77 -20.59 -12.45
CA LYS A 652 -6.66 -19.96 -11.74
C LYS A 652 -7.11 -18.69 -11.05
N TRP A 653 -7.94 -17.88 -11.71
CA TRP A 653 -8.45 -16.66 -11.09
C TRP A 653 -9.30 -16.99 -9.86
N TYR A 654 -10.13 -18.02 -9.96
CA TYR A 654 -10.96 -18.40 -8.82
C TYR A 654 -10.10 -18.89 -7.66
N ASN A 655 -9.05 -19.68 -7.95
CA ASN A 655 -8.27 -20.29 -6.89
C ASN A 655 -7.58 -19.25 -6.02
N LYS A 656 -6.99 -18.22 -6.64
CA LYS A 656 -6.28 -17.21 -5.87
C LYS A 656 -7.24 -16.37 -5.03
N VAL A 657 -8.42 -16.06 -5.56
CA VAL A 657 -9.42 -15.29 -4.83
C VAL A 657 -10.80 -15.52 -5.43
N SER A 695 30.53 -7.16 28.23
CA SER A 695 31.94 -7.53 28.23
C SER A 695 32.60 -7.16 29.55
N SER A 696 31.78 -6.76 30.51
CA SER A 696 32.20 -6.36 31.86
C SER A 696 33.13 -5.14 31.86
N VAL A 697 33.33 -4.51 30.71
CA VAL A 697 34.15 -3.31 30.59
C VAL A 697 33.29 -2.21 29.98
N HIS A 698 33.23 -1.07 30.65
CA HIS A 698 32.40 0.04 30.21
C HIS A 698 33.10 0.81 29.10
N ASP A 699 32.55 0.75 27.89
CA ASP A 699 33.06 1.48 26.73
C ASP A 699 31.94 2.22 26.04
N SER A 700 31.01 2.76 26.81
CA SER A 700 29.85 3.49 26.27
C SER A 700 29.63 4.74 27.10
N LEU A 701 28.67 5.55 26.68
CA LEU A 701 28.32 6.79 27.35
C LEU A 701 26.92 6.66 27.94
N THR A 702 26.78 6.94 29.22
CA THR A 702 25.48 6.91 29.87
C THR A 702 24.59 8.01 29.34
N HIS A 703 23.28 7.75 29.31
CA HIS A 703 22.31 8.60 28.63
C HIS A 703 21.12 8.84 29.53
N LEU A 704 20.68 10.11 29.60
CA LEU A 704 19.52 10.48 30.38
C LEU A 704 18.66 11.45 29.57
N THR A 705 17.34 11.26 29.63
CA THR A 705 16.38 12.03 28.86
C THR A 705 15.35 12.65 29.79
N LEU A 706 14.96 13.88 29.51
CA LEU A 706 14.01 14.62 30.34
C LEU A 706 12.94 15.27 29.48
N GLU A 707 11.70 15.22 29.96
CA GLU A 707 10.58 15.94 29.38
C GLU A 707 9.77 16.57 30.50
N ILE A 708 9.10 17.68 30.19
CA ILE A 708 8.36 18.44 31.19
C ILE A 708 6.93 18.64 30.74
N HIS A 709 6.06 18.92 31.72
CA HIS A 709 4.69 19.32 31.48
C HIS A 709 4.42 20.60 32.27
N ALA A 710 3.93 21.63 31.59
CA ALA A 710 3.61 22.91 32.21
C ALA A 710 2.15 23.24 31.95
N ASN A 711 1.46 23.66 32.99
CA ASN A 711 0.04 24.01 32.90
C ASN A 711 -0.06 25.45 32.38
N THR A 712 -0.41 25.59 31.11
CA THR A 712 -0.52 26.91 30.50
C THR A 712 -1.88 27.53 30.79
N ARG A 713 -2.01 28.81 30.45
CA ARG A 713 -3.25 29.56 30.62
C ARG A 713 -3.89 29.77 29.26
N SER A 714 -5.14 29.31 29.11
CA SER A 714 -5.90 29.37 27.84
C SER A 714 -5.07 28.63 26.79
N ASP A 715 -4.93 29.17 25.58
CA ASP A 715 -4.14 28.58 24.51
C ASP A 715 -3.01 29.55 24.18
N LYS A 716 -1.87 29.39 24.87
CA LYS A 716 -0.76 30.32 24.70
C LYS A 716 0.60 29.67 24.62
N ILE A 717 0.69 28.34 24.63
CA ILE A 717 1.95 27.58 24.67
C ILE A 717 2.66 27.83 26.00
N PRO A 718 3.37 26.85 26.56
CA PRO A 718 4.05 27.08 27.84
C PRO A 718 5.08 28.20 27.73
N ASP A 719 5.11 29.04 28.75
CA ASP A 719 6.00 30.19 28.81
C ASP A 719 6.87 30.10 30.05
N PRO A 720 8.20 30.09 29.93
CA PRO A 720 9.05 29.96 31.12
C PRO A 720 8.91 31.10 32.11
N ALA A 721 8.41 32.25 31.69
CA ALA A 721 8.33 33.41 32.56
C ALA A 721 7.03 33.51 33.33
N ILE A 722 5.97 32.86 32.87
CA ILE A 722 4.67 32.96 33.52
C ILE A 722 4.13 31.59 33.91
N ASP A 723 4.53 30.56 33.18
CA ASP A 723 4.03 29.21 33.38
C ASP A 723 5.12 28.36 34.04
N GLU A 724 4.77 27.72 35.15
CA GLU A 724 5.72 26.91 35.89
C GLU A 724 5.63 25.45 35.49
N VAL A 725 6.64 24.69 35.86
CA VAL A 725 6.69 23.26 35.53
C VAL A 725 5.88 22.49 36.55
N SER A 726 5.00 21.62 36.06
CA SER A 726 4.16 20.80 36.93
C SER A 726 4.61 19.35 37.00
N MET A 727 5.41 18.88 36.06
CA MET A 727 5.80 17.47 36.01
C MET A 727 7.09 17.34 35.22
N ILE A 728 7.97 16.46 35.68
CA ILE A 728 9.21 16.12 35.00
C ILE A 728 9.26 14.60 34.86
N ILE A 729 9.59 14.12 33.65
CA ILE A 729 9.69 12.70 33.35
C ILE A 729 11.10 12.43 32.87
N TRP A 730 11.80 11.52 33.55
CA TRP A 730 13.16 11.17 33.21
C TRP A 730 13.27 9.68 32.97
N CYS A 731 14.03 9.29 31.95
CA CYS A 731 14.25 7.90 31.62
C CYS A 731 15.72 7.68 31.30
N LEU A 732 16.40 6.89 32.13
CA LEU A 732 17.79 6.55 31.88
C LEU A 732 17.89 5.31 31.00
N GLU A 733 18.87 5.29 30.12
CA GLU A 733 19.06 4.17 29.20
C GLU A 733 19.70 3.02 29.96
N GLU A 734 18.93 1.92 30.13
CA GLU A 734 19.39 0.79 30.91
C GLU A 734 20.41 -0.08 30.17
N GLU A 735 20.45 0.00 28.85
CA GLU A 735 21.35 -0.86 28.08
C GLU A 735 22.81 -0.54 28.37
N THR A 736 23.15 0.74 28.51
CA THR A 736 24.54 1.17 28.63
C THR A 736 24.86 1.71 30.02
N PHE A 737 24.03 1.44 31.02
CA PHE A 737 24.26 1.98 32.34
C PHE A 737 24.93 0.94 33.23
N PRO A 738 26.18 1.14 33.65
CA PRO A 738 26.82 0.18 34.55
C PRO A 738 26.50 0.46 36.01
N LEU A 739 27.22 -0.23 36.90
CA LEU A 739 27.23 -0.10 38.36
C LEU A 739 26.01 -0.73 39.02
N ASP A 740 24.96 -1.07 38.27
CA ASP A 740 23.81 -1.84 38.76
C ASP A 740 23.31 -1.39 40.13
N LEU A 741 23.21 -0.08 40.36
CA LEU A 741 22.66 0.40 41.61
C LEU A 741 21.13 0.30 41.58
N ASP A 742 20.54 0.30 42.77
CA ASP A 742 19.10 0.08 42.94
C ASP A 742 18.35 1.34 42.54
N ILE A 743 18.06 1.47 41.24
CA ILE A 743 17.30 2.59 40.71
C ILE A 743 16.27 2.05 39.73
N ALA A 744 15.25 2.87 39.46
CA ALA A 744 14.09 2.42 38.70
C ALA A 744 14.23 2.60 37.20
N TYR A 745 15.22 3.37 36.74
CA TYR A 745 15.46 3.72 35.34
C TYR A 745 14.33 4.57 34.75
N GLU A 746 13.30 4.89 35.52
CA GLU A 746 12.21 5.76 35.09
C GLU A 746 11.58 6.36 36.33
N GLY A 747 11.07 7.58 36.18
CA GLY A 747 10.47 8.26 37.32
C GLY A 747 9.72 9.50 36.88
N ILE A 748 8.83 9.95 37.76
CA ILE A 748 8.00 11.13 37.53
C ILE A 748 8.05 12.00 38.78
N MET A 749 8.30 13.29 38.59
CA MET A 749 8.27 14.26 39.68
C MET A 749 7.08 15.19 39.47
N ILE A 750 6.25 15.32 40.50
CA ILE A 750 5.05 16.15 40.44
C ILE A 750 5.06 17.11 41.63
N VAL A 751 4.77 18.37 41.38
CA VAL A 751 4.62 19.36 42.44
C VAL A 751 3.19 19.29 42.97
N HIS A 752 3.05 19.13 44.28
CA HIS A 752 1.73 19.02 44.89
C HIS A 752 1.83 19.56 46.32
N LYS A 753 1.38 20.80 46.52
CA LYS A 753 1.37 21.38 47.85
C LYS A 753 0.26 20.76 48.70
N ALA A 754 0.44 20.83 50.02
CA ALA A 754 -0.56 20.29 50.94
C ALA A 754 -1.87 21.07 50.87
N SER A 755 -1.84 22.32 50.40
CA SER A 755 -3.06 23.13 50.30
C SER A 755 -3.97 22.68 49.17
N GLU A 756 -3.50 21.81 48.28
CA GLU A 756 -4.32 21.32 47.18
C GLU A 756 -5.22 20.19 47.68
N ASP A 757 -5.94 19.55 46.76
CA ASP A 757 -6.83 18.46 47.13
C ASP A 757 -6.03 17.26 47.63
N SER A 758 -6.51 16.65 48.70
CA SER A 758 -5.88 15.45 49.24
C SER A 758 -6.19 14.24 48.38
N THR A 759 -5.49 13.15 48.65
CA THR A 759 -5.59 11.86 47.96
C THR A 759 -5.15 11.94 46.51
N PHE A 760 -4.71 13.11 46.03
CA PHE A 760 -4.13 13.20 44.69
C PHE A 760 -2.87 12.36 44.55
N PRO A 761 -1.91 12.39 45.49
CA PRO A 761 -0.77 11.46 45.37
C PRO A 761 -1.17 10.00 45.35
N THR A 762 -2.16 9.60 46.15
CA THR A 762 -2.60 8.21 46.14
C THR A 762 -3.23 7.85 44.80
N LYS A 763 -4.04 8.75 44.24
CA LYS A 763 -4.65 8.50 42.95
C LYS A 763 -3.60 8.37 41.85
N ILE A 764 -2.60 9.25 41.86
CA ILE A 764 -1.54 9.18 40.86
C ILE A 764 -0.74 7.89 41.01
N GLN A 765 -0.41 7.53 42.25
CA GLN A 765 0.37 6.32 42.48
C GLN A 765 -0.40 5.08 42.03
N HIS A 766 -1.71 5.05 42.27
CA HIS A 766 -2.53 3.95 41.77
C HIS A 766 -2.58 3.95 40.25
N CYS A 767 -2.66 5.14 39.64
CA CYS A 767 -2.73 5.22 38.18
C CYS A 767 -1.46 4.68 37.53
N ILE A 768 -0.29 5.03 38.06
CA ILE A 768 0.96 4.52 37.51
C ILE A 768 1.18 3.08 37.97
N ASN A 769 1.45 2.91 39.26
CA ASN A 769 1.58 1.63 39.95
C ASN A 769 2.80 0.83 39.53
N GLU A 770 3.58 1.29 38.55
CA GLU A 770 4.84 0.67 38.18
C GLU A 770 6.01 1.63 38.26
N ILE A 771 5.87 2.81 37.68
CA ILE A 771 6.93 3.82 37.72
C ILE A 771 6.79 4.62 39.02
N PRO A 772 7.84 4.73 39.82
CA PRO A 772 7.75 5.50 41.06
C PRO A 772 7.51 6.98 40.79
N VAL A 773 6.78 7.61 41.71
CA VAL A 773 6.43 9.02 41.61
C VAL A 773 6.81 9.71 42.90
N MET A 774 7.45 10.87 42.79
CA MET A 774 7.82 11.70 43.93
C MET A 774 7.03 13.00 43.88
N PHE A 775 6.64 13.48 45.06
CA PHE A 775 5.82 14.68 45.18
C PHE A 775 6.55 15.72 45.99
N TYR A 776 6.53 16.97 45.52
CA TYR A 776 7.27 18.06 46.13
C TYR A 776 6.33 19.24 46.38
N GLU A 777 6.64 19.99 47.45
CA GLU A 777 5.78 21.11 47.84
C GLU A 777 5.80 22.23 46.80
N SER A 778 6.97 22.55 46.26
CA SER A 778 7.11 23.66 45.34
C SER A 778 8.00 23.25 44.17
N GLU A 779 8.05 24.11 43.16
CA GLU A 779 8.86 23.85 41.97
C GLU A 779 10.35 23.92 42.29
N PHE A 780 10.74 24.76 43.24
CA PHE A 780 12.16 24.87 43.60
C PHE A 780 12.68 23.57 44.19
N GLU A 781 11.91 22.96 45.10
CA GLU A 781 12.33 21.67 45.65
C GLU A 781 12.37 20.59 44.58
N MET A 782 11.44 20.66 43.62
CA MET A 782 11.44 19.70 42.53
C MET A 782 12.68 19.84 41.65
N PHE A 783 13.10 21.08 41.38
CA PHE A 783 14.32 21.30 40.62
C PHE A 783 15.56 20.86 41.41
N GLU A 784 15.55 21.09 42.72
CA GLU A 784 16.66 20.62 43.56
C GLU A 784 16.73 19.10 43.55
N ALA A 785 15.58 18.43 43.59
CA ALA A 785 15.57 16.98 43.51
C ALA A 785 16.07 16.49 42.16
N LEU A 786 15.73 17.21 41.08
CA LEU A 786 16.27 16.85 39.77
C LEU A 786 17.78 17.00 39.74
N THR A 787 18.30 18.07 40.34
CA THR A 787 19.75 18.24 40.42
C THR A 787 20.40 17.11 41.21
N ASP A 788 19.78 16.72 42.33
CA ASP A 788 20.31 15.62 43.13
C ASP A 788 20.31 14.31 42.35
N LEU A 789 19.23 14.06 41.59
CA LEU A 789 19.17 12.86 40.77
C LEU A 789 20.25 12.85 39.69
N VAL A 790 20.47 14.00 39.04
CA VAL A 790 21.50 14.06 38.01
C VAL A 790 22.88 13.84 38.62
N LEU A 791 23.12 14.41 39.80
CA LEU A 791 24.41 14.19 40.47
C LEU A 791 24.58 12.73 40.87
N LEU A 792 23.50 12.09 41.34
CA LEU A 792 23.60 10.71 41.78
C LEU A 792 23.85 9.76 40.61
N LEU A 793 23.07 9.89 39.54
CA LEU A 793 23.26 9.02 38.37
C LEU A 793 24.54 9.38 37.63
N ASP A 794 24.87 10.67 37.56
CA ASP A 794 26.01 11.20 36.83
C ASP A 794 26.00 10.72 35.39
N PRO A 795 25.04 11.15 34.57
CA PRO A 795 25.00 10.72 33.17
C PRO A 795 25.95 11.52 32.30
N ASP A 796 26.52 10.83 31.32
CA ASP A 796 27.42 11.50 30.38
C ASP A 796 26.67 12.34 29.36
N ILE A 797 25.44 11.96 29.01
CA ILE A 797 24.66 12.63 27.99
C ILE A 797 23.30 12.99 28.57
N LEU A 798 22.86 14.23 28.33
CA LEU A 798 21.52 14.69 28.68
C LEU A 798 20.78 15.02 27.40
N SER A 799 19.56 14.52 27.26
CA SER A 799 18.84 14.65 26.00
C SER A 799 17.45 15.24 26.16
N GLY A 800 16.69 15.25 25.06
CA GLY A 800 15.37 15.82 24.98
C GLY A 800 15.07 16.12 23.53
N PHE A 801 13.82 15.96 23.10
CA PHE A 801 13.52 16.12 21.68
C PHE A 801 13.78 17.55 21.20
N GLU A 802 13.37 18.54 21.98
CA GLU A 802 13.73 19.94 21.75
C GLU A 802 14.15 20.53 23.08
N ILE A 803 15.45 20.74 23.24
CA ILE A 803 15.99 21.17 24.53
C ILE A 803 16.09 22.68 24.66
N HIS A 804 15.65 23.43 23.65
CA HIS A 804 15.77 24.89 23.70
C HIS A 804 14.53 25.54 24.28
N ASN A 805 13.37 25.27 23.69
CA ASN A 805 12.10 25.80 24.20
C ASN A 805 11.43 24.87 25.21
N PHE A 806 11.93 23.64 25.37
CA PHE A 806 11.34 22.67 26.26
C PHE A 806 12.45 21.84 26.89
N SER A 807 12.07 20.82 27.66
CA SER A 807 12.98 19.87 28.30
C SER A 807 13.93 20.66 29.20
N TRP A 808 15.25 20.58 29.02
CA TRP A 808 16.17 21.24 29.93
C TRP A 808 16.17 22.76 29.74
N GLY A 809 15.93 23.23 28.52
CA GLY A 809 15.95 24.66 28.27
C GLY A 809 14.86 25.41 29.04
N TYR A 810 13.65 24.82 29.11
CA TYR A 810 12.59 25.43 29.88
C TYR A 810 12.96 25.53 31.35
N ILE A 811 13.55 24.46 31.91
CA ILE A 811 13.95 24.48 33.31
C ILE A 811 15.04 25.52 33.55
N ILE A 812 16.02 25.60 32.64
CA ILE A 812 17.11 26.56 32.80
C ILE A 812 16.57 27.99 32.75
N GLU A 813 15.68 28.26 31.79
CA GLU A 813 15.10 29.60 31.67
C GLU A 813 14.28 29.95 32.89
N ARG A 814 13.48 29.00 33.38
CA ARG A 814 12.65 29.26 34.56
C ARG A 814 13.52 29.54 35.79
N CYS A 815 14.56 28.74 35.99
CA CYS A 815 15.44 28.95 37.14
C CYS A 815 16.17 30.28 37.03
N GLN A 816 16.61 30.65 35.82
CA GLN A 816 17.33 31.90 35.64
C GLN A 816 16.41 33.11 35.83
N LYS A 817 15.16 33.01 35.39
CA LYS A 817 14.25 34.15 35.42
C LYS A 817 13.56 34.30 36.76
N ILE A 818 12.82 33.29 37.19
CA ILE A 818 11.96 33.42 38.36
C ILE A 818 12.73 33.12 39.65
N HIS A 819 13.40 31.98 39.72
CA HIS A 819 14.06 31.57 40.96
C HIS A 819 15.44 32.18 41.13
N GLN A 820 15.99 32.82 40.09
CA GLN A 820 17.34 33.38 40.13
C GLN A 820 18.36 32.31 40.53
N PHE A 821 18.20 31.12 39.98
CA PHE A 821 19.01 29.96 40.31
C PHE A 821 19.84 29.56 39.10
N ASP A 822 21.13 29.31 39.31
CA ASP A 822 22.03 28.88 38.24
C ASP A 822 22.07 27.36 38.25
N ILE A 823 21.05 26.75 37.65
CA ILE A 823 20.96 25.29 37.63
C ILE A 823 22.01 24.67 36.72
N VAL A 824 22.54 25.43 35.75
CA VAL A 824 23.59 24.89 34.88
C VAL A 824 24.84 24.59 35.68
N ARG A 825 25.18 25.45 36.64
CA ARG A 825 26.33 25.19 37.51
C ARG A 825 26.09 23.95 38.37
N GLU A 826 24.87 23.76 38.84
CA GLU A 826 24.57 22.60 39.68
C GLU A 826 24.59 21.31 38.87
N LEU A 827 24.20 21.35 37.60
CA LEU A 827 24.18 20.16 36.77
C LEU A 827 25.57 19.76 36.28
N ALA A 828 26.57 20.61 36.44
CA ALA A 828 27.91 20.30 35.99
C ALA A 828 28.59 19.32 36.94
N ARG A 829 29.69 18.74 36.48
CA ARG A 829 30.46 17.78 37.27
C ARG A 829 31.59 18.44 38.05
N VAL A 830 31.66 19.78 38.05
CA VAL A 830 32.66 20.52 38.81
C VAL A 830 31.94 21.63 39.56
N LYS A 831 32.13 21.70 40.88
CA LYS A 831 31.47 22.73 41.67
C LYS A 831 31.98 24.11 41.30
N CYS A 832 33.29 24.27 41.14
CA CYS A 832 33.90 25.56 40.85
C CYS A 832 34.46 25.58 39.44
N GLN A 833 34.85 26.79 39.00
CA GLN A 833 35.41 27.02 37.68
C GLN A 833 34.44 26.59 36.59
N ILE A 834 33.30 27.28 36.54
CA ILE A 834 32.24 27.02 35.57
C ILE A 834 31.76 25.57 35.66
N LYS A 837 30.05 30.88 29.64
CA LYS A 837 30.60 32.22 29.84
C LYS A 837 29.88 33.23 28.94
N LEU A 838 29.73 32.89 27.67
CA LEU A 838 29.07 33.75 26.69
C LEU A 838 28.12 32.93 25.84
N SER A 839 27.11 33.60 25.29
CA SER A 839 26.12 32.91 24.46
C SER A 839 26.76 32.42 23.17
N ASP A 840 26.40 31.20 22.77
CA ASP A 840 26.94 30.57 21.57
C ASP A 840 25.83 30.53 20.53
N THR A 841 25.85 31.48 19.59
CA THR A 841 24.86 31.51 18.52
C THR A 841 25.05 30.34 17.56
N TRP A 842 26.29 29.90 17.36
CA TRP A 842 26.54 28.75 16.48
C TRP A 842 25.87 27.50 17.02
N GLY A 843 26.00 27.24 18.33
CA GLY A 843 25.37 26.07 18.90
C GLY A 843 23.85 26.14 18.86
N TYR A 844 23.29 27.31 19.14
CA TYR A 844 21.84 27.47 19.10
C TYR A 844 21.31 27.26 17.68
N ALA A 845 22.01 27.80 16.68
CA ALA A 845 21.55 27.70 15.31
C ALA A 845 21.80 26.34 14.69
N HIS A 846 22.80 25.61 15.15
CA HIS A 846 23.21 24.37 14.50
C HIS A 846 23.00 23.12 15.33
N SER A 847 23.48 23.08 16.57
CA SER A 847 23.25 21.94 17.44
C SER A 847 23.62 22.21 18.88
N SER A 848 22.69 21.94 19.81
CA SER A 848 22.96 21.91 21.25
C SER A 848 23.52 23.26 21.73
N GLY A 849 22.64 24.26 21.70
CA GLY A 849 23.03 25.59 22.17
C GLY A 849 23.45 25.61 23.63
N ILE A 850 22.80 24.79 24.45
CA ILE A 850 23.14 24.71 25.87
C ILE A 850 24.47 24.00 26.05
N MET A 851 25.19 24.35 27.10
CA MET A 851 26.50 23.76 27.40
C MET A 851 26.64 23.60 28.90
N ILE A 852 26.74 22.36 29.35
CA ILE A 852 26.96 22.03 30.76
C ILE A 852 28.32 21.36 30.87
N THR A 853 29.13 21.81 31.82
CA THR A 853 30.50 21.33 31.96
C THR A 853 30.53 19.84 32.25
N GLY A 854 31.20 19.08 31.38
CA GLY A 854 31.38 17.66 31.57
C GLY A 854 30.29 16.78 31.00
N ARG A 855 29.21 17.36 30.47
CA ARG A 855 28.11 16.59 29.90
C ARG A 855 27.85 17.06 28.48
N HIS A 856 27.31 16.16 27.67
CA HIS A 856 27.06 16.42 26.25
C HIS A 856 25.56 16.59 26.04
N MET A 857 25.15 17.84 25.78
CA MET A 857 23.78 18.11 25.41
C MET A 857 23.51 17.63 24.00
N ILE A 858 22.33 17.05 23.78
CA ILE A 858 21.94 16.60 22.44
C ILE A 858 20.51 17.05 22.16
N ASN A 859 20.31 17.64 20.98
CA ASN A 859 18.98 17.99 20.47
C ASN A 859 18.52 16.87 19.56
N ILE A 860 17.54 16.09 20.02
CA ILE A 860 17.16 14.88 19.31
C ILE A 860 16.53 15.21 17.95
N TRP A 861 15.74 16.30 17.90
CA TRP A 861 15.10 16.65 16.64
C TRP A 861 16.13 17.05 15.59
N ARG A 862 17.17 17.78 15.97
CA ARG A 862 18.23 18.11 15.03
C ARG A 862 19.02 16.88 14.62
N ALA A 863 19.26 15.96 15.57
CA ALA A 863 19.97 14.72 15.25
C ALA A 863 19.21 13.91 14.22
N LEU A 864 17.88 13.81 14.37
CA LEU A 864 17.07 13.14 13.37
C LEU A 864 17.03 13.93 12.06
N ARG A 865 17.07 15.25 12.14
CA ARG A 865 17.08 16.07 10.93
C ARG A 865 18.32 15.78 10.09
N SER A 866 19.48 15.62 10.73
CA SER A 866 20.68 15.27 9.99
C SER A 866 20.64 13.83 9.49
N ASP A 867 19.98 12.94 10.21
CA ASP A 867 20.05 11.51 9.88
C ASP A 867 19.07 11.11 8.79
N VAL A 868 17.76 11.28 9.04
CA VAL A 868 16.73 10.82 8.12
C VAL A 868 16.15 11.99 7.36
N ASN A 869 15.64 11.72 6.16
CA ASN A 869 15.06 12.73 5.28
C ASN A 869 13.54 12.70 5.44
N LEU A 870 13.06 13.26 6.55
CA LEU A 870 11.64 13.41 6.78
C LEU A 870 11.17 14.77 6.26
N THR A 871 9.90 15.07 6.48
CA THR A 871 9.33 16.34 6.06
C THR A 871 8.72 17.15 7.20
N GLN A 872 8.62 16.59 8.40
CA GLN A 872 8.08 17.37 9.50
C GLN A 872 8.96 17.36 10.75
N TYR A 873 9.62 16.24 11.04
CA TYR A 873 10.56 16.14 12.17
C TYR A 873 9.91 16.51 13.50
N THR A 874 8.64 16.16 13.65
CA THR A 874 7.95 16.26 14.94
C THR A 874 8.12 14.95 15.70
N ILE A 875 7.82 14.98 16.99
CA ILE A 875 7.96 13.77 17.81
C ILE A 875 7.03 12.67 17.30
N GLU A 876 5.78 13.04 16.98
CA GLU A 876 4.84 12.06 16.43
C GLU A 876 5.26 11.60 15.04
N SER A 877 5.66 12.54 14.18
CA SER A 877 6.07 12.18 12.82
C SER A 877 7.31 11.29 12.84
N ALA A 878 8.31 11.65 13.66
CA ALA A 878 9.51 10.84 13.76
C ALA A 878 9.19 9.46 14.34
N ALA A 879 8.35 9.43 15.38
CA ALA A 879 7.99 8.15 15.99
C ALA A 879 7.29 7.24 14.99
N PHE A 880 6.35 7.77 14.21
CA PHE A 880 5.65 6.94 13.24
C PHE A 880 6.59 6.50 12.12
N ASN A 881 7.42 7.40 11.61
CA ASN A 881 8.25 7.07 10.46
C ASN A 881 9.43 6.18 10.80
N ILE A 882 9.88 6.17 12.06
CA ILE A 882 11.06 5.40 12.46
C ILE A 882 10.65 4.18 13.29
N LEU A 883 9.91 4.39 14.38
CA LEU A 883 9.53 3.30 15.27
C LEU A 883 8.19 2.68 14.91
N HIS A 884 7.49 3.21 13.90
CA HIS A 884 6.20 2.68 13.44
C HIS A 884 5.16 2.67 14.56
N LYS A 885 5.13 3.73 15.36
CA LYS A 885 4.14 3.90 16.42
C LYS A 885 3.39 5.20 16.20
N ARG A 886 2.06 5.15 16.28
CA ARG A 886 1.23 6.32 16.11
C ARG A 886 0.83 6.85 17.47
N LEU A 887 1.15 8.11 17.74
CA LEU A 887 0.87 8.73 19.02
C LEU A 887 -0.18 9.81 18.84
N PRO A 888 -1.30 9.76 19.57
CA PRO A 888 -2.23 10.90 19.56
C PRO A 888 -1.56 12.15 20.10
N HIS A 889 -1.89 13.28 19.50
CA HIS A 889 -1.36 14.58 19.90
C HIS A 889 -2.48 15.44 20.44
N PHE A 890 -2.29 15.98 21.65
CA PHE A 890 -3.26 16.86 22.28
C PHE A 890 -2.67 18.26 22.42
N SER A 891 -3.53 19.26 22.26
CA SER A 891 -3.09 20.64 22.42
C SER A 891 -2.76 20.92 23.89
N PHE A 892 -2.03 22.01 24.12
CA PHE A 892 -1.62 22.35 25.47
C PHE A 892 -2.82 22.67 26.35
N GLU A 893 -3.84 23.32 25.79
CA GLU A 893 -5.06 23.60 26.54
C GLU A 893 -5.73 22.31 27.00
N SER A 894 -5.82 21.32 26.12
CA SER A 894 -6.39 20.03 26.50
C SER A 894 -5.58 19.38 27.61
N LEU A 895 -4.25 19.43 27.49
CA LEU A 895 -3.41 18.78 28.50
C LEU A 895 -3.57 19.43 29.87
N THR A 896 -3.60 20.77 29.93
CA THR A 896 -3.79 21.40 31.23
C THR A 896 -5.21 21.24 31.74
N ASN A 897 -6.20 21.08 30.84
CA ASN A 897 -7.56 20.82 31.31
C ASN A 897 -7.66 19.44 31.95
N MET A 898 -7.02 18.43 31.35
CA MET A 898 -7.06 17.10 31.94
C MET A 898 -6.09 16.94 33.12
N TRP A 899 -5.11 17.81 33.26
CA TRP A 899 -4.17 17.68 34.37
C TRP A 899 -4.68 18.32 35.66
N ASN A 900 -5.71 19.16 35.60
CA ASN A 900 -6.22 19.81 36.80
C ASN A 900 -6.78 18.77 37.77
N ALA A 901 -6.63 19.06 39.07
CA ALA A 901 -7.11 18.16 40.10
C ALA A 901 -8.64 18.08 40.07
N LYS A 902 -9.19 17.21 40.91
CA LYS A 902 -10.61 16.91 40.96
C LYS A 902 -11.12 16.34 39.63
N LYS A 903 -10.20 15.82 38.81
CA LYS A 903 -10.55 15.20 37.54
C LYS A 903 -10.52 13.69 37.66
N SER A 904 -11.05 13.03 36.64
CA SER A 904 -11.11 11.57 36.63
C SER A 904 -9.71 10.98 36.59
N THR A 905 -9.57 9.77 37.14
CA THR A 905 -8.29 9.08 37.09
C THR A 905 -7.86 8.78 35.66
N THR A 906 -8.84 8.65 34.75
CA THR A 906 -8.50 8.36 33.35
C THR A 906 -7.73 9.51 32.72
N GLU A 907 -8.12 10.75 33.00
CA GLU A 907 -7.44 11.89 32.39
C GLU A 907 -6.02 12.05 32.93
N LEU A 908 -5.83 11.88 34.24
CA LEU A 908 -4.49 11.94 34.80
C LEU A 908 -3.62 10.82 34.26
N LYS A 909 -4.17 9.61 34.16
CA LYS A 909 -3.44 8.51 33.54
C LYS A 909 -3.08 8.83 32.10
N THR A 910 -4.00 9.48 31.37
CA THR A 910 -3.75 9.84 29.98
C THR A 910 -2.59 10.81 29.87
N VAL A 911 -2.56 11.83 30.73
CA VAL A 911 -1.47 12.81 30.67
C VAL A 911 -0.14 12.14 31.04
N LEU A 912 -0.14 11.33 32.09
CA LEU A 912 1.08 10.67 32.53
C LEU A 912 1.63 9.76 31.44
N ASN A 913 0.75 8.97 30.81
CA ASN A 913 1.19 8.07 29.74
C ASN A 913 1.58 8.85 28.49
N TYR A 914 0.94 9.98 28.23
CA TYR A 914 1.34 10.85 27.13
C TYR A 914 2.80 11.24 27.26
N TRP A 915 3.18 11.77 28.42
CA TRP A 915 4.56 12.24 28.56
C TRP A 915 5.56 11.09 28.73
N LEU A 916 5.16 10.02 29.42
CA LEU A 916 6.02 8.84 29.51
C LEU A 916 6.31 8.26 28.14
N SER A 917 5.29 8.15 27.29
CA SER A 917 5.47 7.65 25.93
C SER A 917 6.37 8.59 25.14
N ARG A 918 6.22 9.91 25.31
CA ARG A 918 7.09 10.83 24.60
C ARG A 918 8.56 10.60 24.97
N ALA A 919 8.85 10.51 26.27
CA ALA A 919 10.24 10.33 26.70
C ALA A 919 10.80 8.99 26.23
N GLN A 920 10.07 7.90 26.46
CA GLN A 920 10.53 6.60 26.02
C GLN A 920 10.71 6.55 24.51
N ILE A 921 9.83 7.23 23.77
CA ILE A 921 9.89 7.20 22.32
C ILE A 921 11.12 7.95 21.82
N ASN A 922 11.49 9.05 22.45
CA ASN A 922 12.70 9.74 21.99
C ASN A 922 13.95 8.94 22.33
N ILE A 923 13.98 8.28 23.50
CA ILE A 923 15.10 7.39 23.80
C ILE A 923 15.18 6.27 22.76
N GLN A 924 14.04 5.69 22.40
CA GLN A 924 14.02 4.63 21.41
C GLN A 924 14.41 5.14 20.02
N LEU A 925 14.07 6.39 19.70
CA LEU A 925 14.50 6.97 18.44
C LEU A 925 16.01 7.06 18.37
N LEU A 926 16.62 7.56 19.44
CA LEU A 926 18.08 7.63 19.47
C LEU A 926 18.71 6.24 19.40
N ARG A 927 18.10 5.26 20.07
CA ARG A 927 18.64 3.90 20.03
C ARG A 927 18.52 3.29 18.63
N LYS A 928 17.37 3.46 17.99
CA LYS A 928 17.16 2.88 16.66
C LYS A 928 18.07 3.52 15.62
N GLN A 929 18.23 4.84 15.67
CA GLN A 929 19.14 5.48 14.74
C GLN A 929 20.61 5.19 15.03
N ASP A 930 20.91 4.59 16.18
CA ASP A 930 22.28 4.26 16.59
C ASP A 930 23.17 5.51 16.60
N TYR A 931 22.61 6.62 17.08
CA TYR A 931 23.33 7.88 17.07
C TYR A 931 24.56 7.83 17.97
N ILE A 932 24.38 7.37 19.21
CA ILE A 932 25.47 7.42 20.19
C ILE A 932 26.62 6.52 19.75
N ALA A 933 26.30 5.29 19.32
CA ALA A 933 27.35 4.35 18.93
C ALA A 933 28.09 4.84 17.69
N ARG A 934 27.37 5.36 16.69
CA ARG A 934 28.02 5.87 15.50
C ARG A 934 28.92 7.05 15.81
N ASN A 935 28.46 7.96 16.67
CA ASN A 935 29.27 9.11 17.03
C ASN A 935 30.49 8.69 17.85
N ILE A 936 30.34 7.70 18.72
CA ILE A 936 31.48 7.20 19.49
C ILE A 936 32.51 6.58 18.55
N GLU A 937 32.05 5.80 17.58
CA GLU A 937 32.97 5.21 16.61
C GLU A 937 33.69 6.28 15.80
N GLN A 938 32.96 7.31 15.37
CA GLN A 938 33.58 8.40 14.61
C GLN A 938 34.61 9.14 15.46
N ALA A 939 34.29 9.40 16.72
CA ALA A 939 35.24 10.07 17.60
C ALA A 939 36.48 9.21 17.83
N ARG A 940 36.30 7.90 17.97
CA ARG A 940 37.44 7.00 18.16
C ARG A 940 38.32 6.97 16.91
N LEU A 941 37.70 6.93 15.72
CA LEU A 941 38.48 6.86 14.49
C LEU A 941 39.21 8.17 14.22
N ILE A 942 38.50 9.29 14.29
CA ILE A 942 39.11 10.58 13.97
C ILE A 942 40.10 10.99 15.06
N GLY A 943 39.71 10.85 16.33
CA GLY A 943 40.52 11.26 17.45
C GLY A 943 39.97 12.45 18.21
N ILE A 944 38.96 13.13 17.68
CA ILE A 944 38.31 14.24 18.38
C ILE A 944 37.36 13.67 19.41
N ASP A 945 36.87 14.51 20.33
CA ASP A 945 36.00 14.04 21.38
C ASP A 945 34.58 13.86 20.87
N PHE A 946 33.69 13.39 21.75
CA PHE A 946 32.33 13.06 21.36
C PHE A 946 31.57 14.29 20.88
N HIS A 947 31.74 15.43 21.57
CA HIS A 947 30.99 16.64 21.21
C HIS A 947 31.39 17.16 19.84
N SER A 948 32.68 17.16 19.53
CA SER A 948 33.18 17.79 18.31
C SER A 948 32.76 17.05 17.04
N VAL A 949 32.27 15.82 17.15
CA VAL A 949 31.85 15.09 15.96
C VAL A 949 30.65 15.77 15.33
N TYR A 950 29.67 16.16 16.13
CA TYR A 950 28.48 16.83 15.62
C TYR A 950 28.44 18.33 15.88
N TYR A 951 29.35 18.85 16.70
CA TYR A 951 29.40 20.28 16.97
C TYR A 951 30.31 21.02 16.01
N ARG A 952 31.51 20.50 15.78
CA ARG A 952 32.49 21.15 14.92
C ARG A 952 32.30 20.73 13.46
N GLY A 953 33.00 21.43 12.57
CA GLY A 953 32.93 21.14 11.15
C GLY A 953 33.90 20.05 10.73
N SER A 954 33.94 19.83 9.41
CA SER A 954 34.79 18.77 8.86
C SER A 954 36.27 19.15 8.90
N GLN A 955 36.57 20.45 8.82
CA GLN A 955 37.95 20.89 8.85
C GLN A 955 38.63 20.49 10.15
N PHE A 956 37.88 20.42 11.25
CA PHE A 956 38.46 19.95 12.51
C PHE A 956 38.90 18.50 12.40
N LYS A 957 38.07 17.65 11.79
CA LYS A 957 38.42 16.24 11.61
C LYS A 957 39.65 16.10 10.71
N VAL A 958 39.68 16.85 9.61
CA VAL A 958 40.83 16.79 8.71
C VAL A 958 42.10 17.27 9.41
N GLU A 959 41.97 18.34 10.21
CA GLU A 959 43.12 18.83 10.98
C GLU A 959 43.63 17.79 11.95
N SER A 960 42.71 17.10 12.64
CA SER A 960 43.14 16.07 13.59
C SER A 960 43.90 14.97 12.87
N PHE A 961 43.33 14.44 11.78
CA PHE A 961 44.01 13.40 11.01
C PHE A 961 45.39 13.87 10.55
N LEU A 962 45.44 15.06 9.93
CA LEU A 962 46.69 15.54 9.35
C LEU A 962 47.75 15.78 10.41
N ILE A 963 47.38 16.41 11.53
CA ILE A 963 48.35 16.71 12.57
C ILE A 963 48.88 15.42 13.18
N ARG A 964 47.98 14.45 13.42
CA ARG A 964 48.44 13.19 14.01
C ARG A 964 49.40 12.47 13.07
N ILE A 965 49.13 12.50 11.76
CA ILE A 965 50.04 11.85 10.82
C ILE A 965 51.36 12.61 10.72
N CYS A 966 51.30 13.94 10.66
CA CYS A 966 52.48 14.75 10.37
C CYS A 966 53.42 14.88 11.58
N LYS A 967 52.91 14.79 12.80
CA LYS A 967 53.77 14.95 13.96
C LYS A 967 54.82 13.85 14.07
N SER A 968 54.56 12.68 13.50
CA SER A 968 55.50 11.57 13.60
C SER A 968 56.72 11.75 12.69
N GLU A 969 56.62 12.58 11.66
CA GLU A 969 57.73 12.82 10.74
C GLU A 969 58.28 14.25 10.85
N SER A 970 58.02 14.92 11.97
CA SER A 970 58.54 16.26 12.26
C SER A 970 58.19 17.24 11.14
N PHE A 971 56.89 17.32 10.85
CA PHE A 971 56.37 18.26 9.86
C PHE A 971 55.80 19.47 10.61
N ILE A 972 56.32 20.65 10.29
CA ILE A 972 55.85 21.90 10.89
C ILE A 972 54.87 22.56 9.92
N LEU A 973 53.64 22.77 10.39
CA LEU A 973 52.53 23.17 9.53
C LEU A 973 52.35 24.68 9.55
N LEU A 974 52.29 25.29 8.37
CA LEU A 974 52.03 26.71 8.25
C LEU A 974 50.59 27.03 8.68
N SER A 975 50.43 28.20 9.30
CA SER A 975 49.13 28.66 9.79
C SER A 975 48.86 30.05 9.23
N PRO A 976 48.35 30.14 8.00
CA PRO A 976 48.07 31.45 7.41
C PRO A 976 46.95 32.18 8.12
N GLY A 977 47.01 33.51 8.06
CA GLY A 977 45.96 34.34 8.61
C GLY A 977 44.82 34.53 7.64
N LYS A 978 43.85 35.34 8.07
CA LYS A 978 42.68 35.62 7.23
C LYS A 978 43.09 36.37 5.97
N LYS A 979 43.98 37.36 6.10
CA LYS A 979 44.42 38.13 4.95
C LYS A 979 45.20 37.27 3.97
N ASP A 980 46.02 36.34 4.47
CA ASP A 980 46.79 35.47 3.59
C ASP A 980 45.87 34.59 2.75
N VAL A 981 44.80 34.07 3.35
CA VAL A 981 43.84 33.27 2.61
C VAL A 981 43.04 34.13 1.64
N ARG A 982 42.71 35.37 2.06
CA ARG A 982 41.95 36.25 1.17
C ARG A 982 42.77 36.68 -0.04
N LYS A 983 44.09 36.74 0.09
CA LYS A 983 44.96 37.11 -1.02
C LYS A 983 45.39 35.91 -1.86
N GLN A 984 44.88 34.71 -1.54
CA GLN A 984 45.22 33.52 -2.30
C GLN A 984 44.64 33.61 -3.71
N LYS A 985 45.32 32.95 -4.66
CA LYS A 985 44.86 32.94 -6.04
C LYS A 985 43.50 32.24 -6.13
N ALA A 986 42.67 32.73 -7.04
CA ALA A 986 41.35 32.15 -7.24
C ALA A 986 41.46 30.79 -7.90
N LEU A 987 40.41 29.98 -7.72
CA LEU A 987 40.35 28.66 -8.33
C LEU A 987 39.89 28.77 -9.77
N GLU A 988 40.67 28.21 -10.69
CA GLU A 988 40.36 28.29 -12.12
C GLU A 988 39.83 26.98 -12.69
N CYS A 989 40.23 25.84 -12.13
CA CYS A 989 39.81 24.55 -12.66
C CYS A 989 38.44 24.17 -12.12
N VAL A 990 37.57 23.69 -13.00
CA VAL A 990 36.20 23.36 -12.64
C VAL A 990 35.88 21.93 -13.07
N PRO A 991 34.96 21.24 -12.40
CA PRO A 991 34.61 19.88 -12.81
C PRO A 991 33.86 19.87 -14.13
N LEU A 992 33.89 18.71 -14.78
CA LEU A 992 33.23 18.51 -16.06
C LEU A 992 31.83 17.96 -15.84
N VAL A 993 30.82 18.74 -16.19
CA VAL A 993 29.43 18.31 -16.13
C VAL A 993 28.89 18.35 -17.55
N MET A 994 28.83 17.19 -18.19
CA MET A 994 28.41 17.12 -19.58
C MET A 994 26.93 17.44 -19.71
N GLU A 995 26.58 18.23 -20.72
CA GLU A 995 25.19 18.55 -20.98
C GLU A 995 24.48 17.35 -21.59
N PRO A 996 23.39 16.88 -20.99
CA PRO A 996 22.75 15.66 -21.50
C PRO A 996 21.91 15.93 -22.73
N GLU A 997 21.67 14.86 -23.49
CA GLU A 997 20.74 14.89 -24.60
C GLU A 997 19.38 14.50 -24.04
N SER A 998 18.53 15.51 -23.78
CA SER A 998 17.25 15.29 -23.12
C SER A 998 16.34 14.47 -24.02
N ALA A 999 16.12 13.21 -23.64
CA ALA A 999 15.29 12.31 -24.43
C ALA A 999 14.86 11.14 -23.56
N PHE A 1000 14.09 10.24 -24.14
CA PHE A 1000 13.66 9.00 -23.51
C PHE A 1000 14.45 7.85 -24.09
N TYR A 1001 15.13 7.10 -23.22
CA TYR A 1001 15.99 5.99 -23.64
C TYR A 1001 15.31 4.67 -23.29
N LYS A 1002 14.80 3.98 -24.31
CA LYS A 1002 14.20 2.67 -24.10
C LYS A 1002 15.27 1.58 -24.04
N SER A 1003 16.37 1.76 -24.75
CA SER A 1003 17.46 0.80 -24.73
C SER A 1003 18.24 0.90 -23.41
N PRO A 1004 18.99 -0.15 -23.06
CA PRO A 1004 19.75 -0.10 -21.80
C PRO A 1004 20.76 1.04 -21.78
N LEU A 1005 20.89 1.66 -20.62
CA LEU A 1005 21.82 2.77 -20.40
C LEU A 1005 22.77 2.37 -19.29
N ILE A 1006 24.03 2.16 -19.64
CA ILE A 1006 25.05 1.73 -18.69
C ILE A 1006 25.70 2.96 -18.08
N VAL A 1007 25.73 3.03 -16.75
CA VAL A 1007 26.36 4.13 -16.04
C VAL A 1007 27.62 3.61 -15.37
N LEU A 1008 28.68 4.41 -15.40
CA LEU A 1008 29.97 4.06 -14.81
C LEU A 1008 30.49 5.24 -14.00
N ASP A 1009 31.03 4.96 -12.82
CA ASP A 1009 31.54 6.00 -11.95
C ASP A 1009 32.81 5.53 -11.25
N PHE A 1010 33.80 6.41 -11.17
CA PHE A 1010 35.01 6.14 -10.40
C PHE A 1010 34.70 6.14 -8.91
N GLN A 1011 35.33 5.22 -8.19
CA GLN A 1011 35.18 5.16 -6.74
C GLN A 1011 36.18 6.08 -6.07
N SER A 1012 35.67 6.97 -5.22
CA SER A 1012 36.48 7.99 -4.54
C SER A 1012 37.42 8.67 -5.51
N LEU A 1013 36.88 9.35 -6.53
CA LEU A 1013 37.68 9.86 -7.63
C LEU A 1013 38.80 10.78 -7.14
N TYR A 1014 38.46 11.78 -6.34
CA TYR A 1014 39.45 12.77 -5.94
C TYR A 1014 40.45 12.22 -4.93
N PRO A 1015 40.03 11.47 -3.90
CA PRO A 1015 41.04 10.81 -3.05
C PRO A 1015 41.92 9.83 -3.80
N SER A 1016 41.35 9.07 -4.74
CA SER A 1016 42.15 8.14 -5.54
C SER A 1016 43.16 8.90 -6.38
N ILE A 1017 42.76 10.05 -6.92
CA ILE A 1017 43.69 10.89 -7.67
C ILE A 1017 44.79 11.41 -6.76
N MET A 1018 44.44 11.85 -5.55
CA MET A 1018 45.44 12.34 -4.62
C MET A 1018 46.47 11.26 -4.28
N ILE A 1019 46.00 10.02 -4.09
CA ILE A 1019 46.92 8.93 -3.80
C ILE A 1019 47.77 8.59 -5.02
N GLY A 1020 47.15 8.49 -6.19
CA GLY A 1020 47.86 8.03 -7.37
C GLY A 1020 48.89 9.02 -7.88
N TYR A 1021 48.55 10.31 -7.89
CA TYR A 1021 49.41 11.33 -8.47
C TYR A 1021 50.29 12.05 -7.46
N ASN A 1022 50.24 11.64 -6.19
CA ASN A 1022 51.10 12.18 -5.14
C ASN A 1022 50.92 13.70 -4.98
N TYR A 1023 49.66 14.12 -4.94
CA TYR A 1023 49.33 15.52 -4.74
C TYR A 1023 49.23 15.81 -3.24
N CYS A 1024 50.06 16.72 -2.75
CA CYS A 1024 50.06 17.07 -1.34
C CYS A 1024 50.76 18.40 -1.16
N TYR A 1025 50.65 18.95 0.05
CA TYR A 1025 51.41 20.14 0.40
C TYR A 1025 52.90 19.86 0.36
N SER A 1026 53.31 18.69 0.85
CA SER A 1026 54.72 18.38 1.06
C SER A 1026 55.43 17.90 -0.20
N THR A 1027 54.71 17.60 -1.28
CA THR A 1027 55.32 17.10 -2.51
C THR A 1027 55.25 18.10 -3.65
N MET A 1028 54.84 19.34 -3.39
CA MET A 1028 54.67 20.34 -4.43
C MET A 1028 55.88 21.25 -4.51
N ILE A 1029 56.33 21.52 -5.74
CA ILE A 1029 57.48 22.36 -5.99
C ILE A 1029 57.07 23.78 -6.37
N GLY A 1030 56.16 23.91 -7.32
CA GLY A 1030 55.71 25.22 -7.74
C GLY A 1030 55.15 25.16 -9.14
N ARG A 1031 54.61 26.29 -9.57
CA ARG A 1031 54.03 26.39 -10.91
C ARG A 1031 55.12 26.32 -11.95
N VAL A 1032 54.91 25.50 -12.99
CA VAL A 1032 55.95 25.28 -14.00
C VAL A 1032 56.31 26.57 -14.70
N ARG A 1033 55.42 27.55 -14.74
CA ARG A 1033 55.73 28.89 -15.19
C ARG A 1033 55.94 29.79 -13.98
N GLU A 1034 56.83 30.78 -14.14
CA GLU A 1034 57.16 31.76 -13.12
C GLU A 1034 57.94 31.18 -11.94
N ILE A 1035 58.73 30.13 -12.17
CA ILE A 1035 59.71 29.69 -11.18
C ILE A 1035 60.98 30.51 -11.39
N ASN A 1036 61.39 31.26 -10.36
CA ASN A 1036 62.54 32.14 -10.50
C ASN A 1036 63.43 32.11 -9.25
N LEU A 1037 63.41 31.01 -8.51
CA LEU A 1037 64.30 30.80 -7.37
C LEU A 1037 64.08 31.84 -6.27
N THR A 1038 64.36 33.11 -6.57
CA THR A 1038 64.31 34.17 -5.56
C THR A 1038 62.96 34.23 -4.84
N GLU A 1039 61.86 34.22 -5.59
CA GLU A 1039 60.53 34.35 -4.98
C GLU A 1039 59.52 33.60 -5.83
N ASN A 1040 58.90 32.58 -5.25
CA ASN A 1040 57.86 31.80 -5.90
C ASN A 1040 56.59 31.88 -5.08
N ASN A 1041 55.47 32.15 -5.73
CA ASN A 1041 54.17 32.23 -5.09
C ASN A 1041 53.39 30.94 -5.37
N LEU A 1042 52.93 30.29 -4.30
CA LEU A 1042 52.24 29.00 -4.45
C LEU A 1042 51.32 28.83 -3.24
N GLY A 1043 50.03 28.99 -3.46
CA GLY A 1043 49.08 28.86 -2.37
C GLY A 1043 49.00 30.13 -1.56
N VAL A 1044 49.17 30.01 -0.25
CA VAL A 1044 49.15 31.15 0.66
C VAL A 1044 50.55 31.47 1.19
N SER A 1045 51.59 30.97 0.52
CA SER A 1045 52.95 31.14 0.99
C SER A 1045 53.85 31.59 -0.15
N LYS A 1046 54.84 32.40 0.20
CA LYS A 1046 55.90 32.80 -0.72
C LYS A 1046 57.22 32.23 -0.20
N PHE A 1047 57.97 31.58 -1.07
CA PHE A 1047 59.15 30.81 -0.66
C PHE A 1047 60.24 30.94 -1.72
N SER A 1048 61.37 30.29 -1.46
CA SER A 1048 62.49 30.27 -2.37
C SER A 1048 62.94 28.82 -2.57
N LEU A 1049 63.62 28.59 -3.70
CA LEU A 1049 64.04 27.25 -4.06
C LEU A 1049 65.56 27.13 -4.04
N PRO A 1050 66.09 25.93 -3.78
CA PRO A 1050 67.54 25.73 -3.84
C PRO A 1050 68.09 25.98 -5.23
N ARG A 1051 69.42 25.93 -5.33
CA ARG A 1051 70.09 26.30 -6.58
C ARG A 1051 69.84 25.27 -7.67
N ASN A 1052 70.00 23.99 -7.35
CA ASN A 1052 69.92 22.92 -8.34
C ASN A 1052 68.84 21.91 -7.97
N ILE A 1053 67.74 22.38 -7.38
CA ILE A 1053 66.67 21.48 -6.97
C ILE A 1053 65.98 20.88 -8.17
N LEU A 1054 65.75 21.68 -9.22
CA LEU A 1054 65.05 21.18 -10.39
C LEU A 1054 65.93 20.25 -11.22
N ALA A 1055 67.22 20.59 -11.37
CA ALA A 1055 68.11 19.73 -12.13
C ALA A 1055 68.30 18.37 -11.45
N LEU A 1056 68.43 18.37 -10.13
CA LEU A 1056 68.55 17.11 -9.40
C LEU A 1056 67.28 16.28 -9.53
N LEU A 1057 66.11 16.92 -9.45
CA LEU A 1057 64.83 16.25 -9.54
C LEU A 1057 64.26 16.26 -10.95
N LYS A 1058 65.12 16.30 -11.97
CA LYS A 1058 64.64 16.37 -13.34
C LYS A 1058 63.90 15.12 -13.78
N ASN A 1059 64.08 14.01 -13.07
CA ASN A 1059 63.44 12.75 -13.42
C ASN A 1059 62.33 12.34 -12.46
N ASP A 1060 62.50 12.59 -11.17
CA ASP A 1060 61.51 12.17 -10.16
C ASP A 1060 60.55 13.31 -9.86
N VAL A 1061 59.89 13.81 -10.91
CA VAL A 1061 58.83 14.80 -10.77
C VAL A 1061 57.70 14.46 -11.74
N THR A 1062 56.51 14.97 -11.41
CA THR A 1062 55.36 14.89 -12.28
C THR A 1062 54.74 16.28 -12.40
N ILE A 1063 54.13 16.53 -13.55
CA ILE A 1063 53.56 17.84 -13.85
C ILE A 1063 52.04 17.71 -13.86
N ALA A 1064 51.39 18.50 -13.01
CA ALA A 1064 49.94 18.48 -12.95
C ALA A 1064 49.35 19.10 -14.21
N PRO A 1065 48.11 18.75 -14.57
CA PRO A 1065 47.51 19.30 -15.79
C PRO A 1065 47.38 20.81 -15.79
N ASN A 1066 47.34 21.45 -14.61
CA ASN A 1066 47.27 22.90 -14.54
C ASN A 1066 48.63 23.57 -14.54
N GLY A 1067 49.71 22.79 -14.48
CA GLY A 1067 51.05 23.34 -14.58
C GLY A 1067 51.77 23.52 -13.27
N VAL A 1068 51.60 22.58 -12.34
CA VAL A 1068 52.25 22.61 -11.04
C VAL A 1068 53.14 21.38 -10.93
N VAL A 1069 54.40 21.60 -10.55
CA VAL A 1069 55.38 20.51 -10.47
C VAL A 1069 55.23 19.81 -9.13
N TYR A 1070 55.07 18.50 -9.16
CA TYR A 1070 54.96 17.68 -7.96
C TYR A 1070 56.05 16.61 -7.97
N ALA A 1071 56.54 16.27 -6.78
CA ALA A 1071 57.53 15.22 -6.66
C ALA A 1071 56.90 13.86 -6.93
N LYS A 1072 57.65 12.98 -7.58
CA LYS A 1072 57.17 11.65 -7.87
C LYS A 1072 57.15 10.80 -6.60
N THR A 1073 56.54 9.62 -6.69
CA THR A 1073 56.41 8.76 -5.51
C THR A 1073 57.76 8.27 -5.02
N SER A 1074 58.74 8.17 -5.91
CA SER A 1074 60.05 7.62 -5.55
C SER A 1074 60.70 8.39 -4.40
N VAL A 1075 60.41 9.68 -4.28
CA VAL A 1075 60.91 10.50 -3.18
C VAL A 1075 59.75 11.32 -2.63
N ARG A 1076 59.71 11.45 -1.30
CA ARG A 1076 58.68 12.24 -0.62
C ARG A 1076 57.27 11.69 -0.90
N LYS A 1077 57.05 10.48 -0.39
CA LYS A 1077 55.69 9.95 -0.33
C LYS A 1077 54.80 10.86 0.51
N SER A 1078 53.63 11.19 -0.02
CA SER A 1078 52.77 12.20 0.59
C SER A 1078 52.00 11.64 1.78
N THR A 1079 51.79 12.51 2.78
CA THR A 1079 51.06 12.12 3.99
C THR A 1079 49.55 12.06 3.74
N LEU A 1080 49.04 12.99 2.93
CA LEU A 1080 47.64 12.92 2.51
C LEU A 1080 47.34 11.58 1.87
N SER A 1081 48.29 11.07 1.08
CA SER A 1081 48.11 9.75 0.48
C SER A 1081 47.98 8.68 1.57
N LYS A 1082 48.77 8.78 2.62
CA LYS A 1082 48.72 7.79 3.70
C LYS A 1082 47.37 7.79 4.39
N MET A 1083 46.92 8.97 4.84
CA MET A 1083 45.64 9.00 5.54
C MET A 1083 44.50 8.59 4.61
N LEU A 1084 44.56 9.02 3.34
CA LEU A 1084 43.51 8.69 2.39
C LEU A 1084 43.47 7.18 2.09
N THR A 1085 44.63 6.55 1.92
CA THR A 1085 44.61 5.12 1.63
C THR A 1085 44.11 4.32 2.83
N ASP A 1086 44.45 4.74 4.05
CA ASP A 1086 43.89 4.07 5.22
C ASP A 1086 42.37 4.18 5.24
N ILE A 1087 41.86 5.39 5.04
CA ILE A 1087 40.42 5.62 5.06
C ILE A 1087 39.72 4.82 3.96
N LEU A 1088 40.29 4.83 2.76
CA LEU A 1088 39.69 4.14 1.63
C LEU A 1088 39.76 2.63 1.78
N ASP A 1089 40.82 2.10 2.39
CA ASP A 1089 40.86 0.67 2.68
C ASP A 1089 39.75 0.27 3.65
N VAL A 1090 39.56 1.07 4.70
CA VAL A 1090 38.48 0.78 5.63
C VAL A 1090 37.13 0.84 4.92
N ARG A 1091 36.94 1.85 4.07
CA ARG A 1091 35.67 1.98 3.36
C ARG A 1091 35.43 0.82 2.40
N VAL A 1092 36.47 0.38 1.70
CA VAL A 1092 36.32 -0.73 0.77
C VAL A 1092 35.98 -2.01 1.51
N MET A 1093 36.62 -2.24 2.66
CA MET A 1093 36.28 -3.41 3.46
C MET A 1093 34.84 -3.35 3.94
N ILE A 1094 34.40 -2.17 4.38
CA ILE A 1094 33.01 -2.01 4.84
C ILE A 1094 32.05 -2.31 3.71
N LYS A 1095 32.32 -1.78 2.52
CA LYS A 1095 31.43 -1.97 1.37
C LYS A 1095 31.37 -3.44 0.96
N LYS A 1096 32.52 -4.11 0.92
CA LYS A 1096 32.53 -5.52 0.54
C LYS A 1096 31.81 -6.37 1.58
N THR A 1097 32.00 -6.07 2.88
CA THR A 1097 31.27 -6.80 3.91
C THR A 1097 29.77 -6.59 3.78
N MET A 1098 29.34 -5.35 3.50
CA MET A 1098 27.92 -5.08 3.34
C MET A 1098 27.35 -5.80 2.11
N ASN A 1099 28.11 -5.85 1.02
CA ASN A 1099 27.62 -6.53 -0.17
C ASN A 1099 27.62 -8.05 0.00
N GLU A 1100 28.49 -8.58 0.85
CA GLU A 1100 28.59 -10.02 1.03
C GLU A 1100 27.36 -10.64 1.67
N ILE A 1101 26.53 -9.83 2.33
CA ILE A 1101 25.33 -10.32 3.00
C ILE A 1101 24.11 -9.87 2.20
N GLY A 1102 23.19 -10.82 1.99
CA GLY A 1102 21.96 -10.50 1.27
C GLY A 1102 20.72 -10.84 2.08
N ASP A 1103 19.99 -9.80 2.48
CA ASP A 1103 18.73 -9.91 3.22
C ASP A 1103 18.86 -10.66 4.54
N ASP A 1104 20.09 -10.98 4.97
CA ASP A 1104 20.27 -11.68 6.23
C ASP A 1104 19.93 -10.78 7.41
N ASN A 1105 20.40 -9.54 7.39
CA ASN A 1105 20.11 -8.58 8.44
C ASN A 1105 20.00 -7.21 7.78
N THR A 1106 18.76 -6.70 7.66
CA THR A 1106 18.56 -5.39 7.05
C THR A 1106 19.18 -4.28 7.89
N THR A 1107 19.03 -4.37 9.22
CA THR A 1107 19.58 -3.33 10.10
C THR A 1107 21.10 -3.27 9.99
N LEU A 1108 21.76 -4.44 9.93
CA LEU A 1108 23.21 -4.47 9.81
C LEU A 1108 23.66 -3.82 8.50
N LYS A 1109 22.94 -4.08 7.41
CA LYS A 1109 23.26 -3.44 6.14
C LYS A 1109 23.10 -1.93 6.22
N ARG A 1110 22.06 -1.46 6.91
CA ARG A 1110 21.87 -0.02 7.07
C ARG A 1110 23.01 0.60 7.88
N LEU A 1111 23.43 -0.07 8.96
CA LEU A 1111 24.53 0.45 9.76
C LEU A 1111 25.84 0.49 8.96
N LEU A 1112 26.11 -0.56 8.19
CA LEU A 1112 27.31 -0.57 7.37
C LEU A 1112 27.26 0.49 6.27
N ASN A 1113 26.08 0.74 5.72
CA ASN A 1113 25.94 1.80 4.72
C ASN A 1113 26.19 3.17 5.35
N ASN A 1114 25.70 3.39 6.56
CA ASN A 1114 25.99 4.63 7.26
C ASN A 1114 27.49 4.78 7.49
N LYS A 1115 28.15 3.69 7.89
CA LYS A 1115 29.60 3.74 8.11
C LYS A 1115 30.35 4.10 6.84
N GLN A 1116 29.99 3.46 5.71
CA GLN A 1116 30.71 3.72 4.47
C GLN A 1116 30.44 5.13 3.97
N LEU A 1117 29.22 5.64 4.16
CA LEU A 1117 28.93 7.02 3.77
C LEU A 1117 29.72 7.99 4.62
N ALA A 1118 29.86 7.72 5.92
CA ALA A 1118 30.67 8.58 6.79
C ALA A 1118 32.13 8.58 6.35
N LEU A 1119 32.67 7.40 6.02
CA LEU A 1119 34.06 7.33 5.58
C LEU A 1119 34.26 8.05 4.25
N LYS A 1120 33.32 7.91 3.32
CA LYS A 1120 33.42 8.62 2.06
C LYS A 1120 33.36 10.12 2.26
N LEU A 1121 32.49 10.59 3.16
CA LEU A 1121 32.45 12.01 3.47
C LEU A 1121 33.76 12.47 4.09
N LEU A 1122 34.37 11.64 4.93
CA LEU A 1122 35.66 11.98 5.51
C LEU A 1122 36.72 12.17 4.43
N ALA A 1123 36.75 11.25 3.45
CA ALA A 1123 37.70 11.40 2.35
C ALA A 1123 37.43 12.65 1.52
N ASN A 1124 36.15 12.92 1.24
CA ASN A 1124 35.80 14.07 0.42
C ASN A 1124 36.17 15.39 1.12
N VAL A 1125 35.92 15.48 2.43
CA VAL A 1125 36.30 16.69 3.15
C VAL A 1125 37.81 16.76 3.38
N THR A 1126 38.50 15.62 3.36
CA THR A 1126 39.97 15.66 3.35
C THR A 1126 40.47 16.29 2.06
N TYR A 1127 39.83 15.97 0.93
CA TYR A 1127 40.13 16.71 -0.30
C TYR A 1127 39.76 18.17 -0.15
N GLY A 1128 38.61 18.45 0.45
CA GLY A 1128 38.09 19.80 0.61
C GLY A 1128 38.79 20.64 1.64
N TYR A 1129 39.75 20.09 2.37
CA TYR A 1129 40.61 20.93 3.19
C TYR A 1129 41.35 21.94 2.33
N THR A 1130 41.87 21.50 1.19
CA THR A 1130 42.24 22.41 0.12
C THR A 1130 40.98 22.88 -0.61
N SER A 1131 41.12 23.96 -1.37
CA SER A 1131 40.02 24.68 -2.01
C SER A 1131 39.13 25.38 -1.02
N ALA A 1132 39.48 25.39 0.26
CA ALA A 1132 38.74 26.14 1.27
C ALA A 1132 39.15 27.61 1.20
N SER A 1133 38.80 28.23 0.07
CA SER A 1133 39.19 29.62 -0.15
C SER A 1133 38.53 30.56 0.84
N PHE A 1134 37.32 30.23 1.27
CA PHE A 1134 36.61 30.97 2.31
C PHE A 1134 36.58 30.13 3.57
N SER A 1135 36.93 30.76 4.71
CA SER A 1135 36.94 30.06 6.00
C SER A 1135 37.83 28.83 5.98
N GLY A 1136 39.01 28.95 5.39
CA GLY A 1136 39.99 27.88 5.33
C GLY A 1136 41.16 28.18 6.24
N ARG A 1137 41.59 27.17 7.00
CA ARG A 1137 42.68 27.35 7.94
C ARG A 1137 44.05 27.01 7.36
N MET A 1138 44.10 26.19 6.31
CA MET A 1138 45.32 25.94 5.57
C MET A 1138 44.95 25.45 4.17
N PRO A 1139 44.47 26.33 3.29
CA PRO A 1139 44.10 25.91 1.94
C PRO A 1139 45.25 26.10 0.97
N CYS A 1140 45.06 25.56 -0.23
CA CYS A 1140 46.02 25.72 -1.31
C CYS A 1140 45.26 25.66 -2.62
N SER A 1141 45.16 26.81 -3.30
CA SER A 1141 44.41 26.87 -4.54
C SER A 1141 45.05 26.01 -5.62
N ASP A 1142 46.38 25.97 -5.67
CA ASP A 1142 47.06 25.21 -6.72
C ASP A 1142 46.82 23.71 -6.57
N LEU A 1143 46.87 23.20 -5.34
CA LEU A 1143 46.64 21.77 -5.13
C LEU A 1143 45.24 21.35 -5.53
N ALA A 1144 44.24 22.11 -5.10
CA ALA A 1144 42.86 21.80 -5.47
C ALA A 1144 42.63 21.96 -6.97
N ASP A 1145 43.24 22.98 -7.57
CA ASP A 1145 43.14 23.16 -9.01
C ASP A 1145 43.73 21.96 -9.75
N SER A 1146 44.88 21.47 -9.28
CA SER A 1146 45.47 20.29 -9.90
C SER A 1146 44.57 19.07 -9.76
N ILE A 1147 43.98 18.88 -8.57
CA ILE A 1147 43.12 17.71 -8.36
C ILE A 1147 41.90 17.76 -9.27
N VAL A 1148 41.23 18.92 -9.32
CA VAL A 1148 40.03 19.04 -10.15
C VAL A 1148 40.38 18.92 -11.63
N GLN A 1149 41.49 19.53 -12.05
CA GLN A 1149 41.87 19.48 -13.45
C GLN A 1149 42.22 18.07 -13.89
N THR A 1150 42.95 17.32 -13.06
CA THR A 1150 43.27 15.95 -13.45
C THR A 1150 42.05 15.04 -13.37
N GLY A 1151 41.09 15.35 -12.50
CA GLY A 1151 39.83 14.62 -12.53
C GLY A 1151 39.08 14.84 -13.84
N ARG A 1152 39.01 16.10 -14.28
CA ARG A 1152 38.36 16.41 -15.55
C ARG A 1152 39.09 15.74 -16.71
N GLU A 1153 40.42 15.78 -16.70
CA GLU A 1153 41.20 15.14 -17.77
C GLU A 1153 41.01 13.64 -17.78
N THR A 1154 40.96 13.01 -16.60
CA THR A 1154 40.70 11.58 -16.53
C THR A 1154 39.32 11.23 -17.07
N LEU A 1155 38.32 12.04 -16.74
CA LEU A 1155 36.97 11.81 -17.28
C LEU A 1155 36.96 11.91 -18.79
N GLU A 1156 37.61 12.94 -19.34
CA GLU A 1156 37.65 13.11 -20.79
C GLU A 1156 38.39 11.97 -21.47
N LYS A 1157 39.49 11.51 -20.86
CA LYS A 1157 40.22 10.37 -21.41
C LYS A 1157 39.37 9.12 -21.41
N ALA A 1158 38.61 8.91 -20.33
CA ALA A 1158 37.70 7.75 -20.29
C ALA A 1158 36.63 7.84 -21.36
N ILE A 1159 36.09 9.03 -21.59
CA ILE A 1159 35.10 9.22 -22.64
C ILE A 1159 35.70 8.87 -24.00
N ASP A 1160 36.91 9.37 -24.26
CA ASP A 1160 37.57 9.09 -25.54
C ASP A 1160 37.85 7.60 -25.70
N ILE A 1161 38.29 6.93 -24.64
CA ILE A 1161 38.58 5.51 -24.70
C ILE A 1161 37.31 4.72 -25.02
N ILE A 1162 36.22 5.05 -24.34
CA ILE A 1162 34.97 4.32 -24.56
C ILE A 1162 34.43 4.56 -25.97
N GLU A 1163 34.47 5.81 -26.42
CA GLU A 1163 33.90 6.14 -27.73
C GLU A 1163 34.79 5.72 -28.89
N LYS A 1164 36.08 5.45 -28.64
CA LYS A 1164 36.97 5.08 -29.74
C LYS A 1164 36.76 3.64 -30.20
N ASP A 1165 36.44 2.74 -29.27
CA ASP A 1165 36.31 1.32 -29.60
C ASP A 1165 35.18 1.10 -30.61
N GLU A 1166 35.47 0.29 -31.63
CA GLU A 1166 34.49 -0.02 -32.66
C GLU A 1166 33.70 -1.29 -32.36
N THR A 1167 34.16 -2.12 -31.42
CA THR A 1167 33.39 -3.31 -31.06
C THR A 1167 32.05 -2.94 -30.44
N TRP A 1168 32.03 -1.90 -29.62
CA TRP A 1168 30.81 -1.35 -29.03
C TRP A 1168 30.50 -0.03 -29.73
N ASN A 1169 29.39 0.00 -30.46
CA ASN A 1169 28.93 1.24 -31.09
C ASN A 1169 28.13 2.07 -30.08
N ALA A 1170 28.81 2.45 -29.00
CA ALA A 1170 28.20 3.14 -27.87
C ALA A 1170 28.72 4.57 -27.79
N LYS A 1171 27.85 5.48 -27.37
CA LYS A 1171 28.19 6.89 -27.22
C LYS A 1171 27.82 7.36 -25.83
N VAL A 1172 28.66 8.21 -25.25
CA VAL A 1172 28.40 8.77 -23.93
C VAL A 1172 27.42 9.92 -24.08
N VAL A 1173 26.29 9.84 -23.38
CA VAL A 1173 25.23 10.83 -23.52
C VAL A 1173 25.17 11.81 -22.35
N TYR A 1174 25.69 11.45 -21.19
CA TYR A 1174 25.67 12.32 -20.03
C TYR A 1174 26.78 11.89 -19.08
N GLY A 1175 27.24 12.84 -18.26
CA GLY A 1175 28.28 12.55 -17.30
C GLY A 1175 28.48 13.63 -16.26
N ASP A 1176 28.53 13.23 -14.99
CA ASP A 1176 28.84 14.14 -13.90
C ASP A 1176 30.34 14.28 -13.75
N THR A 1177 30.81 14.81 -12.62
CA THR A 1177 32.25 14.99 -12.43
C THR A 1177 33.00 13.68 -12.54
N ASP A 1178 32.37 12.56 -12.15
CA ASP A 1178 32.98 11.24 -12.30
C ASP A 1178 32.09 10.21 -12.96
N SER A 1179 30.77 10.38 -12.94
CA SER A 1179 29.87 9.41 -13.54
C SER A 1179 29.97 9.46 -15.07
N LEU A 1180 29.44 8.43 -15.71
CA LEU A 1180 29.52 8.30 -17.16
C LEU A 1180 28.34 7.46 -17.63
N PHE A 1181 27.44 8.07 -18.39
CA PHE A 1181 26.24 7.40 -18.90
C PHE A 1181 26.49 6.97 -20.34
N VAL A 1182 26.40 5.68 -20.61
CA VAL A 1182 26.69 5.11 -21.91
C VAL A 1182 25.42 4.47 -22.45
N TYR A 1183 25.05 4.84 -23.68
CA TYR A 1183 23.83 4.36 -24.31
C TYR A 1183 24.15 3.17 -25.23
N LEU A 1184 23.38 2.09 -25.08
CA LEU A 1184 23.56 0.86 -25.84
C LEU A 1184 22.25 0.54 -26.56
N PRO A 1185 22.08 0.99 -27.80
CA PRO A 1185 20.81 0.78 -28.51
C PRO A 1185 20.59 -0.69 -28.84
N GLY A 1186 19.51 -1.26 -28.30
CA GLY A 1186 19.10 -2.62 -28.62
C GLY A 1186 20.05 -3.72 -28.19
N LYS A 1187 20.54 -3.68 -26.95
CA LYS A 1187 21.51 -4.66 -26.48
C LYS A 1187 20.93 -5.61 -25.43
N THR A 1188 19.61 -5.75 -25.38
CA THR A 1188 18.94 -6.85 -24.68
C THR A 1188 19.13 -6.86 -23.18
N ALA A 1189 19.87 -5.87 -22.64
CA ALA A 1189 20.02 -5.67 -21.20
C ALA A 1189 20.75 -6.82 -20.51
N ILE A 1190 21.10 -7.86 -21.25
CA ILE A 1190 21.95 -8.92 -20.74
C ILE A 1190 23.35 -8.87 -21.34
N GLU A 1191 23.49 -8.34 -22.55
CA GLU A 1191 24.81 -7.97 -23.06
C GLU A 1191 25.30 -6.68 -22.46
N ALA A 1192 24.39 -5.86 -21.91
CA ALA A 1192 24.79 -4.57 -21.35
C ALA A 1192 25.69 -4.75 -20.13
N PHE A 1193 25.39 -5.74 -19.29
CA PHE A 1193 26.23 -5.97 -18.11
C PHE A 1193 27.65 -6.36 -18.51
N SER A 1194 27.78 -7.29 -19.45
CA SER A 1194 29.12 -7.69 -19.91
C SER A 1194 29.84 -6.52 -20.57
N ILE A 1195 29.15 -5.75 -21.40
CA ILE A 1195 29.77 -4.61 -22.07
C ILE A 1195 30.26 -3.59 -21.04
N GLY A 1196 29.42 -3.28 -20.05
CA GLY A 1196 29.79 -2.31 -19.05
C GLY A 1196 30.96 -2.76 -18.19
N HIS A 1197 30.99 -4.05 -17.85
CA HIS A 1197 32.13 -4.59 -17.13
C HIS A 1197 33.40 -4.46 -17.96
N ALA A 1198 33.30 -4.73 -19.26
CA ALA A 1198 34.47 -4.60 -20.13
C ALA A 1198 34.97 -3.16 -20.20
N MET A 1199 34.05 -2.19 -20.35
CA MET A 1199 34.46 -0.80 -20.38
C MET A 1199 35.09 -0.37 -19.07
N ALA A 1200 34.50 -0.77 -17.94
CA ALA A 1200 35.07 -0.43 -16.65
C ALA A 1200 36.47 -1.02 -16.49
N GLU A 1201 36.64 -2.28 -16.89
CA GLU A 1201 37.96 -2.91 -16.78
C GLU A 1201 38.99 -2.20 -17.64
N ARG A 1202 38.63 -1.87 -18.88
CA ARG A 1202 39.58 -1.21 -19.77
C ARG A 1202 39.96 0.17 -19.26
N VAL A 1203 38.98 0.96 -18.82
CA VAL A 1203 39.29 2.29 -18.32
C VAL A 1203 40.13 2.20 -17.04
N THR A 1204 39.82 1.26 -16.15
CA THR A 1204 40.60 1.10 -14.93
C THR A 1204 42.03 0.70 -15.26
N GLN A 1205 42.23 -0.20 -16.21
CA GLN A 1205 43.57 -0.62 -16.58
C GLN A 1205 44.32 0.43 -17.40
N ASN A 1206 43.63 1.45 -17.90
CA ASN A 1206 44.28 2.54 -18.63
C ASN A 1206 44.63 3.72 -17.72
N ASN A 1207 44.47 3.58 -16.40
CA ASN A 1207 44.70 4.69 -15.48
C ASN A 1207 45.74 4.33 -14.42
N PRO A 1208 46.07 5.25 -13.51
CA PRO A 1208 47.05 4.95 -12.46
C PRO A 1208 46.55 3.91 -11.47
N LYS A 1209 47.39 3.53 -10.50
CA LYS A 1209 47.10 2.38 -9.67
C LYS A 1209 45.84 2.52 -8.82
N PRO A 1210 45.64 3.60 -8.05
CA PRO A 1210 44.43 3.67 -7.23
C PRO A 1210 43.16 4.01 -8.00
N ILE A 1211 43.28 4.57 -9.20
CA ILE A 1211 42.11 4.95 -9.97
C ILE A 1211 41.39 3.71 -10.46
N PHE A 1212 40.10 3.61 -10.16
CA PHE A 1212 39.29 2.46 -10.51
C PHE A 1212 37.90 2.91 -10.95
N LEU A 1213 37.40 2.33 -12.03
CA LEU A 1213 36.08 2.63 -12.55
C LEU A 1213 35.14 1.47 -12.20
N LYS A 1214 34.03 1.79 -11.55
CA LYS A 1214 33.06 0.79 -11.13
C LYS A 1214 31.88 0.75 -12.10
N PHE A 1215 31.28 -0.43 -12.23
CA PHE A 1215 30.19 -0.63 -13.17
C PHE A 1215 28.88 -0.03 -12.69
N GLU A 1216 28.70 0.15 -11.38
CA GLU A 1216 27.50 0.76 -10.82
C GLU A 1216 26.24 -0.02 -11.19
N LYS A 1217 25.40 0.55 -12.06
CA LYS A 1217 24.09 -0.04 -12.35
C LYS A 1217 23.78 0.12 -13.84
N VAL A 1218 22.60 -0.34 -14.22
CA VAL A 1218 22.09 -0.22 -15.59
C VAL A 1218 20.70 0.39 -15.52
N TYR A 1219 20.48 1.44 -16.31
CA TYR A 1219 19.18 2.09 -16.44
C TYR A 1219 18.53 1.62 -17.74
N HIS A 1220 17.70 0.59 -17.66
CA HIS A 1220 17.09 0.11 -18.90
C HIS A 1220 16.10 1.14 -19.41
N PRO A 1221 14.97 1.36 -18.73
CA PRO A 1221 14.11 2.50 -19.08
C PRO A 1221 14.55 3.73 -18.31
N SER A 1222 14.97 4.79 -19.02
CA SER A 1222 15.52 5.96 -18.38
C SER A 1222 15.09 7.22 -19.12
N ILE A 1223 15.07 8.33 -18.38
CA ILE A 1223 14.80 9.65 -18.94
C ILE A 1223 15.86 10.61 -18.39
N LEU A 1224 16.60 11.25 -19.29
CA LEU A 1224 17.55 12.29 -18.92
C LEU A 1224 16.89 13.63 -19.22
N ILE A 1225 16.60 14.41 -18.18
CA ILE A 1225 15.90 15.68 -18.34
C ILE A 1225 16.91 16.80 -18.52
N SER A 1226 17.75 17.01 -17.52
CA SER A 1226 18.75 18.07 -17.54
C SER A 1226 19.94 17.62 -16.72
N LYS A 1227 20.84 18.55 -16.44
CA LYS A 1227 22.01 18.24 -15.61
C LYS A 1227 21.57 18.03 -14.18
N LYS A 1228 22.09 16.96 -13.55
CA LYS A 1228 21.76 16.59 -12.18
C LYS A 1228 20.28 16.30 -12.00
N ARG A 1229 19.61 15.85 -13.06
CA ARG A 1229 18.17 15.58 -13.01
C ARG A 1229 17.84 14.48 -14.01
N TYR A 1230 17.53 13.28 -13.50
CA TYR A 1230 17.15 12.17 -14.34
C TYR A 1230 16.43 11.13 -13.49
N VAL A 1231 15.81 10.17 -14.17
CA VAL A 1231 15.08 9.09 -13.51
C VAL A 1231 15.13 7.86 -14.40
N GLY A 1232 15.20 6.69 -13.78
CA GLY A 1232 15.22 5.46 -14.55
C GLY A 1232 15.03 4.26 -13.65
N PHE A 1233 14.84 3.11 -14.31
CA PHE A 1233 14.74 1.83 -13.61
C PHE A 1233 16.13 1.22 -13.47
N SER A 1234 16.54 0.96 -12.24
CA SER A 1234 17.89 0.52 -11.94
C SER A 1234 17.97 -0.99 -11.78
N TYR A 1235 19.01 -1.59 -12.36
CA TYR A 1235 19.29 -3.02 -12.24
C TYR A 1235 20.74 -3.15 -11.78
N GLU A 1236 20.94 -3.28 -10.46
CA GLU A 1236 22.29 -3.35 -9.93
C GLU A 1236 23.01 -4.62 -10.37
N SER A 1237 22.31 -5.75 -10.40
CA SER A 1237 22.90 -7.03 -10.76
C SER A 1237 22.02 -7.74 -11.78
N PRO A 1238 22.60 -8.61 -12.61
CA PRO A 1238 21.79 -9.38 -13.55
C PRO A 1238 20.79 -10.30 -12.87
N SER A 1239 21.10 -10.77 -11.66
CA SER A 1239 20.16 -11.63 -10.94
C SER A 1239 18.95 -10.88 -10.43
N GLN A 1240 19.01 -9.55 -10.38
CA GLN A 1240 17.88 -8.76 -9.91
C GLN A 1240 16.69 -8.88 -10.86
N THR A 1241 15.50 -8.96 -10.29
CA THR A 1241 14.27 -9.10 -11.05
C THR A 1241 13.40 -7.85 -11.05
N LEU A 1242 13.11 -7.31 -9.87
CA LEU A 1242 12.27 -6.12 -9.75
C LEU A 1242 13.15 -4.87 -9.80
N PRO A 1243 12.93 -3.96 -10.74
CA PRO A 1243 13.77 -2.75 -10.81
C PRO A 1243 13.52 -1.84 -9.62
N ILE A 1244 14.55 -1.07 -9.28
CA ILE A 1244 14.48 -0.09 -8.21
C ILE A 1244 14.30 1.28 -8.83
N PHE A 1245 13.28 2.01 -8.37
CA PHE A 1245 12.98 3.34 -8.88
C PHE A 1245 14.08 4.30 -8.45
N ASP A 1246 14.95 4.67 -9.39
CA ASP A 1246 16.08 5.55 -9.12
C ASP A 1246 15.80 6.91 -9.74
N ALA A 1247 15.74 7.94 -8.89
CA ALA A 1247 15.47 9.30 -9.32
C ALA A 1247 16.47 10.25 -8.69
N LYS A 1248 16.92 11.23 -9.46
CA LYS A 1248 17.89 12.22 -9.01
C LYS A 1248 17.37 13.61 -9.32
N GLY A 1249 17.20 14.43 -8.29
CA GLY A 1249 16.89 15.83 -8.45
C GLY A 1249 15.46 16.16 -8.85
N ILE A 1250 14.72 15.20 -9.39
CA ILE A 1250 13.36 15.45 -9.86
C ILE A 1250 12.42 15.67 -8.67
N GLU A 1251 11.20 16.10 -8.96
CA GLU A 1251 10.25 16.48 -7.92
C GLU A 1251 9.94 15.35 -6.95
N THR A 1252 10.17 14.10 -7.35
CA THR A 1252 9.91 12.97 -6.46
C THR A 1252 10.85 12.97 -5.26
N VAL A 1253 12.08 13.44 -5.43
CA VAL A 1253 13.06 13.40 -4.36
C VAL A 1253 13.19 14.73 -3.60
N ARG A 1254 12.74 15.83 -4.18
CA ARG A 1254 12.85 17.11 -3.52
C ARG A 1254 11.76 17.28 -2.46
N ARG A 1255 12.01 18.16 -1.51
CA ARG A 1255 11.11 18.40 -0.39
C ARG A 1255 10.51 19.81 -0.39
N ASP A 1256 10.54 20.49 -1.53
CA ASP A 1256 9.90 21.79 -1.68
C ASP A 1256 8.56 21.71 -2.40
N GLY A 1257 8.02 20.50 -2.56
CA GLY A 1257 6.72 20.32 -3.18
C GLY A 1257 5.69 19.77 -2.22
N ILE A 1258 4.79 18.93 -2.71
CA ILE A 1258 3.73 18.34 -1.90
C ILE A 1258 3.74 16.82 -2.09
N PRO A 1259 3.26 16.04 -1.13
CA PRO A 1259 3.23 14.58 -1.32
C PRO A 1259 2.36 14.14 -2.50
N ALA A 1260 1.27 14.86 -2.78
CA ALA A 1260 0.40 14.48 -3.88
C ALA A 1260 1.14 14.53 -5.21
N GLN A 1261 1.91 15.59 -5.43
CA GLN A 1261 2.66 15.69 -6.68
C GLN A 1261 3.72 14.60 -6.77
N GLN A 1262 4.38 14.28 -5.65
CA GLN A 1262 5.36 13.20 -5.67
C GLN A 1262 4.71 11.88 -6.09
N LYS A 1263 3.54 11.58 -5.51
CA LYS A 1263 2.84 10.34 -5.86
C LYS A 1263 2.42 10.36 -7.32
N ILE A 1264 1.92 11.48 -7.81
CA ILE A 1264 1.42 11.55 -9.19
C ILE A 1264 2.56 11.36 -10.18
N ILE A 1265 3.68 12.06 -9.98
CA ILE A 1265 4.82 11.90 -10.88
C ILE A 1265 5.37 10.49 -10.81
N GLU A 1266 5.49 9.91 -9.61
CA GLU A 1266 6.00 8.55 -9.51
C GLU A 1266 5.11 7.58 -10.26
N LYS A 1267 3.79 7.71 -10.10
CA LYS A 1267 2.87 6.81 -10.80
C LYS A 1267 2.96 6.99 -12.31
N CYS A 1268 3.02 8.23 -12.79
CA CYS A 1268 3.11 8.46 -14.23
C CYS A 1268 4.39 7.90 -14.80
N ILE A 1269 5.52 8.10 -14.11
CA ILE A 1269 6.80 7.60 -14.59
C ILE A 1269 6.79 6.08 -14.61
N ARG A 1270 6.25 5.45 -13.56
CA ARG A 1270 6.18 3.99 -13.53
C ARG A 1270 5.30 3.45 -14.65
N LEU A 1271 4.16 4.11 -14.90
CA LEU A 1271 3.29 3.67 -15.99
C LEU A 1271 4.01 3.77 -17.34
N LEU A 1272 4.71 4.89 -17.57
CA LEU A 1272 5.42 5.06 -18.83
C LEU A 1272 6.54 4.04 -18.99
N PHE A 1273 7.25 3.73 -17.89
CA PHE A 1273 8.38 2.82 -18.00
C PHE A 1273 7.92 1.37 -18.15
N GLN A 1274 6.79 1.00 -17.55
CA GLN A 1274 6.32 -0.38 -17.62
C GLN A 1274 5.47 -0.63 -18.86
N THR A 1275 4.37 0.10 -19.02
CA THR A 1275 3.43 -0.17 -20.09
C THR A 1275 3.75 0.58 -21.38
N LYS A 1276 4.43 1.72 -21.29
CA LYS A 1276 4.73 2.60 -22.42
C LYS A 1276 3.47 3.11 -23.11
N ASP A 1277 2.30 2.94 -22.50
CA ASP A 1277 1.04 3.38 -23.08
C ASP A 1277 0.66 4.71 -22.46
N LEU A 1278 0.50 5.73 -23.30
CA LEU A 1278 0.12 7.05 -22.83
C LEU A 1278 -1.37 7.18 -22.56
N SER A 1279 -2.19 6.24 -23.04
CA SER A 1279 -3.62 6.28 -22.74
C SER A 1279 -3.87 6.06 -21.25
N LYS A 1280 -3.16 5.11 -20.65
CA LYS A 1280 -3.30 4.87 -19.21
C LYS A 1280 -2.85 6.08 -18.40
N ILE A 1281 -1.75 6.70 -18.81
CA ILE A 1281 -1.26 7.90 -18.13
C ILE A 1281 -2.28 9.02 -18.25
N LYS A 1282 -2.85 9.21 -19.44
CA LYS A 1282 -3.84 10.25 -19.64
C LYS A 1282 -5.08 10.01 -18.78
N LYS A 1283 -5.56 8.77 -18.74
CA LYS A 1283 -6.74 8.46 -17.94
C LYS A 1283 -6.47 8.67 -16.44
N TYR A 1284 -5.31 8.21 -15.97
CA TYR A 1284 -4.95 8.40 -14.56
C TYR A 1284 -4.84 9.88 -14.22
N LEU A 1285 -4.18 10.66 -15.08
CA LEU A 1285 -4.01 12.08 -14.82
C LEU A 1285 -5.35 12.80 -14.82
N GLN A 1286 -6.24 12.46 -15.76
CA GLN A 1286 -7.55 13.09 -15.80
C GLN A 1286 -8.37 12.74 -14.56
N ASN A 1287 -8.31 11.49 -14.12
CA ASN A 1287 -9.01 11.12 -12.89
C ASN A 1287 -8.46 11.87 -11.69
N GLU A 1288 -7.14 11.99 -11.59
CA GLU A 1288 -6.53 12.72 -10.48
C GLU A 1288 -6.91 14.20 -10.50
N PHE A 1289 -6.90 14.81 -11.68
CA PHE A 1289 -7.29 16.22 -11.78
C PHE A 1289 -8.75 16.42 -11.41
N PHE A 1290 -9.62 15.50 -11.85
CA PHE A 1290 -11.03 15.59 -11.48
C PHE A 1290 -11.21 15.44 -9.98
N LYS A 1291 -10.48 14.52 -9.36
CA LYS A 1291 -10.58 14.36 -7.91
C LYS A 1291 -10.10 15.60 -7.17
N ILE A 1292 -9.03 16.22 -7.66
CA ILE A 1292 -8.54 17.45 -7.03
C ILE A 1292 -9.56 18.56 -7.17
N GLN A 1293 -10.16 18.70 -8.35
CA GLN A 1293 -11.16 19.75 -8.57
C GLN A 1293 -12.39 19.54 -7.71
N ILE A 1294 -12.89 18.30 -7.64
CA ILE A 1294 -14.08 18.01 -6.86
C ILE A 1294 -13.84 18.13 -5.36
N GLY A 1295 -12.60 18.00 -4.93
CA GLY A 1295 -12.28 18.08 -3.51
C GLY A 1295 -12.11 16.77 -2.80
N LYS A 1296 -12.12 15.65 -3.53
CA LYS A 1296 -11.95 14.33 -2.92
C LYS A 1296 -10.46 14.02 -2.78
N VAL A 1297 -9.81 14.82 -1.92
CA VAL A 1297 -8.38 14.72 -1.68
C VAL A 1297 -8.13 14.71 -0.18
N SER A 1298 -6.94 14.23 0.20
CA SER A 1298 -6.63 14.04 1.61
C SER A 1298 -6.41 15.35 2.34
N ALA A 1299 -5.95 16.39 1.63
CA ALA A 1299 -5.61 17.70 2.19
C ALA A 1299 -4.39 17.64 3.10
N GLN A 1300 -3.87 16.44 3.36
CA GLN A 1300 -2.57 16.27 3.97
C GLN A 1300 -1.46 16.15 2.93
N ASP A 1301 -1.81 15.76 1.71
CA ASP A 1301 -0.87 15.65 0.60
C ASP A 1301 -0.73 16.95 -0.17
N PHE A 1302 -1.39 18.02 0.26
CA PHE A 1302 -1.30 19.31 -0.39
C PHE A 1302 -0.69 20.36 0.53
N CYS A 1303 0.16 19.92 1.45
CA CYS A 1303 0.84 20.80 2.39
C CYS A 1303 2.29 20.97 1.99
N PHE A 1304 2.72 22.22 1.81
CA PHE A 1304 4.12 22.51 1.63
C PHE A 1304 4.84 22.51 2.97
N ALA A 1305 6.13 22.19 2.96
CA ALA A 1305 6.93 22.21 4.19
C ALA A 1305 8.36 22.56 3.79
N LYS A 1306 8.69 23.83 3.90
CA LYS A 1306 10.02 24.34 3.59
C LYS A 1306 10.60 24.99 4.84
N GLU A 1307 11.85 24.66 5.15
CA GLU A 1307 12.48 25.20 6.34
C GLU A 1307 12.81 26.68 6.16
N VAL A 1308 12.60 27.47 7.22
CA VAL A 1308 12.75 28.91 7.16
C VAL A 1308 13.82 29.36 8.15
N LYS A 1309 14.50 30.44 7.80
CA LYS A 1309 15.51 31.07 8.64
C LYS A 1309 15.05 32.51 8.88
N LEU A 1310 14.42 32.76 10.02
CA LEU A 1310 13.71 34.02 10.22
C LEU A 1310 14.65 35.21 10.20
N GLY A 1311 15.84 35.07 10.77
CA GLY A 1311 16.77 36.18 10.82
C GLY A 1311 17.70 36.31 9.62
N ALA A 1312 17.51 35.50 8.58
CA ALA A 1312 18.43 35.45 7.45
C ALA A 1312 17.73 35.82 6.14
N TYR A 1313 16.93 36.87 6.16
CA TYR A 1313 16.20 37.32 4.98
C TYR A 1313 16.52 38.80 4.73
N LYS A 1314 16.62 39.16 3.45
CA LYS A 1314 17.01 40.52 3.10
C LYS A 1314 15.95 41.53 3.54
N SER A 1315 14.68 41.20 3.36
CA SER A 1315 13.60 42.11 3.75
C SER A 1315 12.33 41.30 3.94
N GLU A 1316 11.29 41.96 4.45
CA GLU A 1316 9.99 41.31 4.58
C GLU A 1316 9.39 40.97 3.23
N LYS A 1317 9.73 41.74 2.19
CA LYS A 1317 9.24 41.44 0.86
C LYS A 1317 9.86 40.17 0.30
N THR A 1318 11.13 39.90 0.63
CA THR A 1318 11.84 38.74 0.12
C THR A 1318 11.68 37.51 1.00
N ALA A 1319 10.92 37.60 2.10
CA ALA A 1319 10.73 36.46 2.98
C ALA A 1319 9.90 35.39 2.28
N PRO A 1320 10.10 34.12 2.64
CA PRO A 1320 9.35 33.05 2.00
C PRO A 1320 7.90 33.02 2.45
N ALA A 1321 7.10 32.17 1.80
CA ALA A 1321 5.69 32.04 2.13
C ALA A 1321 5.49 31.46 3.53
N GLY A 1322 6.32 30.50 3.92
CA GLY A 1322 6.22 29.96 5.27
C GLY A 1322 6.64 30.94 6.33
N ALA A 1323 7.52 31.88 5.99
CA ALA A 1323 7.90 32.92 6.93
C ALA A 1323 6.72 33.81 7.29
N VAL A 1324 5.82 34.06 6.35
CA VAL A 1324 4.63 34.85 6.64
C VAL A 1324 3.74 34.14 7.66
N VAL A 1325 3.53 32.84 7.48
CA VAL A 1325 2.72 32.08 8.41
C VAL A 1325 3.37 32.05 9.78
N VAL A 1326 4.68 31.82 9.83
CA VAL A 1326 5.39 31.79 11.11
C VAL A 1326 5.29 33.14 11.80
N LYS A 1327 5.44 34.22 11.05
CA LYS A 1327 5.36 35.57 11.63
C LYS A 1327 3.96 35.86 12.15
N ARG A 1328 2.93 35.41 11.44
CA ARG A 1328 1.57 35.60 11.92
C ARG A 1328 1.34 34.85 13.23
N ARG A 1329 1.84 33.61 13.31
CA ARG A 1329 1.71 32.85 14.56
C ARG A 1329 2.49 33.52 15.68
N ILE A 1330 3.67 34.07 15.38
CA ILE A 1330 4.45 34.79 16.38
C ILE A 1330 3.70 36.02 16.85
N ASN A 1331 3.03 36.72 15.93
CA ASN A 1331 2.23 37.88 16.31
C ASN A 1331 1.10 37.49 17.25
N GLU A 1332 0.43 36.37 16.97
CA GLU A 1332 -0.64 35.93 17.87
C GLU A 1332 -0.10 35.39 19.20
N ASP A 1333 1.14 34.90 19.22
CA ASP A 1333 1.76 34.42 20.46
C ASP A 1333 3.27 34.38 20.27
N HIS A 1334 4.00 35.09 21.12
CA HIS A 1334 5.43 35.24 20.91
C HIS A 1334 6.22 33.97 21.20
N ARG A 1335 5.63 33.01 21.91
CA ARG A 1335 6.32 31.76 22.21
C ARG A 1335 6.31 30.79 21.03
N ALA A 1336 5.55 31.07 19.98
CA ALA A 1336 5.50 30.21 18.80
C ALA A 1336 6.57 30.60 17.79
N GLU A 1337 7.81 30.72 18.26
CA GLU A 1337 8.93 31.07 17.39
C GLU A 1337 9.63 29.80 16.94
N PRO A 1338 9.75 29.56 15.65
CA PRO A 1338 10.35 28.30 15.18
C PRO A 1338 11.84 28.27 15.42
N GLN A 1339 12.38 27.06 15.46
CA GLN A 1339 13.81 26.86 15.53
C GLN A 1339 14.45 27.14 14.18
N TYR A 1340 15.77 27.26 14.18
CA TYR A 1340 16.50 27.53 12.95
C TYR A 1340 16.37 26.36 11.98
N LYS A 1341 16.08 26.68 10.72
CA LYS A 1341 15.94 25.68 9.66
C LYS A 1341 14.89 24.63 10.01
N GLU A 1342 13.72 25.10 10.44
CA GLU A 1342 12.60 24.25 10.80
C GLU A 1342 11.52 24.39 9.74
N ARG A 1343 11.04 23.25 9.24
CA ARG A 1343 10.01 23.28 8.20
C ARG A 1343 8.67 23.69 8.79
N ILE A 1344 8.05 24.69 8.17
CA ILE A 1344 6.76 25.22 8.62
C ILE A 1344 5.71 24.83 7.58
N PRO A 1345 4.75 23.98 7.93
CA PRO A 1345 3.75 23.55 6.94
C PRO A 1345 2.74 24.64 6.65
N TYR A 1346 2.28 24.68 5.40
CA TYR A 1346 1.26 25.65 4.99
C TYR A 1346 0.57 25.14 3.74
N LEU A 1347 -0.63 25.69 3.51
CA LEU A 1347 -1.41 25.42 2.31
C LEU A 1347 -1.82 26.74 1.67
N VAL A 1348 -2.18 26.68 0.40
CA VAL A 1348 -2.71 27.83 -0.30
C VAL A 1348 -4.21 27.66 -0.45
N VAL A 1349 -4.94 28.78 -0.45
CA VAL A 1349 -6.39 28.76 -0.49
C VAL A 1349 -6.86 29.69 -1.59
N LYS A 1350 -8.12 29.52 -1.98
CA LYS A 1350 -8.70 30.36 -3.02
C LYS A 1350 -8.77 31.81 -2.56
N GLY A 1351 -8.50 32.74 -3.48
CA GLY A 1351 -8.52 34.15 -3.16
C GLY A 1351 -8.91 35.01 -4.34
N LYS A 1352 -8.82 36.32 -4.18
CA LYS A 1352 -9.15 37.24 -5.26
C LYS A 1352 -8.12 37.14 -6.39
N GLN A 1353 -8.55 37.52 -7.58
CA GLN A 1353 -7.67 37.48 -8.74
C GLN A 1353 -6.53 38.47 -8.58
N GLY A 1354 -5.32 38.03 -8.93
CA GLY A 1354 -4.14 38.85 -8.80
C GLY A 1354 -3.52 38.88 -7.42
N GLN A 1355 -4.09 38.17 -6.46
CA GLN A 1355 -3.52 38.11 -5.12
C GLN A 1355 -2.21 37.33 -5.13
N LEU A 1356 -1.25 37.79 -4.34
CA LEU A 1356 0.04 37.14 -4.27
C LEU A 1356 -0.08 35.77 -3.62
N LEU A 1357 0.84 34.87 -3.99
CA LEU A 1357 0.82 33.52 -3.43
C LEU A 1357 1.05 33.55 -1.92
N ARG A 1358 1.97 34.40 -1.46
CA ARG A 1358 2.23 34.53 -0.03
C ARG A 1358 1.08 35.16 0.72
N GLU A 1359 0.12 35.78 0.02
CA GLU A 1359 -1.00 36.41 0.69
C GLU A 1359 -2.01 35.39 1.20
N ARG A 1360 -2.13 34.25 0.54
CA ARG A 1360 -3.07 33.22 0.98
C ARG A 1360 -2.47 32.39 2.12
N CYS A 1361 -1.45 31.60 1.81
CA CYS A 1361 -0.52 30.99 2.77
C CYS A 1361 -1.22 30.55 4.07
N VAL A 1362 -2.19 29.64 3.90
CA VAL A 1362 -2.99 29.18 5.04
C VAL A 1362 -2.25 28.06 5.75
N SER A 1363 -2.11 28.21 7.07
CA SER A 1363 -1.56 27.14 7.88
C SER A 1363 -2.58 25.99 7.98
N PRO A 1364 -2.11 24.75 8.17
CA PRO A 1364 -3.06 23.65 8.34
C PRO A 1364 -4.01 23.84 9.51
N GLU A 1365 -3.53 24.41 10.62
CA GLU A 1365 -4.41 24.70 11.75
C GLU A 1365 -5.49 25.71 11.35
N GLU A 1366 -5.11 26.75 10.61
CA GLU A 1366 -6.09 27.73 10.15
C GLU A 1366 -6.98 27.16 9.06
N PHE A 1367 -6.42 26.33 8.18
CA PHE A 1367 -7.20 25.75 7.10
C PHE A 1367 -8.29 24.83 7.62
N LEU A 1368 -7.95 23.97 8.60
CA LEU A 1368 -8.94 23.03 9.10
C LEU A 1368 -10.01 23.72 9.93
N GLU A 1369 -9.62 24.72 10.73
CA GLU A 1369 -10.60 25.46 11.52
C GLU A 1369 -11.39 26.46 10.70
N GLY A 1370 -10.87 26.87 9.53
CA GLY A 1370 -11.58 27.78 8.66
C GLY A 1370 -12.89 27.20 8.13
N GLU A 1371 -13.98 27.95 8.29
CA GLU A 1371 -15.28 27.44 7.87
C GLU A 1371 -15.42 27.43 6.36
N ASN A 1372 -14.98 28.49 5.69
CA ASN A 1372 -15.16 28.66 4.25
C ASN A 1372 -13.83 28.77 3.54
N LEU A 1373 -12.87 27.93 3.91
CA LEU A 1373 -11.55 27.89 3.28
C LEU A 1373 -11.51 26.70 2.34
N GLU A 1374 -11.18 26.96 1.07
CA GLU A 1374 -11.12 25.92 0.05
C GLU A 1374 -9.75 25.89 -0.58
N LEU A 1375 -9.25 24.69 -0.87
CA LEU A 1375 -7.96 24.55 -1.51
C LEU A 1375 -7.99 25.14 -2.92
N ASP A 1376 -6.91 25.81 -3.30
CA ASP A 1376 -6.81 26.42 -4.62
C ASP A 1376 -6.55 25.31 -5.64
N SER A 1377 -7.64 24.72 -6.13
CA SER A 1377 -7.52 23.61 -7.07
C SER A 1377 -6.83 24.04 -8.35
N GLU A 1378 -7.19 25.21 -8.89
CA GLU A 1378 -6.58 25.67 -10.13
C GLU A 1378 -5.09 25.92 -9.96
N TYR A 1379 -4.71 26.59 -8.87
CA TYR A 1379 -3.29 26.87 -8.64
C TYR A 1379 -2.50 25.58 -8.48
N TYR A 1380 -3.00 24.65 -7.68
CA TYR A 1380 -2.29 23.39 -7.50
C TYR A 1380 -2.16 22.66 -8.83
N ILE A 1381 -3.29 22.43 -9.51
CA ILE A 1381 -3.30 21.64 -10.73
C ILE A 1381 -2.37 22.24 -11.77
N ASN A 1382 -2.40 23.57 -11.94
CA ASN A 1382 -1.49 24.17 -12.93
C ASN A 1382 -0.06 24.19 -12.40
N LYS A 1383 0.21 24.99 -11.38
CA LYS A 1383 1.58 25.30 -11.00
C LYS A 1383 2.35 24.10 -10.48
N ILE A 1384 1.73 23.28 -9.63
CA ILE A 1384 2.49 22.22 -8.98
C ILE A 1384 2.54 20.94 -9.82
N LEU A 1385 1.56 20.74 -10.70
CA LEU A 1385 1.47 19.49 -11.45
C LEU A 1385 1.90 19.63 -12.90
N ILE A 1386 1.40 20.65 -13.62
CA ILE A 1386 1.66 20.72 -15.07
C ILE A 1386 3.14 20.90 -15.39
N PRO A 1387 3.91 21.75 -14.73
CA PRO A 1387 5.30 21.97 -15.14
C PRO A 1387 6.16 20.72 -15.04
N PRO A 1388 6.20 20.01 -13.90
CA PRO A 1388 7.07 18.81 -13.86
C PRO A 1388 6.64 17.73 -14.84
N LEU A 1389 5.33 17.53 -15.01
CA LEU A 1389 4.86 16.53 -15.95
C LEU A 1389 5.20 16.94 -17.39
N ASP A 1390 5.10 18.23 -17.71
CA ASP A 1390 5.51 18.70 -19.02
C ASP A 1390 7.00 18.52 -19.24
N ARG A 1391 7.81 18.81 -18.21
CA ARG A 1391 9.25 18.65 -18.34
C ARG A 1391 9.62 17.19 -18.59
N LEU A 1392 8.95 16.27 -17.91
CA LEU A 1392 9.22 14.85 -18.12
C LEU A 1392 8.61 14.31 -19.41
N PHE A 1393 7.53 14.92 -19.91
CA PHE A 1393 6.79 14.37 -21.03
C PHE A 1393 6.95 15.14 -22.33
N ASN A 1394 7.53 16.35 -22.29
CA ASN A 1394 7.83 17.04 -23.54
C ASN A 1394 8.95 16.36 -24.30
N LEU A 1395 9.81 15.60 -23.61
CA LEU A 1395 10.82 14.80 -24.29
C LEU A 1395 10.22 13.66 -25.08
N ILE A 1396 8.97 13.30 -24.82
CA ILE A 1396 8.27 12.30 -25.60
C ILE A 1396 7.56 12.93 -26.79
N GLY A 1397 7.01 14.13 -26.62
CA GLY A 1397 6.35 14.83 -27.70
C GLY A 1397 4.95 15.27 -27.35
N ILE A 1398 4.55 15.06 -26.11
CA ILE A 1398 3.21 15.39 -25.64
C ILE A 1398 3.32 16.30 -24.42
N ASN A 1399 2.25 17.06 -24.19
CA ASN A 1399 2.17 17.94 -23.03
C ASN A 1399 0.89 17.64 -22.25
N VAL A 1400 1.02 17.55 -20.93
CA VAL A 1400 -0.13 17.26 -20.08
C VAL A 1400 -1.06 18.44 -19.92
N GLY A 1401 -0.69 19.62 -20.43
CA GLY A 1401 -1.57 20.77 -20.33
C GLY A 1401 -2.85 20.60 -21.10
N ASN A 1402 -2.78 20.01 -22.29
CA ASN A 1402 -3.99 19.76 -23.07
C ASN A 1402 -4.91 18.79 -22.36
N TRP A 1403 -4.34 17.74 -21.75
CA TRP A 1403 -5.16 16.78 -21.01
C TRP A 1403 -5.87 17.46 -19.85
N ALA A 1404 -5.17 18.32 -19.12
CA ALA A 1404 -5.78 19.03 -18.00
C ALA A 1404 -6.87 19.99 -18.47
N GLN A 1405 -6.61 20.72 -19.57
CA GLN A 1405 -7.60 21.67 -20.05
C GLN A 1405 -8.81 20.98 -20.65
N GLU A 1406 -8.67 19.76 -21.13
CA GLU A 1406 -9.81 19.01 -21.63
C GLU A 1406 -10.72 18.51 -20.52
N ILE A 1407 -10.27 18.53 -19.28
CA ILE A 1407 -11.08 18.07 -18.15
C ILE A 1407 -11.56 19.26 -17.33
N ASP A 1449 -38.02 17.45 -10.01
CA ASP A 1449 -39.23 17.27 -10.82
C ASP A 1449 -39.46 15.79 -11.11
N ASP A 1450 -38.74 15.26 -12.09
CA ASP A 1450 -38.87 13.84 -12.42
C ASP A 1450 -38.41 12.97 -11.26
N CYS A 1451 -37.31 13.36 -10.60
CA CYS A 1451 -36.83 12.59 -9.45
C CYS A 1451 -37.81 12.66 -8.30
N LEU A 1452 -38.46 13.81 -8.10
CA LEU A 1452 -39.43 13.94 -7.01
C LEU A 1452 -40.62 13.03 -7.20
N GLU A 1453 -41.04 12.79 -8.45
CA GLU A 1453 -42.16 11.90 -8.70
C GLU A 1453 -41.84 10.48 -8.24
N LYS A 1454 -40.63 10.00 -8.52
CA LYS A 1454 -40.18 8.67 -8.08
C LYS A 1454 -39.61 8.81 -6.67
N ARG A 1455 -40.51 8.74 -5.69
CA ARG A 1455 -40.10 8.93 -4.30
C ARG A 1455 -39.17 7.81 -3.83
N SER A 1456 -39.43 6.57 -4.26
CA SER A 1456 -38.66 5.44 -3.77
C SER A 1456 -37.19 5.56 -4.15
N THR A 1457 -36.90 5.87 -5.40
CA THR A 1457 -35.51 5.97 -5.85
C THR A 1457 -34.78 7.10 -5.14
N THR A 1458 -35.44 8.26 -5.02
CA THR A 1458 -34.81 9.41 -4.36
C THR A 1458 -34.52 9.12 -2.90
N THR A 1459 -35.50 8.57 -2.17
CA THR A 1459 -35.29 8.26 -0.76
C THR A 1459 -34.23 7.18 -0.59
N LEU A 1460 -34.18 6.22 -1.52
CA LEU A 1460 -33.16 5.18 -1.43
C LEU A 1460 -31.77 5.76 -1.64
N SER A 1461 -31.60 6.65 -2.62
CA SER A 1461 -30.30 7.27 -2.86
C SER A 1461 -29.86 8.11 -1.67
N PHE A 1462 -30.79 8.91 -1.12
CA PHE A 1462 -30.45 9.73 0.04
C PHE A 1462 -30.06 8.86 1.23
N LEU A 1463 -30.82 7.79 1.47
CA LEU A 1463 -30.52 6.89 2.57
C LEU A 1463 -29.16 6.22 2.37
N ILE A 1464 -28.85 5.80 1.15
CA ILE A 1464 -27.58 5.14 0.89
C ILE A 1464 -26.43 6.09 1.17
N LYS A 1465 -26.53 7.34 0.69
CA LYS A 1465 -25.47 8.30 0.93
C LYS A 1465 -25.29 8.57 2.43
N LYS A 1466 -26.40 8.80 3.14
CA LYS A 1466 -26.32 9.09 4.57
C LYS A 1466 -25.73 7.90 5.33
N LEU A 1467 -26.15 6.68 5.00
CA LEU A 1467 -25.66 5.51 5.71
C LEU A 1467 -24.18 5.26 5.42
N LYS A 1468 -23.75 5.51 4.18
CA LYS A 1468 -22.32 5.39 3.88
C LYS A 1468 -21.51 6.37 4.72
N ARG A 1469 -21.96 7.63 4.80
CA ARG A 1469 -21.23 8.61 5.59
C ARG A 1469 -21.21 8.22 7.07
N GLN A 1470 -22.35 7.75 7.60
CA GLN A 1470 -22.42 7.37 9.00
C GLN A 1470 -21.50 6.18 9.30
N LYS A 1471 -21.48 5.17 8.42
CA LYS A 1471 -20.62 4.02 8.63
C LYS A 1471 -19.15 4.41 8.59
N GLU A 1472 -18.78 5.29 7.64
CA GLU A 1472 -17.40 5.74 7.58
C GLU A 1472 -17.00 6.50 8.85
N TYR A 1473 -17.90 7.36 9.34
CA TYR A 1473 -17.60 8.11 10.56
C TYR A 1473 -17.48 7.17 11.76
N GLN A 1474 -18.34 6.15 11.84
CA GLN A 1474 -18.26 5.19 12.94
C GLN A 1474 -16.95 4.42 12.91
N THR A 1475 -16.52 4.00 11.71
CA THR A 1475 -15.24 3.31 11.58
C THR A 1475 -14.08 4.21 12.02
N LEU A 1476 -14.12 5.48 11.60
CA LEU A 1476 -13.06 6.41 12.02
C LEU A 1476 -13.04 6.59 13.52
N LYS A 1477 -14.21 6.72 14.14
CA LYS A 1477 -14.28 6.88 15.59
C LYS A 1477 -13.76 5.65 16.31
N THR A 1478 -14.08 4.45 15.80
CA THR A 1478 -13.55 3.24 16.41
C THR A 1478 -12.03 3.19 16.30
N VAL A 1479 -11.49 3.58 15.14
CA VAL A 1479 -10.03 3.59 14.97
C VAL A 1479 -9.39 4.55 15.95
N CYS A 1480 -9.97 5.75 16.08
CA CYS A 1480 -9.41 6.75 16.99
C CYS A 1480 -9.49 6.29 18.45
N ARG A 1481 -10.59 5.64 18.82
CA ARG A 1481 -10.73 5.13 20.18
C ARG A 1481 -9.70 4.05 20.47
N THR A 1482 -9.49 3.13 19.52
CA THR A 1482 -8.46 2.12 19.70
C THR A 1482 -7.07 2.74 19.81
N CYS A 1483 -6.81 3.78 19.01
CA CYS A 1483 -5.52 4.47 19.09
C CYS A 1483 -5.33 5.15 20.44
N SER A 1484 -6.36 5.85 20.93
CA SER A 1484 -6.28 6.55 22.21
C SER A 1484 -6.26 5.60 23.40
N TYR A 1485 -6.60 4.34 23.20
CA TYR A 1485 -6.47 3.35 24.28
C TYR A 1485 -5.04 3.24 24.78
N ARG A 1486 -4.05 3.65 23.97
CA ARG A 1486 -2.66 3.61 24.41
C ARG A 1486 -2.43 4.49 25.63
N TYR A 1487 -3.00 5.69 25.63
CA TYR A 1487 -2.90 6.59 26.77
C TYR A 1487 -3.98 6.31 27.81
N THR A 1488 -5.24 6.28 27.37
CA THR A 1488 -6.35 6.20 28.31
C THR A 1488 -6.37 4.85 29.04
N SER A 1489 -6.08 3.77 28.33
CA SER A 1489 -6.22 2.41 28.85
C SER A 1489 -7.64 2.15 29.34
N ASP A 1490 -8.62 2.73 28.64
CA ASP A 1490 -10.03 2.61 28.97
C ASP A 1490 -10.81 2.36 27.70
N ALA A 1491 -11.95 1.68 27.82
CA ALA A 1491 -12.74 1.30 26.67
C ALA A 1491 -14.12 1.93 26.59
N GLY A 1492 -14.59 2.55 27.65
CA GLY A 1492 -15.91 3.15 27.69
C GLY A 1492 -15.87 4.65 27.42
N ILE A 1493 -16.89 5.34 27.92
CA ILE A 1493 -16.88 6.81 27.86
C ILE A 1493 -15.73 7.34 28.69
N GLU A 1494 -15.37 8.59 28.44
CA GLU A 1494 -14.18 9.30 28.93
C GLU A 1494 -12.94 8.82 28.21
N ASN A 1495 -13.04 7.81 27.35
CA ASN A 1495 -12.00 7.48 26.39
C ASN A 1495 -12.32 7.95 24.99
N ASP A 1496 -13.60 7.95 24.61
CA ASP A 1496 -14.00 8.55 23.34
C ASP A 1496 -13.85 10.07 23.39
N HIS A 1497 -14.07 10.68 24.56
CA HIS A 1497 -13.83 12.11 24.72
C HIS A 1497 -12.37 12.45 24.47
N ILE A 1498 -11.47 11.69 25.11
CA ILE A 1498 -10.04 11.91 24.94
C ILE A 1498 -9.63 11.63 23.51
N ALA A 1499 -10.19 10.59 22.90
CA ALA A 1499 -9.87 10.28 21.50
C ALA A 1499 -10.31 11.42 20.58
N SER A 1500 -11.47 12.03 20.86
CA SER A 1500 -11.93 13.16 20.06
C SER A 1500 -11.10 14.41 20.32
N LYS A 1501 -10.44 14.50 21.48
CA LYS A 1501 -9.62 15.67 21.77
C LYS A 1501 -8.30 15.69 20.99
N CYS A 1502 -7.97 14.63 20.27
CA CYS A 1502 -6.73 14.58 19.51
C CYS A 1502 -6.77 15.55 18.35
N ASN A 1503 -5.64 16.20 18.08
CA ASN A 1503 -5.49 17.09 16.92
C ASN A 1503 -4.15 16.88 16.25
N SER A 1504 -3.76 15.61 16.07
CA SER A 1504 -2.48 15.30 15.45
C SER A 1504 -2.53 15.59 13.96
N TYR A 1505 -1.70 16.50 13.49
CA TYR A 1505 -1.67 16.90 12.09
C TYR A 1505 -0.78 16.03 11.24
N ASP A 1506 -0.15 15.00 11.82
CA ASP A 1506 0.67 14.05 11.08
C ASP A 1506 -0.07 12.77 10.74
N CYS A 1507 -1.35 12.66 11.12
CA CYS A 1507 -2.12 11.45 10.90
C CYS A 1507 -3.21 11.70 9.87
N PRO A 1508 -3.29 10.89 8.81
CA PRO A 1508 -4.38 11.05 7.85
C PRO A 1508 -5.75 10.76 8.41
N VAL A 1509 -5.84 9.96 9.48
CA VAL A 1509 -7.12 9.66 10.10
C VAL A 1509 -7.72 10.92 10.70
N PHE A 1510 -6.89 11.81 11.24
CA PHE A 1510 -7.39 13.08 11.76
C PHE A 1510 -8.03 13.92 10.67
N TYR A 1511 -7.38 14.01 9.51
CA TYR A 1511 -7.95 14.75 8.39
C TYR A 1511 -9.24 14.10 7.91
N SER A 1512 -9.27 12.76 7.83
CA SER A 1512 -10.47 12.07 7.41
C SER A 1512 -11.62 12.32 8.38
N ARG A 1513 -11.34 12.29 9.68
CA ARG A 1513 -12.37 12.53 10.69
C ARG A 1513 -12.90 13.96 10.61
N VAL A 1514 -12.01 14.93 10.43
CA VAL A 1514 -12.44 16.31 10.30
C VAL A 1514 -13.33 16.49 9.07
N LYS A 1515 -12.92 15.90 7.95
CA LYS A 1515 -13.72 15.99 6.74
C LYS A 1515 -15.07 15.32 6.91
N ALA A 1516 -15.11 14.17 7.58
CA ALA A 1516 -16.37 13.47 7.79
C ALA A 1516 -17.30 14.28 8.68
N GLU A 1517 -16.77 14.89 9.74
CA GLU A 1517 -17.59 15.73 10.60
C GLU A 1517 -18.14 16.93 9.82
N ARG A 1518 -17.30 17.55 9.00
CA ARG A 1518 -17.76 18.67 8.18
C ARG A 1518 -18.86 18.24 7.22
N TYR A 1519 -18.70 17.06 6.60
CA TYR A 1519 -19.72 16.55 5.69
C TYR A 1519 -21.04 16.29 6.43
N LEU A 1520 -20.96 15.71 7.62
CA LEU A 1520 -22.17 15.42 8.39
C LEU A 1520 -22.87 16.71 8.82
N ARG A 1521 -22.10 17.74 9.16
CA ARG A 1521 -22.67 19.00 9.61
C ARG A 1521 -22.84 20.01 8.47
N ASP A 1522 -22.59 19.61 7.23
CA ASP A 1522 -22.68 20.53 6.10
C ASP A 1522 -24.13 20.90 5.83
N ASN A 1523 -24.31 22.00 5.09
CA ASN A 1523 -25.64 22.45 4.73
C ASN A 1523 -26.32 21.51 3.75
N GLN A 1524 -25.54 20.85 2.88
CA GLN A 1524 -26.13 19.92 1.93
C GLN A 1524 -26.79 18.74 2.63
N SER A 1525 -26.17 18.25 3.71
CA SER A 1525 -26.77 17.18 4.49
C SER A 1525 -28.10 17.64 5.11
N VAL A 1526 -28.15 18.88 5.60
CA VAL A 1526 -29.39 19.44 6.12
C VAL A 1526 -30.43 19.51 5.01
N GLN A 1527 -30.02 19.93 3.81
CA GLN A 1527 -30.93 19.99 2.67
C GLN A 1527 -31.46 18.61 2.34
N ARG A 1528 -30.60 17.59 2.34
CA ARG A 1528 -31.04 16.23 2.06
C ARG A 1528 -32.01 15.73 3.10
N GLU A 1529 -31.76 16.02 4.38
CA GLU A 1529 -32.68 15.60 5.44
C GLU A 1529 -34.03 16.28 5.30
N GLU A 1530 -34.03 17.58 4.99
CA GLU A 1530 -35.29 18.29 4.79
C GLU A 1530 -36.06 17.72 3.59
N ALA A 1531 -35.34 17.43 2.51
CA ALA A 1531 -35.99 16.81 1.35
C ALA A 1531 -36.56 15.45 1.70
N LEU A 1532 -35.85 14.66 2.50
CA LEU A 1532 -36.34 13.35 2.92
C LEU A 1532 -37.61 13.49 3.75
N ILE A 1533 -37.62 14.44 4.69
CA ILE A 1533 -38.80 14.68 5.51
C ILE A 1533 -39.98 15.09 4.65
N SER A 1534 -39.75 15.99 3.68
CA SER A 1534 -40.82 16.43 2.81
C SER A 1534 -41.35 15.28 1.95
N LEU A 1535 -40.44 14.45 1.43
CA LEU A 1535 -40.85 13.33 0.58
C LEU A 1535 -41.67 12.31 1.36
N ASN A 1536 -41.27 12.02 2.60
CA ASN A 1536 -41.95 11.01 3.41
C ASN A 1536 -43.02 11.60 4.31
N ASP A 1537 -43.44 12.84 4.06
CA ASP A 1537 -44.50 13.46 4.84
C ASP A 1537 -45.89 13.01 4.42
N TRP A 1538 -46.01 12.26 3.33
CA TRP A 1538 -47.30 11.76 2.87
C TRP A 1538 -47.84 10.67 3.78
N MET B 1 -11.18 -11.64 -61.82
CA MET B 1 -10.99 -13.09 -61.79
C MET B 1 -9.60 -13.46 -61.27
N ASN B 2 -8.67 -13.68 -62.20
CA ASN B 2 -7.32 -14.06 -61.80
C ASN B 2 -6.52 -12.89 -61.25
N ARG B 3 -6.82 -11.67 -61.69
CA ARG B 3 -6.03 -10.51 -61.26
C ARG B 3 -6.15 -10.31 -59.75
N TRP B 4 -7.37 -10.26 -59.23
CA TRP B 4 -7.56 -10.11 -57.80
C TRP B 4 -7.07 -11.34 -57.04
N VAL B 5 -7.23 -12.51 -57.63
CA VAL B 5 -6.76 -13.74 -57.00
C VAL B 5 -5.26 -13.65 -56.73
N GLU B 6 -4.48 -13.28 -57.75
CA GLU B 6 -3.04 -13.15 -57.57
C GLU B 6 -2.69 -11.98 -56.65
N LYS B 7 -3.38 -10.85 -56.82
CA LYS B 7 -3.08 -9.66 -56.04
C LYS B 7 -3.23 -9.91 -54.55
N TRP B 8 -4.26 -10.67 -54.16
CA TRP B 8 -4.44 -10.98 -52.75
C TRP B 8 -3.71 -12.25 -52.33
N LEU B 9 -3.40 -13.15 -53.26
CA LEU B 9 -2.65 -14.35 -52.91
C LEU B 9 -1.22 -14.02 -52.53
N ARG B 10 -0.63 -13.01 -53.17
CA ARG B 10 0.71 -12.57 -52.76
C ARG B 10 0.73 -12.20 -51.28
N VAL B 11 -0.18 -11.33 -50.87
CA VAL B 11 -0.23 -10.88 -49.48
C VAL B 11 -0.60 -12.04 -48.55
N TYR B 12 -1.53 -12.90 -49.00
CA TYR B 12 -1.92 -14.03 -48.16
C TYR B 12 -0.75 -14.96 -47.90
N LEU B 13 0.04 -15.26 -48.94
CA LEU B 13 1.18 -16.15 -48.76
C LEU B 13 2.27 -15.49 -47.92
N LYS B 14 2.47 -14.18 -48.09
CA LYS B 14 3.45 -13.49 -47.26
C LYS B 14 3.06 -13.56 -45.79
N CYS B 15 1.79 -13.29 -45.48
CA CYS B 15 1.32 -13.38 -44.10
C CYS B 15 1.37 -14.81 -43.59
N TYR B 16 1.04 -15.78 -44.44
CA TYR B 16 1.17 -17.20 -44.12
C TYR B 16 2.57 -17.52 -43.62
N ILE B 17 3.58 -17.23 -44.46
CA ILE B 17 4.95 -17.61 -44.14
C ILE B 17 5.44 -16.84 -42.92
N ASN B 18 5.14 -15.55 -42.83
CA ASN B 18 5.61 -14.78 -41.68
C ASN B 18 4.97 -15.26 -40.38
N LEU B 19 3.68 -15.58 -40.41
CA LEU B 19 3.00 -16.09 -39.22
C LEU B 19 3.59 -17.43 -38.79
N ILE B 20 3.82 -18.33 -39.75
CA ILE B 20 4.42 -19.62 -39.40
C ILE B 20 5.81 -19.43 -38.84
N LEU B 21 6.59 -18.52 -39.42
CA LEU B 21 7.95 -18.29 -38.94
C LEU B 21 7.95 -17.71 -37.53
N PHE B 22 7.06 -16.77 -37.24
CA PHE B 22 7.06 -16.12 -35.93
C PHE B 22 6.49 -17.03 -34.85
N TYR B 23 5.38 -17.73 -35.14
CA TYR B 23 4.73 -18.51 -34.10
C TYR B 23 5.52 -19.75 -33.72
N ARG B 24 6.35 -20.26 -34.62
CA ARG B 24 7.38 -21.21 -34.27
C ARG B 24 8.68 -20.44 -34.05
N ASN B 25 9.74 -21.15 -33.68
CA ASN B 25 11.02 -20.51 -33.37
C ASN B 25 12.07 -20.79 -34.43
N VAL B 26 11.68 -20.76 -35.70
CA VAL B 26 12.68 -20.79 -36.75
C VAL B 26 13.51 -19.52 -36.73
N TYR B 27 12.89 -18.39 -36.40
CA TYR B 27 13.59 -17.14 -36.15
C TYR B 27 13.07 -16.53 -34.86
N PRO B 28 13.92 -15.88 -34.08
CA PRO B 28 13.52 -15.45 -32.73
C PRO B 28 12.55 -14.28 -32.80
N PRO B 29 11.73 -14.11 -31.77
CA PRO B 29 11.00 -12.85 -31.61
C PRO B 29 11.98 -11.72 -31.39
N GLN B 30 11.46 -10.49 -31.47
CA GLN B 30 12.21 -9.23 -31.49
C GLN B 30 12.88 -9.02 -32.84
N SER B 31 12.84 -10.00 -33.74
CA SER B 31 13.25 -9.83 -35.12
C SER B 31 12.07 -9.59 -36.04
N PHE B 32 10.85 -9.54 -35.50
CA PHE B 32 9.63 -9.29 -36.25
C PHE B 32 9.05 -7.94 -35.86
N ASP B 33 8.13 -7.47 -36.70
CA ASP B 33 7.41 -6.20 -36.48
C ASP B 33 5.93 -6.53 -36.36
N TYR B 34 5.48 -6.84 -35.15
CA TYR B 34 4.11 -7.26 -34.90
C TYR B 34 3.20 -6.12 -34.48
N THR B 35 3.70 -4.89 -34.44
CA THR B 35 2.93 -3.77 -33.89
C THR B 35 2.34 -2.86 -34.96
N THR B 36 3.04 -2.68 -36.09
CA THR B 36 2.67 -1.66 -37.07
C THR B 36 2.19 -2.26 -38.39
N TYR B 37 1.40 -3.33 -38.33
CA TYR B 37 0.89 -3.93 -39.55
C TYR B 37 -0.42 -4.66 -39.28
N GLN B 38 -1.26 -4.75 -40.30
CA GLN B 38 -2.50 -5.52 -40.28
C GLN B 38 -2.59 -6.33 -41.57
N SER B 39 -3.06 -7.56 -41.45
CA SER B 39 -3.02 -8.47 -42.60
C SER B 39 -4.23 -8.29 -43.52
N PHE B 40 -5.43 -8.60 -43.02
CA PHE B 40 -6.64 -8.62 -43.84
C PHE B 40 -7.79 -7.97 -43.08
N ASN B 41 -7.52 -6.81 -42.49
CA ASN B 41 -8.47 -6.09 -41.63
C ASN B 41 -8.82 -6.88 -40.38
N LEU B 42 -8.00 -7.87 -40.02
CA LEU B 42 -8.26 -8.71 -38.87
C LEU B 42 -7.87 -7.99 -37.58
N PRO B 43 -8.57 -8.25 -36.48
CA PRO B 43 -8.23 -7.59 -35.21
C PRO B 43 -6.94 -8.08 -34.60
N GLN B 44 -6.37 -9.18 -35.08
CA GLN B 44 -5.19 -9.76 -34.47
C GLN B 44 -3.92 -9.07 -34.98
N PHE B 45 -2.86 -9.17 -34.17
CA PHE B 45 -1.55 -8.70 -34.60
C PHE B 45 -0.96 -9.67 -35.61
N VAL B 46 -0.32 -9.12 -36.64
CA VAL B 46 0.40 -9.90 -37.65
C VAL B 46 1.86 -9.51 -37.59
N PRO B 47 2.79 -10.46 -37.47
CA PRO B 47 4.21 -10.11 -37.44
C PRO B 47 4.86 -10.17 -38.82
N ILE B 48 5.73 -9.20 -39.07
CA ILE B 48 6.50 -9.13 -40.31
C ILE B 48 7.95 -8.94 -39.95
N ASN B 49 8.83 -9.72 -40.58
CA ASN B 49 10.24 -9.69 -40.24
C ASN B 49 10.85 -8.32 -40.56
N ARG B 50 11.77 -7.88 -39.70
CA ARG B 50 12.41 -6.58 -39.87
C ARG B 50 13.63 -6.64 -40.77
N HIS B 51 14.10 -7.83 -41.15
CA HIS B 51 15.28 -7.95 -41.97
C HIS B 51 14.91 -7.88 -43.45
N PRO B 52 15.36 -6.88 -44.20
CA PRO B 52 14.96 -6.78 -45.61
C PRO B 52 15.40 -7.95 -46.46
N ALA B 53 16.51 -8.60 -46.14
CA ALA B 53 16.98 -9.72 -46.95
C ALA B 53 16.03 -10.92 -46.84
N LEU B 54 15.61 -11.25 -45.62
CA LEU B 54 14.66 -12.35 -45.44
C LEU B 54 13.32 -12.03 -46.09
N ILE B 55 12.87 -10.78 -45.97
CA ILE B 55 11.62 -10.37 -46.61
C ILE B 55 11.73 -10.53 -48.13
N ASP B 56 12.86 -10.10 -48.70
CA ASP B 56 13.06 -10.23 -50.14
C ASP B 56 13.10 -11.69 -50.56
N TYR B 57 13.75 -12.54 -49.76
CA TYR B 57 13.79 -13.96 -50.07
C TYR B 57 12.39 -14.57 -50.05
N ILE B 58 11.58 -14.21 -49.05
CA ILE B 58 10.22 -14.73 -48.96
C ILE B 58 9.38 -14.24 -50.15
N GLU B 59 9.52 -12.96 -50.51
CA GLU B 59 8.76 -12.42 -51.64
C GLU B 59 9.17 -13.08 -52.95
N GLU B 60 10.47 -13.33 -53.14
CA GLU B 60 10.91 -14.02 -54.34
C GLU B 60 10.38 -15.44 -54.39
N LEU B 61 10.37 -16.13 -53.23
CA LEU B 61 9.80 -17.47 -53.20
C LEU B 61 8.32 -17.45 -53.56
N ILE B 62 7.57 -16.47 -53.04
CA ILE B 62 6.15 -16.37 -53.33
C ILE B 62 5.93 -16.12 -54.82
N LEU B 63 6.70 -15.21 -55.41
CA LEU B 63 6.55 -14.91 -56.83
C LEU B 63 6.91 -16.11 -57.69
N ASP B 64 7.95 -16.85 -57.30
CA ASP B 64 8.31 -18.05 -58.05
C ASP B 64 7.22 -19.11 -57.96
N VAL B 65 6.63 -19.28 -56.78
CA VAL B 65 5.54 -20.25 -56.63
C VAL B 65 4.34 -19.83 -57.47
N LEU B 66 3.99 -18.55 -57.44
CA LEU B 66 2.83 -18.09 -58.19
C LEU B 66 3.07 -18.13 -59.70
N SER B 67 4.34 -18.05 -60.12
CA SER B 67 4.64 -18.10 -61.54
C SER B 67 4.28 -19.46 -62.14
N LYS B 68 4.55 -20.55 -61.42
CA LYS B 68 4.28 -21.90 -61.86
C LYS B 68 3.09 -22.50 -61.12
N LEU B 69 2.08 -21.68 -60.83
CA LEU B 69 0.92 -22.15 -60.09
C LEU B 69 0.11 -23.15 -60.91
N THR B 70 0.05 -22.97 -62.24
CA THR B 70 -0.70 -23.89 -63.08
C THR B 70 -0.12 -25.29 -63.08
N HIS B 71 1.17 -25.44 -62.75
CA HIS B 71 1.81 -26.74 -62.69
C HIS B 71 2.00 -27.26 -61.27
N VAL B 72 2.02 -26.37 -60.27
CA VAL B 72 2.21 -26.79 -58.89
C VAL B 72 0.88 -27.28 -58.34
N TYR B 73 0.89 -28.49 -57.76
CA TYR B 73 -0.31 -29.07 -57.17
C TYR B 73 -0.42 -28.82 -55.68
N ARG B 74 0.70 -28.66 -54.98
CA ARG B 74 0.70 -28.45 -53.54
C ARG B 74 1.83 -27.51 -53.17
N PHE B 75 1.66 -26.80 -52.05
CA PHE B 75 2.70 -25.95 -51.48
C PHE B 75 2.64 -26.08 -49.97
N SER B 76 3.78 -26.37 -49.35
CA SER B 76 3.83 -26.59 -47.91
C SER B 76 5.09 -25.96 -47.33
N ILE B 77 4.99 -25.55 -46.08
CA ILE B 77 6.13 -25.06 -45.31
C ILE B 77 6.46 -26.14 -44.29
N CYS B 78 7.62 -26.76 -44.44
CA CYS B 78 8.00 -27.92 -43.63
C CYS B 78 8.90 -27.47 -42.49
N ILE B 79 8.54 -27.89 -41.28
CA ILE B 79 9.36 -27.63 -40.10
C ILE B 79 10.28 -28.83 -39.89
N ILE B 80 11.58 -28.59 -39.89
CA ILE B 80 12.58 -29.65 -39.84
C ILE B 80 13.42 -29.49 -38.57
N ASN B 81 13.56 -30.58 -37.84
CA ASN B 81 14.39 -30.58 -36.63
C ASN B 81 15.87 -30.57 -37.00
N LYS B 82 16.63 -29.68 -36.37
CA LYS B 82 18.07 -29.73 -36.50
C LYS B 82 18.62 -30.96 -35.80
N LYS B 83 19.76 -31.44 -36.28
CA LYS B 83 20.49 -32.63 -35.82
C LYS B 83 19.74 -33.92 -36.11
N ASN B 84 18.54 -33.85 -36.68
CA ASN B 84 17.77 -35.03 -37.06
C ASN B 84 17.33 -35.02 -38.51
N ASP B 85 17.13 -33.85 -39.11
CA ASP B 85 16.66 -33.73 -40.50
C ASP B 85 15.33 -34.45 -40.69
N LEU B 86 14.47 -34.38 -39.69
CA LEU B 86 13.14 -34.98 -39.74
C LEU B 86 12.08 -33.87 -39.72
N CYS B 87 11.05 -34.04 -40.54
CA CYS B 87 9.99 -33.05 -40.65
C CYS B 87 9.03 -33.23 -39.48
N ILE B 88 9.20 -32.39 -38.45
CA ILE B 88 8.35 -32.48 -37.27
C ILE B 88 6.94 -32.02 -37.60
N GLU B 89 6.81 -30.89 -38.28
CA GLU B 89 5.51 -30.30 -38.61
C GLU B 89 5.47 -29.92 -40.07
N LYS B 90 4.25 -29.83 -40.61
CA LYS B 90 4.04 -29.43 -41.98
C LYS B 90 2.74 -28.63 -42.06
N TYR B 91 2.73 -27.62 -42.93
CA TYR B 91 1.57 -26.77 -43.14
C TYR B 91 1.31 -26.71 -44.66
N VAL B 92 0.42 -27.55 -45.13
CA VAL B 92 0.21 -27.75 -46.56
C VAL B 92 -0.92 -26.86 -47.05
N LEU B 93 -0.78 -26.38 -48.28
CA LEU B 93 -1.80 -25.59 -48.97
C LEU B 93 -2.15 -26.34 -50.25
N ASP B 94 -3.13 -27.23 -50.18
CA ASP B 94 -3.54 -27.98 -51.36
C ASP B 94 -4.21 -27.07 -52.37
N PHE B 95 -3.90 -27.27 -53.65
CA PHE B 95 -4.42 -26.44 -54.72
C PHE B 95 -5.27 -27.29 -55.65
N SER B 96 -6.53 -26.90 -55.83
CA SER B 96 -7.44 -27.54 -56.78
C SER B 96 -8.15 -26.49 -57.63
N GLU B 97 -7.63 -25.27 -57.68
CA GLU B 97 -8.28 -24.20 -58.41
C GLU B 97 -8.15 -24.41 -59.91
N LEU B 98 -9.08 -23.81 -60.65
CA LEU B 98 -9.11 -23.87 -62.11
C LEU B 98 -8.89 -22.47 -62.66
N GLN B 99 -7.96 -22.34 -63.61
CA GLN B 99 -7.67 -21.06 -64.22
C GLN B 99 -8.34 -20.93 -65.59
N ILE B 107 -16.72 -12.64 -63.26
CA ILE B 107 -16.77 -13.96 -62.65
C ILE B 107 -16.83 -13.84 -61.13
N ILE B 108 -15.66 -13.94 -60.50
CA ILE B 108 -15.54 -13.84 -59.04
C ILE B 108 -15.05 -12.44 -58.69
N THR B 109 -15.78 -11.77 -57.80
CA THR B 109 -15.44 -10.41 -57.41
C THR B 109 -14.26 -10.40 -56.44
N GLU B 110 -13.70 -9.20 -56.22
CA GLU B 110 -12.57 -9.06 -55.32
C GLU B 110 -12.99 -9.27 -53.86
N THR B 111 -14.22 -8.89 -53.52
CA THR B 111 -14.68 -9.00 -52.14
C THR B 111 -14.70 -10.45 -51.67
N GLU B 112 -15.15 -11.37 -52.53
CA GLU B 112 -15.20 -12.78 -52.15
C GLU B 112 -13.80 -13.32 -51.89
N VAL B 113 -12.85 -12.99 -52.75
CA VAL B 113 -11.47 -13.44 -52.56
C VAL B 113 -10.89 -12.87 -51.27
N PHE B 114 -11.12 -11.59 -51.04
CA PHE B 114 -10.62 -10.95 -49.82
C PHE B 114 -11.20 -11.62 -48.58
N ASP B 115 -12.50 -11.89 -48.59
CA ASP B 115 -13.13 -12.52 -47.42
C ASP B 115 -12.64 -13.94 -47.22
N GLU B 116 -12.47 -14.70 -48.31
CA GLU B 116 -11.98 -16.07 -48.17
C GLU B 116 -10.58 -16.09 -47.59
N PHE B 117 -9.69 -15.23 -48.10
CA PHE B 117 -8.33 -15.20 -47.58
C PHE B 117 -8.30 -14.70 -46.14
N ARG B 118 -9.16 -13.74 -45.79
CA ARG B 118 -9.24 -13.26 -44.42
C ARG B 118 -9.68 -14.36 -43.47
N SER B 119 -10.68 -15.14 -43.87
CA SER B 119 -11.13 -16.25 -43.03
C SER B 119 -10.06 -17.32 -42.89
N SER B 120 -9.37 -17.65 -43.98
CA SER B 120 -8.30 -18.64 -43.91
C SER B 120 -7.18 -18.18 -43.00
N LEU B 121 -6.80 -16.90 -43.10
CA LEU B 121 -5.76 -16.37 -42.23
C LEU B 121 -6.20 -16.36 -40.77
N ASN B 122 -7.47 -16.04 -40.50
CA ASN B 122 -7.95 -16.09 -39.13
C ASN B 122 -7.88 -17.51 -38.57
N SER B 123 -8.26 -18.50 -39.38
CA SER B 123 -8.16 -19.88 -38.93
C SER B 123 -6.72 -20.28 -38.67
N LEU B 124 -5.80 -19.85 -39.54
CA LEU B 124 -4.39 -20.17 -39.34
C LEU B 124 -3.85 -19.54 -38.06
N ILE B 125 -4.20 -18.27 -37.80
CA ILE B 125 -3.73 -17.60 -36.59
C ILE B 125 -4.28 -18.30 -35.35
N MET B 126 -5.58 -18.66 -35.38
CA MET B 126 -6.17 -19.34 -34.24
C MET B 126 -5.51 -20.70 -34.00
N HIS B 127 -5.22 -21.43 -35.07
CA HIS B 127 -4.56 -22.72 -34.91
C HIS B 127 -3.14 -22.56 -34.37
N LEU B 128 -2.39 -21.57 -34.87
CA LEU B 128 -1.01 -21.39 -34.45
C LEU B 128 -0.91 -20.90 -33.02
N GLU B 129 -1.91 -20.14 -32.56
CA GLU B 129 -1.86 -19.64 -31.18
C GLU B 129 -1.97 -20.75 -30.16
N LYS B 130 -2.67 -21.84 -30.49
CA LYS B 130 -2.87 -22.93 -29.55
C LYS B 130 -1.70 -23.92 -29.53
N LEU B 131 -0.80 -23.86 -30.50
CA LEU B 131 0.27 -24.84 -30.60
C LEU B 131 1.25 -24.67 -29.45
N PRO B 132 1.88 -25.76 -28.99
CA PRO B 132 2.87 -25.65 -27.93
C PRO B 132 4.12 -24.89 -28.38
N LYS B 133 4.76 -24.24 -27.42
CA LYS B 133 5.97 -23.48 -27.72
C LYS B 133 7.15 -24.41 -27.96
N VAL B 134 7.96 -24.06 -28.94
CA VAL B 134 9.19 -24.80 -29.25
C VAL B 134 10.38 -23.98 -28.79
N ASN B 135 11.49 -24.66 -28.52
CA ASN B 135 12.67 -24.03 -27.96
C ASN B 135 13.41 -23.24 -29.05
N ASP B 136 14.54 -22.66 -28.67
CA ASP B 136 15.29 -21.76 -29.55
C ASP B 136 16.46 -22.48 -30.19
N ASP B 137 16.70 -22.17 -31.47
CA ASP B 137 17.78 -22.72 -32.28
C ASP B 137 17.64 -24.22 -32.51
N THR B 138 16.43 -24.77 -32.36
CA THR B 138 16.17 -26.17 -32.61
C THR B 138 15.27 -26.40 -33.82
N ILE B 139 14.93 -25.36 -34.56
CA ILE B 139 13.95 -25.46 -35.64
C ILE B 139 14.54 -24.90 -36.91
N THR B 140 14.05 -25.41 -38.04
CA THR B 140 14.41 -24.90 -39.36
C THR B 140 13.23 -25.12 -40.28
N PHE B 141 13.09 -24.24 -41.28
CA PHE B 141 11.97 -24.27 -42.19
C PHE B 141 12.46 -24.46 -43.62
N GLU B 142 11.60 -25.05 -44.44
CA GLU B 142 11.90 -25.29 -45.85
C GLU B 142 10.62 -25.21 -46.66
N ALA B 143 10.70 -24.55 -47.81
CA ALA B 143 9.57 -24.43 -48.72
C ALA B 143 9.59 -25.60 -49.70
N VAL B 144 8.54 -26.40 -49.68
CA VAL B 144 8.44 -27.60 -50.51
C VAL B 144 7.20 -27.46 -51.39
N ILE B 145 7.37 -27.73 -52.68
CA ILE B 145 6.28 -27.67 -53.64
C ILE B 145 6.18 -29.01 -54.36
N ASN B 146 4.99 -29.32 -54.86
CA ASN B 146 4.73 -30.56 -55.58
C ASN B 146 4.27 -30.25 -56.98
N ALA B 147 4.82 -30.97 -57.95
CA ALA B 147 4.46 -30.79 -59.35
C ALA B 147 3.32 -31.72 -59.73
N ILE B 148 2.43 -31.22 -60.59
CA ILE B 148 1.32 -32.02 -61.08
C ILE B 148 1.80 -32.92 -62.20
N GLU B 149 1.57 -34.22 -62.05
CA GLU B 149 1.98 -35.21 -63.05
C GLU B 149 3.46 -35.14 -63.35
N ASN B 176 16.40 -22.78 -58.54
CA ASN B 176 16.41 -22.74 -57.09
C ASN B 176 15.63 -23.91 -56.50
N TRP B 177 15.17 -24.81 -57.37
CA TRP B 177 14.41 -25.98 -56.97
C TRP B 177 15.23 -27.23 -57.22
N VAL B 178 15.34 -28.09 -56.21
CA VAL B 178 16.11 -29.32 -56.28
C VAL B 178 15.18 -30.47 -55.96
N LYS B 179 15.20 -31.51 -56.80
CA LYS B 179 14.33 -32.66 -56.61
C LYS B 179 14.68 -33.37 -55.30
N CYS B 180 13.64 -33.86 -54.62
CA CYS B 180 13.82 -34.57 -53.37
C CYS B 180 13.94 -36.07 -53.60
N LYS B 196 3.38 -41.97 -37.96
CA LYS B 196 2.36 -41.27 -37.20
C LYS B 196 2.10 -39.88 -37.78
N ILE B 197 0.85 -39.41 -37.67
CA ILE B 197 0.46 -38.11 -38.19
C ILE B 197 -0.74 -37.63 -37.40
N LYS B 198 -0.90 -36.31 -37.33
CA LYS B 198 -2.02 -35.68 -36.63
C LYS B 198 -2.59 -34.58 -37.54
N LEU B 199 -3.55 -34.97 -38.37
CA LEU B 199 -4.17 -34.03 -39.30
C LEU B 199 -5.02 -33.00 -38.53
N THR B 200 -5.03 -31.77 -39.06
CA THR B 200 -5.85 -30.70 -38.50
C THR B 200 -6.35 -29.86 -39.70
N SER B 201 -7.57 -30.14 -40.14
CA SER B 201 -8.14 -29.42 -41.27
C SER B 201 -8.44 -27.98 -40.88
N LEU B 202 -8.18 -27.06 -41.81
CA LEU B 202 -8.46 -25.64 -41.62
C LEU B 202 -9.20 -25.12 -42.85
N VAL B 203 -9.96 -24.05 -42.64
CA VAL B 203 -10.84 -23.53 -43.70
C VAL B 203 -9.99 -22.77 -44.72
N GLY B 204 -10.22 -23.06 -46.00
CA GLY B 204 -9.57 -22.36 -47.08
C GLY B 204 -10.53 -21.52 -47.89
N SER B 205 -10.27 -21.38 -49.18
CA SER B 205 -11.13 -20.61 -50.07
C SER B 205 -12.02 -21.55 -50.87
N ASP B 206 -13.33 -21.26 -50.88
CA ASP B 206 -14.29 -22.07 -51.64
C ASP B 206 -15.35 -21.20 -52.30
N VAL B 207 -15.00 -19.98 -52.71
CA VAL B 207 -15.98 -19.02 -53.19
C VAL B 207 -16.15 -19.09 -54.69
N GLY B 208 -15.68 -20.19 -55.29
CA GLY B 208 -15.80 -20.36 -56.72
C GLY B 208 -14.66 -21.17 -57.30
N PRO B 209 -13.97 -20.61 -58.29
CA PRO B 209 -12.78 -21.28 -58.83
C PRO B 209 -11.68 -21.48 -57.80
N LEU B 210 -11.66 -20.68 -56.73
CA LEU B 210 -10.70 -20.87 -55.65
C LEU B 210 -11.17 -22.03 -54.78
N ILE B 211 -10.45 -23.14 -54.83
CA ILE B 211 -10.77 -24.31 -54.02
C ILE B 211 -9.56 -24.68 -53.16
N ILE B 212 -8.80 -23.68 -52.73
CA ILE B 212 -7.60 -23.93 -51.94
C ILE B 212 -7.98 -24.58 -50.62
N HIS B 213 -7.27 -25.66 -50.28
CA HIS B 213 -7.47 -26.39 -49.04
C HIS B 213 -6.26 -26.19 -48.13
N GLN B 214 -6.51 -25.98 -46.84
CA GLN B 214 -5.47 -25.70 -45.87
C GLN B 214 -5.55 -26.72 -44.73
N PHE B 215 -4.42 -27.34 -44.41
CA PHE B 215 -4.36 -28.28 -43.31
C PHE B 215 -2.92 -28.38 -42.83
N SER B 216 -2.76 -28.94 -41.63
CA SER B 216 -1.45 -29.10 -41.01
C SER B 216 -1.32 -30.50 -40.43
N GLU B 217 -0.08 -30.97 -40.34
CA GLU B 217 0.23 -32.28 -39.78
C GLU B 217 1.30 -32.15 -38.71
N LYS B 218 1.38 -33.15 -37.85
CA LYS B 218 2.30 -33.12 -36.73
C LYS B 218 2.93 -34.50 -36.55
N LEU B 219 4.07 -34.52 -35.86
CA LEU B 219 4.79 -35.75 -35.54
C LEU B 219 5.16 -36.55 -36.79
N LEU B 227 11.67 -36.23 -32.43
CA LEU B 227 11.75 -35.09 -31.55
C LEU B 227 12.28 -35.49 -30.17
N ASN B 228 13.31 -34.80 -29.70
CA ASN B 228 13.93 -35.07 -28.40
C ASN B 228 14.24 -33.73 -27.74
N GLY B 229 13.34 -33.26 -26.90
CA GLY B 229 13.53 -32.01 -26.19
C GLY B 229 13.29 -30.76 -27.01
N VAL B 230 12.74 -30.88 -28.22
CA VAL B 230 12.47 -29.70 -29.03
C VAL B 230 11.33 -28.88 -28.44
N TYR B 231 10.26 -29.54 -28.01
CA TYR B 231 9.09 -28.86 -27.50
C TYR B 231 9.24 -28.60 -26.01
N SER B 232 8.89 -27.39 -25.57
CA SER B 232 8.93 -27.04 -24.16
C SER B 232 7.72 -26.17 -23.84
N GLN B 233 6.82 -26.69 -23.01
CA GLN B 233 5.64 -25.93 -22.64
C GLN B 233 6.00 -24.79 -21.70
N TYR B 234 5.26 -23.69 -21.82
CA TYR B 234 5.51 -22.52 -20.99
C TYR B 234 4.20 -21.84 -20.59
N SER B 239 1.51 -16.75 -25.33
CA SER B 239 2.22 -15.71 -24.60
C SER B 239 3.47 -15.28 -25.34
N ILE B 240 3.50 -15.56 -26.66
CA ILE B 240 4.64 -15.18 -27.48
C ILE B 240 4.74 -13.66 -27.61
N PHE B 241 3.63 -12.93 -27.45
CA PHE B 241 3.63 -11.48 -27.53
C PHE B 241 3.98 -10.81 -26.21
N GLY B 242 4.26 -11.59 -25.17
CA GLY B 242 4.57 -11.05 -23.86
C GLY B 242 5.99 -10.55 -23.66
N SER B 243 6.82 -10.63 -24.68
CA SER B 243 8.19 -10.14 -24.59
C SER B 243 8.46 -9.04 -25.60
N MET C 1 -39.23 3.14 -29.19
CA MET C 1 -39.54 2.12 -28.20
C MET C 1 -38.36 1.18 -27.97
N ASN C 2 -37.31 1.36 -28.78
CA ASN C 2 -36.13 0.51 -28.66
C ASN C 2 -35.31 0.81 -27.41
N ARG C 3 -35.61 1.89 -26.69
CA ARG C 3 -34.89 2.18 -25.46
C ARG C 3 -35.11 1.06 -24.44
N TRP C 4 -36.34 0.56 -24.34
CA TRP C 4 -36.63 -0.55 -23.44
C TRP C 4 -36.44 -1.90 -24.11
N VAL C 5 -36.66 -1.99 -25.42
CA VAL C 5 -36.50 -3.26 -26.13
C VAL C 5 -35.05 -3.72 -26.08
N GLU C 6 -34.11 -2.79 -26.30
CA GLU C 6 -32.70 -3.17 -26.29
C GLU C 6 -32.26 -3.64 -24.91
N LYS C 7 -32.77 -3.00 -23.85
CA LYS C 7 -32.41 -3.43 -22.49
C LYS C 7 -32.93 -4.84 -22.20
N TRP C 8 -34.17 -5.12 -22.58
CA TRP C 8 -34.73 -6.45 -22.37
C TRP C 8 -33.98 -7.50 -23.19
N LEU C 9 -33.64 -7.17 -24.43
CA LEU C 9 -32.86 -8.09 -25.25
C LEU C 9 -31.49 -8.35 -24.65
N ARG C 10 -30.85 -7.30 -24.11
CA ARG C 10 -29.56 -7.46 -23.46
C ARG C 10 -29.67 -8.37 -22.24
N VAL C 11 -30.71 -8.18 -21.42
CA VAL C 11 -30.91 -9.03 -20.25
C VAL C 11 -31.12 -10.48 -20.67
N TYR C 12 -31.97 -10.69 -21.67
CA TYR C 12 -32.26 -12.05 -22.13
C TYR C 12 -31.01 -12.72 -22.67
N LEU C 13 -30.23 -12.00 -23.49
CA LEU C 13 -29.02 -12.58 -24.06
C LEU C 13 -27.99 -12.90 -22.99
N LYS C 14 -27.83 -12.00 -22.01
CA LYS C 14 -26.89 -12.26 -20.92
C LYS C 14 -27.29 -13.52 -20.15
N CYS C 15 -28.57 -13.63 -19.80
CA CYS C 15 -29.04 -14.79 -19.06
C CYS C 15 -28.87 -16.06 -19.89
N TYR C 16 -29.19 -16.00 -21.18
CA TYR C 16 -29.06 -17.15 -22.07
C TYR C 16 -27.62 -17.64 -22.12
N ILE C 17 -26.68 -16.72 -22.39
CA ILE C 17 -25.28 -17.10 -22.53
C ILE C 17 -24.73 -17.63 -21.21
N ASN C 18 -25.06 -16.97 -20.10
CA ASN C 18 -24.55 -17.43 -18.81
C ASN C 18 -25.11 -18.81 -18.45
N LEU C 19 -26.39 -19.05 -18.74
CA LEU C 19 -26.97 -20.36 -18.47
C LEU C 19 -26.29 -21.44 -19.31
N ILE C 20 -26.05 -21.15 -20.59
CA ILE C 20 -25.39 -22.13 -21.45
C ILE C 20 -23.98 -22.43 -20.94
N LEU C 21 -23.25 -21.39 -20.54
CA LEU C 21 -21.90 -21.60 -20.04
C LEU C 21 -21.90 -22.38 -18.72
N PHE C 22 -22.89 -22.12 -17.87
CA PHE C 22 -22.93 -22.79 -16.57
C PHE C 22 -23.30 -24.26 -16.69
N TYR C 23 -24.33 -24.56 -17.48
CA TYR C 23 -24.86 -25.92 -17.51
C TYR C 23 -24.07 -26.85 -18.42
N ARG C 24 -23.18 -26.34 -19.26
CA ARG C 24 -22.38 -27.18 -20.15
C ARG C 24 -20.92 -27.28 -19.71
N ASN C 25 -20.59 -26.78 -18.52
CA ASN C 25 -19.23 -26.88 -17.97
C ASN C 25 -18.21 -26.23 -18.90
N VAL C 26 -18.60 -25.15 -19.57
CA VAL C 26 -17.63 -24.37 -20.33
C VAL C 26 -16.64 -23.70 -19.39
N TYR C 27 -17.10 -23.28 -18.22
CA TYR C 27 -16.29 -22.71 -17.16
C TYR C 27 -16.65 -23.37 -15.84
N PRO C 28 -15.72 -23.39 -14.88
CA PRO C 28 -15.96 -24.13 -13.63
C PRO C 28 -17.20 -23.61 -12.92
N PRO C 29 -18.01 -24.51 -12.35
CA PRO C 29 -19.26 -24.07 -11.70
C PRO C 29 -19.03 -23.19 -10.49
N GLN C 30 -17.85 -23.25 -9.87
CA GLN C 30 -17.60 -22.46 -8.67
C GLN C 30 -17.54 -20.97 -8.98
N SER C 31 -17.05 -20.59 -10.17
CA SER C 31 -16.99 -19.18 -10.53
C SER C 31 -18.39 -18.60 -10.69
N PHE C 32 -19.33 -19.38 -11.22
CA PHE C 32 -20.70 -18.91 -11.39
C PHE C 32 -21.36 -18.71 -10.04
N ASP C 33 -22.17 -17.66 -9.94
CA ASP C 33 -22.92 -17.35 -8.73
C ASP C 33 -24.37 -17.09 -9.09
N TYR C 34 -25.28 -17.66 -8.31
CA TYR C 34 -26.71 -17.42 -8.50
C TYR C 34 -27.06 -16.02 -8.01
N THR C 35 -27.64 -15.21 -8.89
CA THR C 35 -27.89 -13.83 -8.55
C THR C 35 -29.09 -13.30 -9.34
N THR C 36 -29.64 -12.18 -8.87
CA THR C 36 -30.75 -11.50 -9.50
C THR C 36 -30.35 -10.18 -10.15
N TYR C 37 -29.33 -9.51 -9.65
CA TYR C 37 -28.85 -8.25 -10.20
C TYR C 37 -27.49 -8.45 -10.83
N GLN C 38 -27.37 -8.13 -12.12
CA GLN C 38 -26.11 -8.18 -12.86
C GLN C 38 -26.01 -6.90 -13.70
N SER C 39 -26.13 -5.75 -13.02
CA SER C 39 -26.27 -4.42 -13.60
C SER C 39 -27.64 -4.21 -14.21
N PHE C 40 -28.50 -5.23 -14.20
CA PHE C 40 -29.90 -5.12 -14.59
C PHE C 40 -30.68 -6.09 -13.73
N ASN C 41 -31.98 -5.85 -13.62
CA ASN C 41 -32.86 -6.78 -12.93
C ASN C 41 -33.07 -8.01 -13.81
N LEU C 42 -32.58 -9.16 -13.36
CA LEU C 42 -32.73 -10.38 -14.14
C LEU C 42 -34.10 -11.02 -13.86
N PRO C 43 -34.63 -11.77 -14.84
CA PRO C 43 -35.95 -12.39 -14.63
C PRO C 43 -36.01 -13.37 -13.46
N GLN C 44 -34.94 -14.12 -13.22
CA GLN C 44 -34.91 -15.10 -12.14
C GLN C 44 -33.55 -15.02 -11.46
N PHE C 45 -33.25 -16.04 -10.66
CA PHE C 45 -31.93 -16.21 -10.07
C PHE C 45 -31.03 -16.95 -11.06
N VAL C 46 -30.63 -16.24 -12.10
CA VAL C 46 -29.76 -16.82 -13.13
C VAL C 46 -28.34 -16.88 -12.59
N PRO C 47 -27.60 -17.99 -12.81
CA PRO C 47 -26.18 -18.02 -12.44
C PRO C 47 -25.35 -17.19 -13.40
N ILE C 48 -24.63 -16.21 -12.86
CA ILE C 48 -23.78 -15.31 -13.65
C ILE C 48 -22.35 -15.43 -13.15
N ASN C 49 -21.42 -15.63 -14.08
CA ASN C 49 -20.02 -15.80 -13.71
C ASN C 49 -19.45 -14.50 -13.18
N ARG C 50 -18.53 -14.62 -12.21
CA ARG C 50 -17.93 -13.48 -11.54
C ARG C 50 -16.58 -13.10 -12.14
N HIS C 51 -16.13 -13.76 -13.19
CA HIS C 51 -14.84 -13.43 -13.80
C HIS C 51 -14.95 -12.09 -14.52
N PRO C 52 -14.08 -11.11 -14.22
CA PRO C 52 -14.21 -9.80 -14.87
C PRO C 52 -13.96 -9.84 -16.37
N ALA C 53 -12.94 -10.56 -16.81
CA ALA C 53 -12.67 -10.65 -18.25
C ALA C 53 -13.80 -11.34 -18.98
N LEU C 54 -14.36 -12.41 -18.39
CA LEU C 54 -15.49 -13.09 -19.01
C LEU C 54 -16.72 -12.20 -19.06
N ILE C 55 -16.96 -11.43 -17.99
CA ILE C 55 -18.09 -10.50 -17.97
C ILE C 55 -17.95 -9.47 -19.07
N ASP C 56 -16.76 -8.89 -19.20
CA ASP C 56 -16.52 -7.89 -20.25
C ASP C 56 -16.67 -8.50 -21.63
N TYR C 57 -16.16 -9.72 -21.83
CA TYR C 57 -16.28 -10.39 -23.12
C TYR C 57 -17.75 -10.60 -23.49
N ILE C 58 -18.54 -11.11 -22.54
CA ILE C 58 -19.95 -11.37 -22.80
C ILE C 58 -20.69 -10.07 -23.08
N GLU C 59 -20.42 -9.03 -22.30
CA GLU C 59 -21.09 -7.75 -22.51
C GLU C 59 -20.76 -7.16 -23.87
N GLU C 60 -19.48 -7.22 -24.26
CA GLU C 60 -19.08 -6.70 -25.57
C GLU C 60 -19.72 -7.50 -26.69
N LEU C 61 -19.78 -8.83 -26.55
CA LEU C 61 -20.42 -9.65 -27.58
C LEU C 61 -21.90 -9.33 -27.70
N ILE C 62 -22.59 -9.16 -26.57
CA ILE C 62 -24.02 -8.86 -26.61
C ILE C 62 -24.25 -7.49 -27.25
N LEU C 63 -23.43 -6.50 -26.88
CA LEU C 63 -23.58 -5.18 -27.48
C LEU C 63 -23.31 -5.20 -28.98
N ASP C 64 -22.29 -5.95 -29.39
CA ASP C 64 -21.99 -6.08 -30.82
C ASP C 64 -23.14 -6.73 -31.57
N VAL C 65 -23.74 -7.78 -30.99
CA VAL C 65 -24.87 -8.44 -31.64
C VAL C 65 -26.06 -7.49 -31.74
N LEU C 66 -26.34 -6.76 -30.66
CA LEU C 66 -27.47 -5.84 -30.66
C LEU C 66 -27.27 -4.68 -31.63
N SER C 67 -26.03 -4.24 -31.81
CA SER C 67 -25.77 -3.12 -32.72
C SER C 67 -26.12 -3.45 -34.17
N LYS C 68 -26.18 -4.74 -34.53
CA LYS C 68 -26.48 -5.16 -35.89
C LYS C 68 -27.69 -6.10 -35.92
N LEU C 69 -28.56 -6.01 -34.92
CA LEU C 69 -29.71 -6.91 -34.83
C LEU C 69 -30.70 -6.70 -35.96
N THR C 70 -30.68 -5.53 -36.61
CA THR C 70 -31.59 -5.29 -37.73
C THR C 70 -31.30 -6.23 -38.89
N HIS C 71 -30.03 -6.48 -39.18
CA HIS C 71 -29.65 -7.41 -40.23
C HIS C 71 -29.47 -8.84 -39.74
N VAL C 72 -29.56 -9.08 -38.44
CA VAL C 72 -29.35 -10.40 -37.86
C VAL C 72 -30.70 -11.04 -37.61
N TYR C 73 -30.95 -12.18 -38.23
CA TYR C 73 -32.19 -12.92 -38.02
C TYR C 73 -32.00 -14.20 -37.24
N ARG C 74 -30.76 -14.51 -36.85
CA ARG C 74 -30.50 -15.77 -36.13
C ARG C 74 -29.16 -15.65 -35.45
N PHE C 75 -29.14 -15.82 -34.12
CA PHE C 75 -27.92 -15.78 -33.34
C PHE C 75 -27.75 -17.12 -32.63
N SER C 76 -26.57 -17.72 -32.76
CA SER C 76 -26.33 -19.07 -32.28
C SER C 76 -25.06 -19.12 -31.43
N ILE C 77 -25.08 -19.96 -30.41
CA ILE C 77 -23.91 -20.23 -29.58
C ILE C 77 -23.47 -21.65 -29.88
N CYS C 78 -22.23 -21.80 -30.36
CA CYS C 78 -21.71 -23.08 -30.81
C CYS C 78 -20.78 -23.65 -29.74
N ILE C 79 -20.97 -24.91 -29.39
CA ILE C 79 -20.12 -25.62 -28.44
C ILE C 79 -19.12 -26.45 -29.23
N ILE C 80 -17.84 -26.15 -29.06
CA ILE C 80 -16.78 -26.69 -29.90
C ILE C 80 -15.83 -27.51 -29.03
N ASN C 81 -15.50 -28.71 -29.50
CA ASN C 81 -14.51 -29.55 -28.82
C ASN C 81 -13.12 -28.95 -28.95
N LYS C 82 -12.37 -28.95 -27.85
CA LYS C 82 -11.01 -28.41 -27.88
C LYS C 82 -10.02 -29.38 -28.50
N LYS C 83 -10.23 -30.69 -28.30
CA LYS C 83 -9.32 -31.68 -28.86
C LYS C 83 -9.28 -31.60 -30.38
N ASN C 84 -10.44 -31.49 -31.02
CA ASN C 84 -10.54 -31.28 -32.44
C ASN C 84 -11.64 -30.26 -32.71
N ASP C 85 -11.38 -29.36 -33.65
CA ASP C 85 -12.31 -28.27 -33.94
C ASP C 85 -13.57 -28.87 -34.57
N LEU C 86 -14.63 -28.99 -33.77
CA LEU C 86 -15.87 -29.60 -34.23
C LEU C 86 -17.00 -29.15 -33.33
N CYS C 87 -18.12 -28.74 -33.93
CA CYS C 87 -19.27 -28.27 -33.16
C CYS C 87 -20.07 -29.48 -32.70
N ILE C 88 -20.04 -29.74 -31.38
CA ILE C 88 -20.75 -30.88 -30.83
C ILE C 88 -22.15 -30.52 -30.33
N GLU C 89 -22.40 -29.25 -30.02
CA GLU C 89 -23.70 -28.79 -29.55
C GLU C 89 -23.92 -27.38 -30.06
N LYS C 90 -25.16 -27.06 -30.39
CA LYS C 90 -25.50 -25.76 -30.98
C LYS C 90 -26.84 -25.30 -30.43
N TYR C 91 -26.85 -24.12 -29.82
CA TYR C 91 -28.07 -23.51 -29.29
C TYR C 91 -28.38 -22.26 -30.09
N VAL C 92 -29.60 -22.17 -30.61
CA VAL C 92 -29.98 -21.17 -31.59
C VAL C 92 -31.05 -20.27 -31.01
N LEU C 93 -30.86 -18.97 -31.15
CA LEU C 93 -31.85 -17.96 -30.80
C LEU C 93 -32.35 -17.32 -32.09
N ASP C 94 -33.56 -17.69 -32.49
CA ASP C 94 -34.12 -17.21 -33.76
C ASP C 94 -34.73 -15.83 -33.55
N PHE C 95 -34.14 -14.82 -34.19
CA PHE C 95 -34.63 -13.45 -34.11
C PHE C 95 -35.46 -13.05 -35.32
N SER C 96 -35.79 -14.00 -36.19
CA SER C 96 -36.70 -13.71 -37.29
C SER C 96 -38.10 -13.41 -36.74
N GLU C 97 -38.86 -12.63 -37.51
CA GLU C 97 -40.21 -12.22 -37.12
C GLU C 97 -40.22 -11.44 -35.82
N LEU C 98 -39.12 -10.73 -35.53
CA LEU C 98 -39.02 -9.86 -34.37
C LEU C 98 -39.33 -8.43 -34.80
N GLN C 99 -40.32 -7.83 -34.17
CA GLN C 99 -40.75 -6.49 -34.55
C GLN C 99 -39.66 -5.48 -34.25
N HIS C 100 -39.36 -4.63 -35.22
CA HIS C 100 -38.35 -3.57 -35.09
C HIS C 100 -39.09 -2.25 -35.25
N VAL C 101 -39.64 -1.73 -34.16
CA VAL C 101 -40.43 -0.51 -34.15
C VAL C 101 -39.76 0.49 -33.22
N ASP C 102 -39.54 1.71 -33.74
CA ASP C 102 -38.94 2.78 -32.96
C ASP C 102 -39.97 3.64 -32.24
N LYS C 103 -41.25 3.38 -32.42
CA LYS C 103 -42.31 4.16 -31.80
C LYS C 103 -42.41 3.84 -30.30
N ILE C 107 -47.21 -0.48 -25.44
CA ILE C 107 -46.88 -0.51 -24.02
C ILE C 107 -47.04 -1.92 -23.46
N ILE C 108 -45.97 -2.72 -23.58
CA ILE C 108 -45.99 -4.10 -23.10
C ILE C 108 -45.52 -4.23 -21.66
N THR C 109 -45.06 -3.14 -21.04
CA THR C 109 -44.55 -3.13 -19.67
C THR C 109 -43.37 -4.08 -19.49
N GLU C 110 -42.92 -4.24 -18.25
CA GLU C 110 -41.78 -5.10 -17.94
C GLU C 110 -42.18 -6.42 -17.31
N THR C 111 -43.28 -6.44 -16.53
CA THR C 111 -43.70 -7.66 -15.86
C THR C 111 -44.06 -8.76 -16.85
N GLU C 112 -44.80 -8.41 -17.91
CA GLU C 112 -45.18 -9.41 -18.91
C GLU C 112 -43.97 -9.91 -19.69
N VAL C 113 -43.08 -8.99 -20.08
CA VAL C 113 -41.87 -9.39 -20.79
C VAL C 113 -41.02 -10.30 -19.93
N PHE C 114 -40.90 -9.98 -18.64
CA PHE C 114 -40.11 -10.83 -17.75
C PHE C 114 -40.80 -12.17 -17.48
N ASP C 115 -42.13 -12.21 -17.51
CA ASP C 115 -42.83 -13.49 -17.39
C ASP C 115 -42.52 -14.38 -18.59
N GLU C 116 -42.58 -13.81 -19.80
CA GLU C 116 -42.24 -14.58 -20.99
C GLU C 116 -40.77 -15.03 -20.95
N PHE C 117 -39.88 -14.13 -20.51
CA PHE C 117 -38.47 -14.50 -20.39
C PHE C 117 -38.28 -15.61 -19.37
N ARG C 118 -39.02 -15.57 -18.27
CA ARG C 118 -38.93 -16.63 -17.27
C ARG C 118 -39.36 -17.96 -17.85
N SER C 119 -40.45 -17.97 -18.62
CA SER C 119 -40.89 -19.21 -19.26
C SER C 119 -39.84 -19.75 -20.24
N SER C 120 -39.27 -18.86 -21.06
CA SER C 120 -38.30 -19.30 -22.05
C SER C 120 -37.03 -19.83 -21.39
N LEU C 121 -36.52 -19.11 -20.38
CA LEU C 121 -35.32 -19.55 -19.69
C LEU C 121 -35.57 -20.82 -18.89
N ASN C 122 -36.77 -21.00 -18.35
CA ASN C 122 -37.11 -22.24 -17.67
C ASN C 122 -37.10 -23.41 -18.64
N SER C 123 -37.64 -23.21 -19.85
CA SER C 123 -37.57 -24.25 -20.86
C SER C 123 -36.12 -24.58 -21.20
N LEU C 124 -35.28 -23.55 -21.35
CA LEU C 124 -33.88 -23.79 -21.64
C LEU C 124 -33.20 -24.59 -20.53
N ILE C 125 -33.46 -24.22 -19.28
CA ILE C 125 -32.85 -24.92 -18.14
C ILE C 125 -33.32 -26.36 -18.08
N MET C 126 -34.62 -26.58 -18.31
CA MET C 126 -35.14 -27.95 -18.30
C MET C 126 -34.50 -28.80 -19.38
N HIS C 127 -34.29 -28.22 -20.57
CA HIS C 127 -33.58 -28.95 -21.61
C HIS C 127 -32.13 -29.22 -21.23
N LEU C 128 -31.45 -28.23 -20.64
CA LEU C 128 -30.03 -28.36 -20.37
C LEU C 128 -29.74 -29.35 -19.25
N GLU C 129 -30.65 -29.47 -18.28
CA GLU C 129 -30.40 -30.35 -17.14
C GLU C 129 -30.33 -31.81 -17.59
N LYS C 130 -31.16 -32.20 -18.54
CA LYS C 130 -31.20 -33.59 -18.99
C LYS C 130 -29.97 -34.00 -19.78
N LEU C 131 -29.20 -33.04 -20.29
CA LEU C 131 -28.05 -33.35 -21.11
C LEU C 131 -26.94 -33.98 -20.27
N PRO C 132 -26.11 -34.83 -20.88
CA PRO C 132 -25.02 -35.44 -20.12
C PRO C 132 -23.98 -34.42 -19.69
N LYS C 133 -23.31 -34.72 -18.58
CA LYS C 133 -22.32 -33.82 -18.03
C LYS C 133 -21.06 -33.77 -18.91
N VAL C 134 -20.31 -32.70 -18.76
CA VAL C 134 -19.12 -32.43 -19.56
C VAL C 134 -17.91 -32.34 -18.63
N ASN C 135 -16.81 -32.97 -19.04
CA ASN C 135 -15.58 -32.98 -18.25
C ASN C 135 -14.98 -31.58 -18.16
N ASP C 136 -13.95 -31.42 -17.34
CA ASP C 136 -13.34 -30.11 -17.11
C ASP C 136 -12.24 -29.83 -18.12
N ASP C 137 -12.16 -28.57 -18.56
CA ASP C 137 -11.10 -28.09 -19.45
C ASP C 137 -11.02 -28.91 -20.74
N THR C 138 -12.18 -29.18 -21.33
CA THR C 138 -12.21 -29.92 -22.58
C THR C 138 -13.15 -29.34 -23.62
N ILE C 139 -13.85 -28.24 -23.31
CA ILE C 139 -14.85 -27.68 -24.21
C ILE C 139 -14.69 -26.17 -24.27
N THR C 140 -15.20 -25.59 -25.36
CA THR C 140 -15.17 -24.15 -25.56
C THR C 140 -16.38 -23.74 -26.38
N PHE C 141 -16.71 -22.46 -26.35
CA PHE C 141 -17.91 -21.95 -26.99
C PHE C 141 -17.57 -20.91 -28.04
N GLU C 142 -18.46 -20.78 -29.02
CA GLU C 142 -18.30 -19.88 -30.14
C GLU C 142 -19.61 -19.17 -30.43
N ALA C 143 -19.52 -17.99 -31.03
CA ALA C 143 -20.68 -17.18 -31.37
C ALA C 143 -20.78 -17.05 -32.88
N VAL C 144 -21.93 -17.43 -33.42
CA VAL C 144 -22.19 -17.37 -34.86
C VAL C 144 -23.54 -16.69 -35.07
N ILE C 145 -23.56 -15.71 -35.98
CA ILE C 145 -24.77 -14.97 -36.33
C ILE C 145 -25.07 -15.19 -37.81
N ASN C 146 -26.36 -15.28 -38.13
CA ASN C 146 -26.81 -15.43 -39.50
C ASN C 146 -27.44 -14.10 -39.93
N ALA C 147 -26.80 -13.42 -40.88
CA ALA C 147 -27.24 -12.13 -41.35
C ALA C 147 -27.83 -12.25 -42.74
N ILE C 148 -28.57 -11.22 -43.14
CA ILE C 148 -29.27 -11.21 -44.43
C ILE C 148 -28.56 -10.33 -45.45
N GLU C 149 -28.35 -9.06 -45.12
CA GLU C 149 -27.66 -8.13 -46.03
C GLU C 149 -26.67 -7.29 -45.22
N LEU C 150 -25.44 -7.78 -45.09
CA LEU C 150 -24.36 -6.98 -44.54
C LEU C 150 -23.03 -7.59 -44.97
N GLU C 151 -21.99 -6.76 -44.91
CA GLU C 151 -20.62 -7.18 -45.15
C GLU C 151 -19.75 -6.62 -44.04
N LEU C 152 -18.89 -7.46 -43.48
CA LEU C 152 -18.05 -7.07 -42.35
C LEU C 152 -16.58 -7.23 -42.72
N GLY C 153 -15.72 -6.53 -41.99
CA GLY C 153 -14.31 -6.55 -42.27
C GLY C 153 -13.89 -5.72 -43.45
N HIS C 154 -14.73 -4.78 -43.89
CA HIS C 154 -14.40 -3.93 -45.03
C HIS C 154 -14.52 -2.45 -44.72
N LYS C 155 -14.67 -2.07 -43.46
CA LYS C 155 -14.76 -0.66 -43.09
C LYS C 155 -13.42 -0.05 -42.72
N LEU C 156 -12.34 -0.83 -42.76
CA LEU C 156 -11.00 -0.32 -42.51
C LEU C 156 -10.25 -0.01 -43.80
N ASP C 157 -10.89 -0.14 -44.95
CA ASP C 157 -10.24 0.16 -46.22
C ASP C 157 -10.18 1.65 -46.53
N ARG C 158 -10.95 2.48 -45.82
CA ARG C 158 -10.98 3.91 -46.08
C ARG C 158 -9.91 4.68 -45.32
N ASN C 159 -9.18 4.03 -44.41
CA ASN C 159 -8.14 4.68 -43.62
C ASN C 159 -8.68 5.88 -42.85
N ARG C 160 -9.89 5.72 -42.31
CA ARG C 160 -10.50 6.79 -41.53
C ARG C 160 -9.93 6.81 -40.12
N ARG C 161 -9.74 8.02 -39.59
CA ARG C 161 -9.24 8.22 -38.24
C ARG C 161 -10.42 8.42 -37.29
N VAL C 162 -10.43 7.65 -36.21
CA VAL C 162 -11.53 7.73 -35.25
C VAL C 162 -11.32 8.92 -34.34
N ASP C 163 -12.40 9.63 -34.03
CA ASP C 163 -12.36 10.82 -33.20
C ASP C 163 -13.22 10.73 -31.96
N SER C 164 -14.07 9.71 -31.84
CA SER C 164 -14.94 9.55 -30.69
C SER C 164 -15.00 8.07 -30.31
N LEU C 165 -15.45 7.81 -29.08
CA LEU C 165 -15.57 6.43 -28.62
C LEU C 165 -16.59 5.64 -29.42
N GLU C 166 -17.67 6.30 -29.86
CA GLU C 166 -18.68 5.62 -30.65
C GLU C 166 -18.11 5.16 -31.99
N GLU C 167 -17.35 6.02 -32.66
CA GLU C 167 -16.75 5.64 -33.94
C GLU C 167 -15.73 4.53 -33.77
N LYS C 168 -14.94 4.60 -32.68
CA LYS C 168 -13.97 3.54 -32.41
C LYS C 168 -14.67 2.21 -32.17
N ALA C 169 -15.75 2.22 -31.38
CA ALA C 169 -16.50 0.99 -31.14
C ALA C 169 -17.10 0.46 -32.44
N GLU C 170 -17.61 1.35 -33.29
CA GLU C 170 -18.16 0.92 -34.57
C GLU C 170 -17.12 0.28 -35.45
N ILE C 171 -15.92 0.89 -35.52
CA ILE C 171 -14.87 0.32 -36.36
C ILE C 171 -14.35 -0.98 -35.78
N GLU C 172 -14.40 -1.15 -34.45
CA GLU C 172 -14.02 -2.41 -33.85
C GLU C 172 -15.04 -3.50 -34.15
N ARG C 173 -16.34 -3.17 -34.05
CA ARG C 173 -17.38 -4.16 -34.28
C ARG C 173 -17.48 -4.54 -35.75
N ASP C 174 -17.14 -3.63 -36.66
CA ASP C 174 -17.23 -3.94 -38.08
C ASP C 174 -16.15 -4.91 -38.54
N SER C 175 -15.04 -5.01 -37.81
CA SER C 175 -13.92 -5.86 -38.22
C SER C 175 -13.66 -7.00 -37.25
N ASN C 176 -14.54 -7.22 -36.28
CA ASN C 176 -14.37 -8.27 -35.28
C ASN C 176 -14.97 -9.60 -35.71
N TRP C 177 -15.48 -9.69 -36.93
CA TRP C 177 -16.16 -10.89 -37.39
C TRP C 177 -15.52 -11.41 -38.67
N VAL C 178 -15.54 -12.73 -38.84
CA VAL C 178 -14.96 -13.40 -39.99
C VAL C 178 -16.04 -14.20 -40.69
N LYS C 179 -16.11 -14.07 -42.02
CA LYS C 179 -17.08 -14.81 -42.80
C LYS C 179 -16.87 -16.30 -42.63
N CYS C 180 -17.98 -17.03 -42.45
CA CYS C 180 -17.94 -18.48 -42.30
C CYS C 180 -18.99 -19.09 -43.23
N GLN C 181 -19.04 -20.42 -43.24
CA GLN C 181 -19.99 -21.16 -44.04
C GLN C 181 -20.92 -21.95 -43.14
N GLU C 182 -22.10 -22.26 -43.66
CA GLU C 182 -23.08 -23.04 -42.90
C GLU C 182 -22.55 -24.45 -42.65
N ASP C 183 -22.71 -24.91 -41.40
CA ASP C 183 -22.24 -26.23 -40.99
C ASP C 183 -20.76 -26.41 -41.28
N GLU C 184 -19.98 -25.37 -41.00
CA GLU C 184 -18.54 -25.43 -41.29
C GLU C 184 -17.82 -26.33 -40.29
N ASN C 185 -18.24 -26.31 -39.03
CA ASN C 185 -17.58 -27.07 -37.99
C ASN C 185 -18.08 -28.51 -37.87
N LEU C 186 -19.10 -28.88 -38.61
CA LEU C 186 -19.66 -30.22 -38.51
C LEU C 186 -18.77 -31.24 -39.22
N PRO C 187 -18.82 -32.50 -38.82
CA PRO C 187 -18.07 -33.54 -39.53
C PRO C 187 -18.53 -33.66 -40.98
N ASP C 188 -17.61 -34.09 -41.84
CA ASP C 188 -17.77 -34.02 -43.29
C ASP C 188 -18.50 -35.23 -43.87
N ASN C 189 -19.32 -35.93 -43.07
CA ASN C 189 -20.13 -37.05 -43.55
C ASN C 189 -19.24 -38.15 -44.15
N ASN C 190 -18.43 -38.74 -43.28
CA ASN C 190 -17.45 -39.74 -43.71
C ASN C 190 -18.11 -40.92 -44.42
N GLY C 191 -19.33 -41.29 -44.02
CA GLY C 191 -20.06 -42.37 -44.65
C GLY C 191 -20.03 -43.68 -43.88
N PHE C 192 -19.08 -43.85 -42.97
CA PHE C 192 -19.02 -45.03 -42.11
C PHE C 192 -19.81 -44.72 -40.84
N GLN C 193 -21.08 -45.12 -40.82
CA GLN C 193 -22.03 -44.74 -39.78
C GLN C 193 -22.02 -43.23 -39.62
N PRO C 194 -22.53 -42.48 -40.59
CA PRO C 194 -22.42 -41.02 -40.57
C PRO C 194 -23.16 -40.43 -39.38
N PRO C 195 -22.62 -39.37 -38.78
CA PRO C 195 -23.35 -38.69 -37.71
C PRO C 195 -24.61 -38.04 -38.23
N LYS C 196 -25.63 -38.01 -37.37
CA LYS C 196 -26.92 -37.39 -37.69
C LYS C 196 -27.20 -36.31 -36.65
N ILE C 197 -27.32 -35.06 -37.11
CA ILE C 197 -27.59 -33.96 -36.20
C ILE C 197 -28.98 -34.10 -35.61
N LYS C 198 -29.12 -33.82 -34.32
CA LYS C 198 -30.36 -33.98 -33.58
C LYS C 198 -30.93 -32.62 -33.22
N LEU C 199 -32.20 -32.39 -33.56
CA LEU C 199 -32.85 -31.11 -33.38
C LEU C 199 -33.90 -31.20 -32.27
N THR C 200 -33.85 -30.25 -31.34
CA THR C 200 -34.80 -30.16 -30.24
C THR C 200 -35.40 -28.77 -30.21
N SER C 201 -36.72 -28.69 -30.14
CA SER C 201 -37.44 -27.42 -30.13
C SER C 201 -37.76 -27.00 -28.70
N LEU C 202 -37.62 -25.72 -28.42
CA LEU C 202 -37.84 -25.16 -27.10
C LEU C 202 -38.85 -24.02 -27.17
N VAL C 203 -39.37 -23.64 -26.01
CA VAL C 203 -40.34 -22.54 -25.97
C VAL C 203 -39.61 -21.21 -26.16
N GLY C 204 -40.36 -20.22 -26.64
CA GLY C 204 -39.80 -18.92 -26.92
C GLY C 204 -40.74 -17.81 -26.49
N SER C 205 -40.14 -16.68 -26.12
CA SER C 205 -40.92 -15.53 -25.68
C SER C 205 -41.74 -14.97 -26.84
N ASP C 206 -42.96 -14.55 -26.53
CA ASP C 206 -43.88 -13.97 -27.52
C ASP C 206 -44.52 -12.71 -26.96
N VAL C 207 -43.69 -11.82 -26.40
CA VAL C 207 -44.15 -10.54 -25.90
C VAL C 207 -44.54 -9.68 -27.09
N GLY C 208 -45.21 -8.56 -26.84
CA GLY C 208 -45.77 -7.76 -27.89
C GLY C 208 -44.76 -7.27 -28.90
N PRO C 209 -43.65 -6.71 -28.43
CA PRO C 209 -42.61 -6.26 -29.35
C PRO C 209 -41.55 -7.34 -29.62
N LEU C 210 -41.47 -8.33 -28.73
CA LEU C 210 -40.39 -9.32 -28.76
C LEU C 210 -40.97 -10.68 -29.12
N ILE C 211 -40.66 -11.15 -30.34
CA ILE C 211 -41.05 -12.47 -30.80
C ILE C 211 -39.76 -13.24 -31.08
N ILE C 212 -39.40 -14.16 -30.18
CA ILE C 212 -38.14 -14.87 -30.26
C ILE C 212 -38.43 -16.36 -30.22
N HIS C 213 -37.87 -17.11 -31.17
CA HIS C 213 -37.93 -18.55 -31.19
C HIS C 213 -36.57 -19.12 -30.81
N GLN C 214 -36.58 -20.32 -30.22
CA GLN C 214 -35.34 -20.91 -29.73
C GLN C 214 -35.40 -22.42 -29.91
N PHE C 215 -34.27 -22.99 -30.33
CA PHE C 215 -34.14 -24.43 -30.51
C PHE C 215 -32.67 -24.79 -30.37
N SER C 216 -32.41 -26.09 -30.20
CA SER C 216 -31.07 -26.59 -29.93
C SER C 216 -30.73 -27.71 -30.91
N GLU C 217 -29.43 -27.91 -31.10
CA GLU C 217 -28.90 -28.95 -31.97
C GLU C 217 -27.80 -29.71 -31.26
N LYS C 218 -27.67 -31.00 -31.58
CA LYS C 218 -26.66 -31.85 -30.97
C LYS C 218 -26.31 -32.98 -31.93
N LEU C 219 -25.02 -33.34 -31.95
CA LEU C 219 -24.58 -34.44 -32.81
C LEU C 219 -25.23 -35.75 -32.41
N ILE C 220 -25.12 -36.11 -31.12
CA ILE C 220 -25.75 -37.30 -30.57
C ILE C 220 -25.39 -38.55 -31.37
N SER C 221 -24.21 -38.54 -31.99
CA SER C 221 -23.76 -39.65 -32.82
C SER C 221 -22.27 -39.45 -33.08
N GLY C 222 -21.67 -40.36 -33.82
CA GLY C 222 -20.27 -40.23 -34.16
C GLY C 222 -19.80 -41.43 -34.94
N ASP C 223 -18.55 -41.32 -35.41
CA ASP C 223 -17.85 -42.38 -36.12
C ASP C 223 -16.44 -42.53 -35.55
N ASP C 224 -16.35 -42.60 -34.22
CA ASP C 224 -15.10 -42.65 -33.47
C ASP C 224 -14.33 -41.33 -33.60
N LYS C 225 -13.47 -41.05 -32.62
CA LYS C 225 -12.66 -39.83 -32.55
C LYS C 225 -13.50 -38.57 -32.42
N ILE C 226 -14.81 -38.71 -32.17
CA ILE C 226 -15.70 -37.58 -31.96
C ILE C 226 -16.40 -37.78 -30.62
N LEU C 227 -16.56 -36.69 -29.86
CA LEU C 227 -17.13 -36.74 -28.52
C LEU C 227 -16.35 -37.69 -27.61
N ASN C 228 -15.02 -37.71 -27.79
CA ASN C 228 -14.15 -38.62 -27.06
C ASN C 228 -13.58 -37.90 -25.84
N GLY C 229 -13.80 -38.47 -24.66
CA GLY C 229 -13.30 -37.88 -23.43
C GLY C 229 -13.86 -36.51 -23.12
N VAL C 230 -15.13 -36.28 -23.46
CA VAL C 230 -15.76 -35.00 -23.18
C VAL C 230 -17.07 -35.13 -22.41
N TYR C 231 -17.74 -36.28 -22.45
CA TYR C 231 -19.05 -36.45 -21.83
C TYR C 231 -18.99 -37.26 -20.54
N SER C 232 -17.81 -37.31 -19.89
CA SER C 232 -17.65 -37.99 -18.60
C SER C 232 -18.09 -39.44 -18.67
N GLN C 233 -17.70 -40.12 -19.74
CA GLN C 233 -17.96 -41.55 -19.94
C GLN C 233 -19.49 -41.76 -19.95
N TYR C 234 -20.00 -42.78 -19.26
CA TYR C 234 -21.43 -43.06 -19.30
C TYR C 234 -22.23 -41.99 -18.55
N GLU C 235 -21.76 -41.61 -17.37
CA GLU C 235 -22.47 -40.61 -16.56
C GLU C 235 -21.49 -39.79 -15.73
N LEU D 6 -39.47 -46.81 4.56
CA LEU D 6 -40.88 -46.53 4.27
C LEU D 6 -40.97 -45.59 3.07
N HIS D 7 -41.53 -46.09 1.97
CA HIS D 7 -41.59 -45.34 0.74
C HIS D 7 -42.50 -44.11 0.89
N MET D 8 -42.13 -43.03 0.19
CA MET D 8 -42.90 -41.80 0.28
C MET D 8 -44.29 -41.97 -0.32
N ASP D 9 -44.45 -42.90 -1.27
CA ASP D 9 -45.78 -43.17 -1.81
C ASP D 9 -46.71 -43.70 -0.72
N ALA D 10 -46.19 -44.55 0.17
CA ALA D 10 -47.01 -45.07 1.26
C ALA D 10 -47.43 -43.94 2.20
N LEU D 11 -46.52 -43.02 2.52
CA LEU D 11 -46.89 -41.89 3.37
C LEU D 11 -47.91 -40.99 2.70
N LEU D 12 -47.74 -40.75 1.39
CA LEU D 12 -48.69 -39.91 0.66
C LEU D 12 -50.07 -40.55 0.64
N THR D 13 -50.15 -41.85 0.39
CA THR D 13 -51.44 -42.53 0.38
C THR D 13 -51.99 -42.78 1.77
N LYS D 14 -51.17 -42.64 2.81
CA LYS D 14 -51.65 -42.76 4.18
C LYS D 14 -52.17 -41.45 4.73
N PHE D 15 -51.63 -40.32 4.28
CA PHE D 15 -52.04 -39.01 4.78
C PHE D 15 -53.01 -38.29 3.85
N ASN D 16 -52.66 -38.13 2.57
CA ASN D 16 -53.47 -37.34 1.67
C ASN D 16 -54.74 -38.05 1.22
N GLU D 17 -54.77 -39.39 1.24
CA GLU D 17 -55.94 -40.11 0.74
C GLU D 17 -57.14 -39.90 1.66
N ASP D 18 -56.95 -40.06 2.96
CA ASP D 18 -58.03 -39.87 3.94
C ASP D 18 -57.99 -38.45 4.51
N ARG D 19 -58.09 -37.47 3.62
CA ARG D 19 -58.08 -36.08 4.03
C ARG D 19 -59.40 -35.72 4.71
N SER D 20 -59.34 -34.69 5.58
CA SER D 20 -60.53 -34.27 6.31
C SER D 20 -61.52 -33.56 5.39
N LEU D 21 -61.03 -32.63 4.57
CA LEU D 21 -61.86 -31.86 3.64
C LEU D 21 -63.06 -31.24 4.35
N GLN D 22 -62.82 -30.69 5.54
CA GLN D 22 -63.89 -30.10 6.34
C GLN D 22 -63.37 -28.83 7.00
N ASP D 23 -64.31 -27.98 7.43
CA ASP D 23 -64.00 -26.71 8.09
C ASP D 23 -63.16 -25.80 7.21
N GLU D 24 -63.34 -25.91 5.89
CA GLU D 24 -62.62 -25.08 4.93
C GLU D 24 -63.56 -24.61 3.83
N ASN D 25 -64.78 -24.20 4.22
CA ASN D 25 -65.76 -23.76 3.24
C ASN D 25 -65.33 -22.47 2.54
N LEU D 26 -64.53 -21.65 3.23
CA LEU D 26 -63.97 -20.39 2.73
C LEU D 26 -65.02 -19.32 2.48
N SER D 27 -66.30 -19.61 2.68
CA SER D 27 -67.32 -18.57 2.53
C SER D 27 -67.30 -17.60 3.69
N GLN D 28 -67.12 -18.11 4.90
CA GLN D 28 -67.07 -17.30 6.12
C GLN D 28 -65.81 -17.67 6.90
N PRO D 29 -64.65 -17.16 6.49
CA PRO D 29 -63.42 -17.50 7.20
C PRO D 29 -63.43 -16.95 8.62
N ARG D 30 -62.74 -17.66 9.51
CA ARG D 30 -62.69 -17.26 10.91
C ARG D 30 -61.86 -16.00 11.09
N THR D 31 -62.26 -15.18 12.06
CA THR D 31 -61.50 -13.98 12.38
C THR D 31 -60.31 -14.33 13.25
N ARG D 32 -59.17 -13.73 12.94
CA ARG D 32 -57.97 -13.90 13.74
C ARG D 32 -58.17 -13.29 15.12
N VAL D 33 -57.42 -13.82 16.10
CA VAL D 33 -57.51 -13.31 17.46
C VAL D 33 -57.08 -11.85 17.48
N ARG D 34 -57.89 -11.00 18.11
CA ARG D 34 -57.63 -9.57 18.13
C ARG D 34 -56.58 -9.27 19.18
N ILE D 35 -55.41 -8.82 18.72
CA ILE D 35 -54.32 -8.39 19.60
C ILE D 35 -54.08 -6.91 19.33
N VAL D 36 -54.22 -6.09 20.38
CA VAL D 36 -54.19 -4.64 20.26
C VAL D 36 -52.95 -4.12 20.97
N ASP D 37 -52.25 -3.20 20.31
CA ASP D 37 -51.12 -2.51 20.91
C ASP D 37 -51.64 -1.26 21.62
N ASP D 38 -51.55 -1.23 22.95
CA ASP D 38 -52.05 -0.10 23.71
C ASP D 38 -51.18 1.14 23.54
N ASN D 39 -49.95 0.99 23.05
CA ASN D 39 -49.05 2.11 22.83
C ASN D 39 -49.13 2.65 21.40
N LEU D 40 -50.07 2.15 20.59
CA LEU D 40 -50.17 2.58 19.20
C LEU D 40 -50.45 4.08 19.11
N TYR D 41 -51.50 4.54 19.79
CA TYR D 41 -51.86 5.95 19.79
C TYR D 41 -51.52 6.65 21.10
N ASN D 42 -50.93 5.93 22.06
CA ASN D 42 -50.53 6.55 23.31
C ASN D 42 -49.39 7.55 23.09
N LYS D 43 -48.60 7.36 22.03
CA LYS D 43 -47.49 8.24 21.68
C LYS D 43 -46.47 8.24 22.82
N SER D 44 -45.79 9.36 23.03
CA SER D 44 -44.80 9.51 24.10
C SER D 44 -43.74 8.41 24.03
N ASN D 45 -43.27 8.14 22.82
CA ASN D 45 -42.24 7.13 22.62
C ASN D 45 -40.90 7.64 23.11
N PRO D 46 -40.27 7.00 24.10
CA PRO D 46 -38.96 7.45 24.56
C PRO D 46 -37.89 7.42 23.49
N PHE D 47 -37.98 6.49 22.55
CA PHE D 47 -36.95 6.28 21.54
C PHE D 47 -37.24 7.01 20.24
N GLN D 48 -38.22 7.91 20.22
CA GLN D 48 -38.54 8.69 19.04
C GLN D 48 -37.72 9.98 19.07
N LEU D 49 -36.90 10.19 18.04
CA LEU D 49 -36.04 11.35 17.95
C LEU D 49 -36.40 12.17 16.71
N CYS D 50 -36.29 13.49 16.84
CA CYS D 50 -36.61 14.40 15.76
C CYS D 50 -35.40 14.55 14.83
N TYR D 51 -35.67 14.55 13.52
CA TYR D 51 -34.59 14.62 12.54
C TYR D 51 -33.99 16.03 12.48
N LYS D 52 -34.78 17.06 12.77
CA LYS D 52 -34.27 18.42 12.71
C LYS D 52 -33.17 18.65 13.73
N LYS D 53 -33.33 18.13 14.95
CA LYS D 53 -32.29 18.25 15.97
C LYS D 53 -31.03 17.53 15.53
N ARG D 54 -31.17 16.32 14.97
CA ARG D 54 -30.06 15.54 14.44
C ARG D 54 -28.99 15.27 15.48
N ASP D 55 -27.80 14.88 15.02
CA ASP D 55 -26.66 14.60 15.89
C ASP D 55 -25.52 15.55 15.55
N TYR D 56 -24.99 16.22 16.56
CA TYR D 56 -23.90 17.17 16.38
C TYR D 56 -22.53 16.53 16.59
N GLY D 57 -22.47 15.25 16.91
CA GLY D 57 -21.19 14.60 17.17
C GLY D 57 -20.57 14.95 18.49
N SER D 58 -21.34 15.44 19.45
CA SER D 58 -20.81 15.85 20.75
C SER D 58 -21.91 15.62 21.78
N GLN D 59 -21.76 16.26 22.95
CA GLN D 59 -22.73 16.16 24.04
C GLN D 59 -22.92 14.72 24.50
N TYR D 60 -21.83 13.97 24.53
CA TYR D 60 -21.82 12.62 25.08
C TYR D 60 -21.43 12.59 26.55
N TYR D 61 -20.58 13.52 26.98
CA TYR D 61 -20.24 13.63 28.39
C TYR D 61 -21.45 14.01 29.23
N HIS D 62 -22.39 14.77 28.66
CA HIS D 62 -23.62 15.08 29.37
C HIS D 62 -24.42 13.82 29.65
N ILE D 63 -24.55 12.94 28.66
CA ILE D 63 -25.26 11.67 28.85
C ILE D 63 -24.52 10.80 29.87
N TYR D 64 -23.18 10.80 29.79
CA TYR D 64 -22.39 10.01 30.74
C TYR D 64 -22.62 10.49 32.16
N GLN D 65 -22.60 11.81 32.37
CA GLN D 65 -22.81 12.37 33.71
C GLN D 65 -24.23 12.10 34.21
N TYR D 66 -25.22 12.25 33.34
CA TYR D 66 -26.60 11.96 33.74
C TYR D 66 -26.77 10.50 34.14
N ARG D 67 -26.23 9.59 33.34
CA ARG D 67 -26.30 8.17 33.66
C ARG D 67 -25.61 7.86 34.99
N LEU D 68 -24.42 8.44 35.19
CA LEU D 68 -23.69 8.22 36.43
C LEU D 68 -24.49 8.71 37.63
N LYS D 69 -25.06 9.91 37.53
CA LYS D 69 -25.82 10.47 38.64
C LYS D 69 -27.05 9.62 38.96
N THR D 70 -27.83 9.26 37.93
CA THR D 70 -29.04 8.48 38.17
C THR D 70 -28.72 7.12 38.77
N PHE D 71 -27.73 6.43 38.22
CA PHE D 71 -27.41 5.10 38.71
C PHE D 71 -26.82 5.15 40.12
N ARG D 72 -26.00 6.17 40.40
CA ARG D 72 -25.48 6.32 41.76
C ARG D 72 -26.61 6.57 42.75
N GLU D 73 -27.58 7.41 42.38
CA GLU D 73 -28.71 7.66 43.27
C GLU D 73 -29.51 6.39 43.52
N ARG D 74 -29.78 5.63 42.45
CA ARG D 74 -30.55 4.39 42.61
C ARG D 74 -29.82 3.39 43.50
N VAL D 75 -28.52 3.20 43.24
CA VAL D 75 -27.74 2.24 44.01
C VAL D 75 -27.63 2.68 45.47
N LEU D 76 -27.45 3.98 45.71
CA LEU D 76 -27.38 4.47 47.09
C LEU D 76 -28.70 4.26 47.81
N LYS D 77 -29.82 4.51 47.14
CA LYS D 77 -31.11 4.29 47.77
C LYS D 77 -31.31 2.83 48.11
N GLU D 78 -30.98 1.92 47.19
CA GLU D 78 -31.16 0.50 47.47
C GLU D 78 -30.21 0.03 48.57
N CYS D 79 -28.97 0.55 48.59
CA CYS D 79 -28.02 0.19 49.63
C CYS D 79 -28.50 0.66 50.99
N ASP D 80 -29.04 1.88 51.07
CA ASP D 80 -29.60 2.36 52.33
C ASP D 80 -30.78 1.51 52.77
N LYS D 81 -31.60 1.08 51.81
CA LYS D 81 -32.71 0.18 52.15
C LYS D 81 -32.20 -1.14 52.70
N ARG D 82 -31.17 -1.71 52.08
CA ARG D 82 -30.66 -3.02 52.51
C ARG D 82 -29.70 -2.90 53.69
N TRP D 83 -28.58 -2.20 53.49
CA TRP D 83 -27.58 -2.04 54.54
C TRP D 83 -27.80 -0.72 55.28
N ASP D 84 -28.90 -0.69 56.03
CA ASP D 84 -29.26 0.50 56.77
C ASP D 84 -28.37 0.65 58.00
N ALA D 85 -28.53 1.77 58.70
CA ALA D 85 -27.76 2.02 59.91
C ALA D 85 -28.11 0.99 60.98
N GLY D 86 -27.08 0.49 61.67
CA GLY D 86 -27.26 -0.55 62.66
C GLY D 86 -27.12 -1.96 62.14
N PHE D 87 -27.03 -2.15 60.82
CA PHE D 87 -26.82 -3.48 60.26
C PHE D 87 -25.40 -3.95 60.57
N THR D 88 -25.29 -5.19 61.02
CA THR D 88 -24.01 -5.75 61.44
C THR D 88 -23.71 -7.03 60.68
N LEU D 89 -22.47 -7.17 60.23
CA LEU D 89 -21.99 -8.38 59.59
C LEU D 89 -21.49 -9.35 60.66
N ASN D 90 -20.99 -10.51 60.22
CA ASN D 90 -20.48 -11.49 61.15
C ASN D 90 -19.28 -10.97 61.93
N GLY D 91 -18.35 -10.30 61.25
CA GLY D 91 -17.16 -9.83 61.92
C GLY D 91 -17.44 -8.69 62.89
N GLN D 92 -18.17 -7.68 62.45
CA GLN D 92 -18.46 -6.49 63.24
C GLN D 92 -19.55 -5.70 62.53
N LEU D 93 -19.83 -4.50 63.02
CA LEU D 93 -20.81 -3.63 62.38
C LEU D 93 -20.28 -3.10 61.06
N VAL D 94 -21.20 -2.71 60.18
CA VAL D 94 -20.89 -2.21 58.85
C VAL D 94 -21.06 -0.70 58.84
N LEU D 95 -20.07 0.01 58.30
CA LEU D 95 -20.07 1.46 58.26
C LEU D 95 -20.17 1.96 56.83
N LYS D 96 -20.91 3.05 56.65
CA LYS D 96 -21.06 3.68 55.33
C LYS D 96 -19.80 4.46 55.01
N LYS D 97 -19.15 4.13 53.89
CA LYS D 97 -17.96 4.81 53.43
C LYS D 97 -18.28 5.59 52.15
N ASP D 98 -17.99 6.89 52.16
CA ASP D 98 -18.29 7.72 51.00
C ASP D 98 -17.22 7.60 49.94
N LYS D 99 -15.98 7.95 50.27
CA LYS D 99 -14.88 7.87 49.31
C LYS D 99 -14.38 6.44 49.19
N VAL D 100 -13.86 6.12 48.01
CA VAL D 100 -13.34 4.77 47.77
C VAL D 100 -12.01 4.54 48.47
N LEU D 101 -11.23 5.59 48.71
CA LEU D 101 -9.94 5.45 49.37
C LEU D 101 -10.03 5.64 50.88
N ASP D 102 -11.24 5.84 51.41
CA ASP D 102 -11.44 5.97 52.85
C ASP D 102 -11.36 4.64 53.59
N ILE D 103 -11.26 3.52 52.86
CA ILE D 103 -11.25 2.20 53.48
C ILE D 103 -9.86 1.90 54.02
N GLN D 104 -9.62 2.23 55.29
CA GLN D 104 -8.33 2.00 55.95
C GLN D 104 -8.61 1.32 57.29
N GLY D 105 -8.64 0.01 57.27
CA GLY D 105 -8.85 -0.77 58.50
C GLY D 105 -9.49 -2.10 58.19
N ASN D 106 -9.54 -2.93 59.23
CA ASN D 106 -10.19 -4.23 59.15
C ASN D 106 -11.61 -4.15 59.71
N GLN D 107 -12.45 -3.37 59.05
CA GLN D 107 -13.82 -3.13 59.46
C GLN D 107 -14.75 -3.30 58.26
N PRO D 108 -15.87 -4.01 58.43
CA PRO D 108 -16.81 -4.14 57.32
C PRO D 108 -17.36 -2.78 56.89
N CYS D 109 -17.55 -2.63 55.58
CA CYS D 109 -17.99 -1.36 55.03
C CYS D 109 -18.54 -1.60 53.64
N TRP D 110 -19.26 -0.59 53.12
CA TRP D 110 -19.79 -0.63 51.77
C TRP D 110 -19.65 0.74 51.13
N CYS D 111 -19.51 0.75 49.81
CA CYS D 111 -19.33 1.98 49.06
C CYS D 111 -20.00 1.83 47.69
N VAL D 112 -20.25 2.97 47.05
CA VAL D 112 -20.93 3.03 45.76
C VAL D 112 -19.98 3.64 44.75
N GLY D 113 -19.82 2.97 43.61
CA GLY D 113 -18.93 3.48 42.57
C GLY D 113 -19.05 2.65 41.31
N SER D 114 -18.37 3.12 40.28
CA SER D 114 -18.37 2.47 38.98
C SER D 114 -17.37 1.30 38.96
N ILE D 115 -17.41 0.53 37.88
CA ILE D 115 -16.58 -0.65 37.71
C ILE D 115 -15.65 -0.43 36.54
N TYR D 116 -14.38 -0.80 36.71
CA TYR D 116 -13.36 -0.66 35.68
C TYR D 116 -12.89 -2.03 35.22
N CYS D 117 -12.77 -2.21 33.91
CA CYS D 117 -12.34 -3.47 33.31
C CYS D 117 -11.47 -3.16 32.10
N GLU D 118 -10.94 -4.21 31.47
CA GLU D 118 -10.04 -4.04 30.34
C GLU D 118 -10.81 -3.78 29.04
N MET D 119 -11.60 -4.76 28.59
CA MET D 119 -12.46 -4.64 27.42
C MET D 119 -11.65 -4.27 26.16
N LYS D 120 -10.81 -5.21 25.75
CA LYS D 120 -10.09 -5.09 24.51
C LYS D 120 -10.96 -5.49 23.33
N TYR D 121 -10.75 -4.84 22.20
CA TYR D 121 -11.50 -5.18 20.98
C TYR D 121 -11.03 -6.52 20.42
N LYS D 122 -11.94 -7.23 19.79
CA LYS D 122 -11.60 -8.50 19.16
C LYS D 122 -10.74 -8.27 17.93
N PRO D 123 -9.83 -9.19 17.61
CA PRO D 123 -8.93 -8.99 16.46
C PRO D 123 -9.66 -8.85 15.13
N ASN D 124 -10.78 -9.55 14.95
CA ASN D 124 -11.54 -9.41 13.72
C ASN D 124 -12.11 -8.01 13.57
N VAL D 125 -12.54 -7.40 14.68
CA VAL D 125 -13.03 -6.02 14.64
C VAL D 125 -11.92 -5.07 14.21
N LEU D 126 -10.72 -5.25 14.77
CA LEU D 126 -9.59 -4.40 14.40
C LEU D 126 -9.23 -4.59 12.93
N ASP D 127 -9.21 -5.83 12.46
CA ASP D 127 -8.91 -6.07 11.04
C ASP D 127 -9.97 -5.46 10.14
N GLU D 128 -11.23 -5.49 10.57
CA GLU D 128 -12.31 -4.90 9.78
C GLU D 128 -12.17 -3.39 9.70
N VAL D 129 -11.91 -2.73 10.83
CA VAL D 129 -11.84 -1.28 10.83
C VAL D 129 -10.54 -0.74 10.24
N ILE D 130 -9.46 -1.53 10.27
CA ILE D 130 -8.19 -1.07 9.73
C ILE D 130 -8.26 -0.97 8.20
N ASN D 131 -8.90 -1.95 7.56
CA ASN D 131 -8.94 -2.01 6.11
C ASN D 131 -9.81 -0.92 5.48
N ASP D 132 -10.64 -0.24 6.27
CA ASP D 132 -11.55 0.78 5.77
C ASP D 132 -11.26 2.14 6.39
N THR D 133 -9.99 2.47 6.57
CA THR D 133 -9.64 3.73 7.21
C THR D 133 -8.63 4.54 6.41
N TYR D 134 -7.77 3.87 5.65
CA TYR D 134 -6.73 4.51 4.84
C TYR D 134 -5.82 5.37 5.74
N GLY D 135 -5.04 4.67 6.54
CA GLY D 135 -4.08 5.34 7.40
C GLY D 135 -4.18 4.89 8.84
N ALA D 136 -4.99 3.87 9.08
CA ALA D 136 -5.14 3.35 10.42
C ALA D 136 -3.81 2.74 10.89
N PRO D 137 -3.40 2.99 12.12
CA PRO D 137 -2.14 2.40 12.61
C PRO D 137 -2.29 0.93 12.93
N ASP D 138 -1.22 0.30 13.38
CA ASP D 138 -1.30 -1.09 13.83
C ASP D 138 -1.97 -1.13 15.20
N LEU D 139 -3.30 -1.24 15.21
CA LEU D 139 -4.04 -1.18 16.46
C LEU D 139 -3.70 -2.35 17.37
N THR D 140 -3.30 -3.49 16.80
CA THR D 140 -2.84 -4.61 17.61
C THR D 140 -1.60 -4.22 18.40
N LYS D 141 -0.67 -3.50 17.77
CA LYS D 141 0.51 -3.02 18.49
C LYS D 141 0.13 -2.02 19.57
N SER D 142 -0.89 -1.20 19.31
CA SER D 142 -1.37 -0.28 20.33
C SER D 142 -1.92 -1.02 21.54
N TYR D 143 -2.67 -2.11 21.30
CA TYR D 143 -3.16 -2.92 22.41
C TYR D 143 -2.00 -3.59 23.15
N THR D 144 -1.03 -4.11 22.41
CA THR D 144 0.15 -4.76 22.98
C THR D 144 -0.21 -5.87 23.96
N GLY D 149 -1.99 -6.75 29.69
CA GLY D 149 -3.39 -6.47 29.99
C GLY D 149 -3.73 -6.59 31.46
N SER D 150 -5.01 -6.44 31.78
CA SER D 150 -5.49 -6.53 33.15
C SER D 150 -6.63 -7.53 33.22
N ASP D 151 -6.55 -8.48 34.16
CA ASP D 151 -7.59 -9.46 34.40
C ASP D 151 -8.27 -9.24 35.75
N GLU D 152 -8.25 -8.02 36.26
CA GLU D 152 -8.80 -7.71 37.57
C GLU D 152 -9.83 -6.59 37.45
N ILE D 153 -10.85 -6.66 38.31
CA ILE D 153 -11.94 -5.69 38.34
C ILE D 153 -11.64 -4.68 39.43
N MET D 154 -11.79 -3.39 39.12
CA MET D 154 -11.50 -2.32 40.05
C MET D 154 -12.71 -1.39 40.16
N LEU D 155 -12.86 -0.78 41.33
CA LEU D 155 -13.98 0.11 41.62
C LEU D 155 -13.49 1.56 41.64
N GLU D 156 -14.15 2.41 40.86
CA GLU D 156 -13.80 3.83 40.76
C GLU D 156 -14.96 4.65 41.29
N ASP D 157 -14.64 5.63 42.14
CA ASP D 157 -15.67 6.42 42.82
C ASP D 157 -15.31 7.89 42.84
N GLU D 158 -14.72 8.39 41.74
CA GLU D 158 -14.37 9.79 41.56
C GLU D 158 -13.42 10.32 42.64
N SER D 159 -12.84 9.43 43.44
CA SER D 159 -11.85 9.81 44.43
C SER D 159 -10.68 8.84 44.48
N GLY D 160 -10.65 7.85 43.62
CA GLY D 160 -9.60 6.84 43.64
C GLY D 160 -10.13 5.54 43.07
N ARG D 161 -9.23 4.57 43.00
CA ARG D 161 -9.56 3.24 42.49
C ARG D 161 -9.03 2.20 43.46
N VAL D 162 -9.84 1.18 43.72
CA VAL D 162 -9.46 0.10 44.62
C VAL D 162 -9.60 -1.23 43.89
N LEU D 163 -8.67 -2.13 44.18
CA LEU D 163 -8.71 -3.46 43.60
C LEU D 163 -9.80 -4.29 44.28
N LEU D 164 -10.56 -5.03 43.47
CA LEU D 164 -11.63 -5.88 43.96
C LEU D 164 -11.22 -7.33 43.77
N VAL D 165 -11.19 -8.09 44.87
CA VAL D 165 -10.75 -9.47 44.86
C VAL D 165 -11.78 -10.33 45.56
N GLY D 166 -11.75 -11.62 45.25
CA GLY D 166 -12.69 -12.56 45.83
C GLY D 166 -13.37 -13.43 44.80
N ASP D 167 -13.99 -14.53 45.26
CA ASP D 167 -14.71 -15.42 44.36
C ASP D 167 -16.09 -14.90 43.99
N PHE D 168 -16.62 -13.94 44.77
CA PHE D 168 -17.96 -13.42 44.48
C PHE D 168 -17.97 -12.61 43.19
N ILE D 169 -17.01 -11.69 43.06
CA ILE D 169 -17.00 -10.82 41.88
C ILE D 169 -16.39 -11.50 40.67
N ARG D 170 -15.69 -12.62 40.85
CA ARG D 170 -15.11 -13.35 39.73
C ARG D 170 -16.14 -14.17 38.97
N SER D 171 -17.35 -14.33 39.51
CA SER D 171 -18.40 -15.13 38.89
C SER D 171 -19.54 -14.28 38.35
N THR D 172 -19.26 -13.01 38.04
CA THR D 172 -20.28 -12.11 37.53
C THR D 172 -19.75 -11.31 36.35
N PRO D 173 -20.42 -11.34 35.21
CA PRO D 173 -19.98 -10.53 34.07
C PRO D 173 -20.14 -9.05 34.36
N PHE D 174 -19.24 -8.25 33.77
CA PHE D 174 -19.23 -6.83 34.04
C PHE D 174 -18.75 -6.06 32.82
N ILE D 175 -19.12 -4.78 32.79
CA ILE D 175 -18.71 -3.84 31.74
C ILE D 175 -18.27 -2.56 32.44
N THR D 176 -17.27 -1.89 31.87
CA THR D 176 -16.78 -0.65 32.45
C THR D 176 -17.89 0.38 32.54
N GLY D 177 -17.96 1.06 33.69
CA GLY D 177 -18.94 2.10 33.91
C GLY D 177 -20.16 1.67 34.69
N VAL D 178 -20.29 0.39 35.01
CA VAL D 178 -21.45 -0.10 35.74
C VAL D 178 -21.33 0.35 37.19
N VAL D 179 -22.30 1.14 37.66
CA VAL D 179 -22.31 1.67 39.01
C VAL D 179 -23.05 0.70 39.92
N VAL D 180 -22.35 0.17 40.92
CA VAL D 180 -22.90 -0.79 41.86
C VAL D 180 -22.39 -0.47 43.26
N GLY D 181 -22.96 -1.12 44.25
CA GLY D 181 -22.54 -0.96 45.63
C GLY D 181 -21.85 -2.20 46.16
N ILE D 182 -20.56 -2.08 46.50
CA ILE D 182 -19.73 -3.22 46.89
C ILE D 182 -19.56 -3.21 48.39
N LEU D 183 -19.79 -4.36 49.02
CA LEU D 183 -19.60 -4.53 50.46
C LEU D 183 -18.57 -5.62 50.70
N GLY D 184 -17.71 -5.41 51.69
CA GLY D 184 -16.73 -6.41 52.04
C GLY D 184 -15.66 -5.84 52.97
N MET D 185 -14.60 -6.62 53.12
CA MET D 185 -13.48 -6.29 53.98
C MET D 185 -12.27 -5.87 53.15
N GLU D 186 -11.33 -5.20 53.80
CA GLU D 186 -10.10 -4.76 53.15
C GLU D 186 -9.04 -5.84 53.28
N ALA D 187 -8.42 -6.19 52.16
CA ALA D 187 -7.40 -7.22 52.14
C ALA D 187 -6.08 -6.68 52.70
N GLU D 188 -5.08 -7.55 52.77
CA GLU D 188 -3.78 -7.15 53.32
C GLU D 188 -3.13 -6.06 52.46
N ALA D 189 -3.20 -6.20 51.15
CA ALA D 189 -2.65 -5.22 50.24
C ALA D 189 -3.72 -4.18 49.90
N GLY D 190 -3.46 -3.35 48.90
CA GLY D 190 -4.43 -2.37 48.47
C GLY D 190 -5.55 -2.97 47.65
N THR D 191 -6.22 -3.98 48.21
CA THR D 191 -7.31 -4.66 47.53
C THR D 191 -8.50 -4.76 48.46
N PHE D 192 -9.70 -4.78 47.87
CA PHE D 192 -10.95 -4.84 48.61
C PHE D 192 -11.60 -6.19 48.36
N GLN D 193 -11.81 -6.95 49.45
CA GLN D 193 -12.52 -8.21 49.35
C GLN D 193 -14.02 -7.95 49.22
N VAL D 194 -14.68 -8.74 48.38
CA VAL D 194 -16.10 -8.55 48.08
C VAL D 194 -16.88 -9.71 48.68
N LEU D 195 -17.78 -9.40 49.60
CA LEU D 195 -18.66 -10.40 50.22
C LEU D 195 -20.09 -10.31 49.73
N ASP D 196 -20.56 -9.12 49.38
CA ASP D 196 -21.90 -8.93 48.84
C ASP D 196 -21.85 -7.84 47.79
N ILE D 197 -22.81 -7.88 46.87
CA ILE D 197 -22.92 -6.89 45.81
C ILE D 197 -24.33 -6.33 45.80
N CYS D 198 -24.47 -5.11 45.30
CA CYS D 198 -25.75 -4.42 45.33
C CYS D 198 -26.00 -3.77 43.97
N TYR D 199 -27.27 -3.67 43.62
CA TYR D 199 -27.73 -3.24 42.31
C TYR D 199 -28.82 -2.20 42.49
N PRO D 200 -29.10 -1.40 41.45
CA PRO D 200 -30.10 -0.33 41.59
C PRO D 200 -31.43 -0.85 42.09
N THR D 201 -32.15 0.01 42.79
CA THR D 201 -33.40 -0.38 43.40
C THR D 201 -34.40 -0.83 42.33
N PRO D 202 -35.23 -1.84 42.62
CA PRO D 202 -36.12 -2.38 41.59
C PRO D 202 -37.09 -1.32 41.07
N LEU D 203 -37.34 -1.37 39.76
CA LEU D 203 -38.28 -0.48 39.11
C LEU D 203 -39.70 -1.02 39.22
N PRO D 204 -40.71 -0.17 39.12
CA PRO D 204 -42.08 -0.66 39.12
C PRO D 204 -42.39 -1.46 37.86
N GLN D 205 -43.32 -2.41 38.00
CA GLN D 205 -43.77 -3.24 36.90
C GLN D 205 -45.29 -3.17 36.83
N ASN D 206 -45.82 -3.06 35.62
CA ASN D 206 -47.26 -3.05 35.43
C ASN D 206 -47.85 -4.40 35.84
N PRO D 207 -49.06 -4.40 36.41
CA PRO D 207 -49.68 -5.67 36.77
C PRO D 207 -49.93 -6.54 35.54
N PHE D 208 -49.74 -7.85 35.73
CA PHE D 208 -49.89 -8.78 34.62
C PHE D 208 -51.36 -8.93 34.25
N PRO D 209 -51.65 -9.32 33.00
CA PRO D 209 -52.97 -9.53 32.38
C PRO D 209 -53.92 -8.36 32.59
N THR D 217 -59.11 -16.44 25.20
CA THR D 217 -57.92 -16.86 25.91
C THR D 217 -56.69 -16.08 25.42
N ARG D 218 -56.87 -14.79 25.20
CA ARG D 218 -55.83 -13.89 24.69
C ARG D 218 -55.32 -14.47 23.38
N GLY D 219 -54.01 -14.49 23.13
CA GLY D 219 -53.52 -15.01 21.88
C GLY D 219 -52.03 -15.25 21.95
N LYS D 220 -51.45 -15.48 20.77
CA LYS D 220 -50.02 -15.71 20.62
C LYS D 220 -49.45 -14.72 19.63
N ILE D 221 -48.17 -14.40 19.81
CA ILE D 221 -47.45 -13.45 18.97
C ILE D 221 -46.25 -14.17 18.38
N ALA D 222 -46.09 -14.09 17.07
CA ALA D 222 -44.99 -14.73 16.37
C ALA D 222 -43.84 -13.74 16.22
N LEU D 223 -42.64 -14.16 16.63
CA LEU D 223 -41.45 -13.35 16.56
C LEU D 223 -40.51 -13.93 15.51
N VAL D 224 -40.14 -13.12 14.52
CA VAL D 224 -39.20 -13.53 13.49
C VAL D 224 -38.21 -12.39 13.28
N SER D 225 -36.96 -12.75 13.00
CA SER D 225 -35.92 -11.76 12.79
C SER D 225 -34.90 -12.32 11.81
N GLY D 226 -34.13 -11.41 11.22
CA GLY D 226 -33.04 -11.78 10.33
C GLY D 226 -33.46 -12.48 9.07
N LEU D 227 -34.49 -11.96 8.39
CA LEU D 227 -34.86 -12.51 7.08
C LEU D 227 -33.71 -12.36 6.09
N ASN D 228 -33.06 -11.18 6.08
CA ASN D 228 -31.84 -10.94 5.32
C ASN D 228 -32.02 -11.25 3.83
N LEU D 229 -33.10 -10.71 3.26
CA LEU D 229 -33.32 -10.90 1.83
C LEU D 229 -32.29 -10.11 1.03
N ASN D 230 -31.67 -10.77 0.07
CA ASN D 230 -30.71 -10.13 -0.84
C ASN D 230 -30.93 -10.71 -2.23
N ASN D 231 -30.04 -10.34 -3.16
CA ASN D 231 -30.18 -10.72 -4.56
C ASN D 231 -29.34 -11.94 -4.91
N THR D 232 -28.81 -12.65 -3.92
CA THR D 232 -27.96 -13.81 -4.18
C THR D 232 -28.44 -15.09 -3.51
N SER D 233 -29.27 -15.02 -2.49
CA SER D 233 -29.74 -16.22 -1.79
C SER D 233 -31.19 -16.47 -2.12
N PRO D 234 -31.51 -17.47 -2.96
CA PRO D 234 -32.91 -17.77 -3.27
C PRO D 234 -33.62 -18.64 -2.26
N ASP D 235 -32.89 -19.27 -1.34
CA ASP D 235 -33.52 -20.11 -0.32
C ASP D 235 -34.22 -19.28 0.75
N ARG D 236 -33.74 -18.06 1.00
CA ARG D 236 -34.40 -17.20 1.97
C ARG D 236 -35.80 -16.83 1.52
N LEU D 237 -35.99 -16.58 0.22
CA LEU D 237 -37.31 -16.29 -0.29
C LEU D 237 -38.24 -17.49 -0.15
N LEU D 238 -37.73 -18.70 -0.40
CA LEU D 238 -38.55 -19.90 -0.23
C LEU D 238 -38.95 -20.09 1.22
N ARG D 239 -38.01 -19.89 2.15
CA ARG D 239 -38.34 -20.01 3.56
C ARG D 239 -39.37 -18.96 3.98
N LEU D 240 -39.23 -17.73 3.46
CA LEU D 240 -40.20 -16.69 3.77
C LEU D 240 -41.59 -17.06 3.24
N GLU D 241 -41.66 -17.61 2.03
CA GLU D 241 -42.95 -18.02 1.48
C GLU D 241 -43.56 -19.15 2.29
N ILE D 242 -42.74 -20.11 2.72
CA ILE D 242 -43.27 -21.21 3.54
C ILE D 242 -43.76 -20.68 4.88
N LEU D 243 -43.04 -19.73 5.48
CA LEU D 243 -43.50 -19.11 6.72
C LEU D 243 -44.81 -18.38 6.52
N ARG D 244 -44.95 -17.65 5.42
CA ARG D 244 -46.20 -16.94 5.15
C ARG D 244 -47.35 -17.93 4.99
N GLU D 245 -47.13 -19.02 4.26
CA GLU D 245 -48.17 -20.03 4.10
C GLU D 245 -48.53 -20.68 5.42
N PHE D 246 -47.54 -20.93 6.28
CA PHE D 246 -47.81 -21.53 7.58
C PHE D 246 -48.63 -20.59 8.45
N LEU D 247 -48.30 -19.30 8.45
CA LEU D 247 -49.02 -18.34 9.28
C LEU D 247 -50.46 -18.13 8.83
N MET D 248 -50.76 -18.45 7.56
CA MET D 248 -52.11 -18.30 7.02
C MET D 248 -52.94 -19.57 7.18
N GLY D 249 -52.38 -20.63 7.73
CA GLY D 249 -53.10 -21.87 7.92
C GLY D 249 -53.12 -22.81 6.74
N ARG D 250 -52.36 -22.51 5.68
CA ARG D 250 -52.34 -23.39 4.51
C ARG D 250 -51.48 -24.63 4.74
N ILE D 251 -50.40 -24.50 5.50
CA ILE D 251 -49.46 -25.60 5.68
C ILE D 251 -49.90 -26.49 6.82
N ASN D 252 -50.06 -25.91 8.01
CA ASN D 252 -50.43 -26.71 9.18
C ASN D 252 -51.83 -27.29 9.03
N ASN D 253 -52.77 -26.53 8.46
CA ASN D 253 -54.15 -26.89 8.21
C ASN D 253 -54.97 -27.06 9.48
N LYS D 254 -54.38 -26.90 10.66
CA LYS D 254 -55.12 -26.91 11.92
C LYS D 254 -55.56 -25.48 12.21
N ILE D 255 -56.68 -25.10 11.58
CA ILE D 255 -57.18 -23.73 11.65
C ILE D 255 -57.55 -23.29 13.05
N ASP D 256 -57.76 -24.22 13.98
CA ASP D 256 -58.09 -23.84 15.35
C ASP D 256 -56.88 -23.26 16.07
N ASP D 257 -55.72 -23.88 15.91
CA ASP D 257 -54.53 -23.42 16.61
C ASP D 257 -53.84 -22.28 15.88
N ILE D 258 -53.86 -22.30 14.54
CA ILE D 258 -53.21 -21.24 13.77
C ILE D 258 -53.90 -19.90 13.98
N SER D 259 -55.23 -19.91 14.13
CA SER D 259 -55.98 -18.68 14.33
C SER D 259 -55.61 -17.97 15.63
N LEU D 260 -54.94 -18.67 16.55
CA LEU D 260 -54.57 -18.05 17.82
C LEU D 260 -53.44 -17.05 17.68
N ILE D 261 -52.67 -17.10 16.59
CA ILE D 261 -51.55 -16.19 16.38
C ILE D 261 -52.07 -14.85 15.89
N GLY D 262 -52.32 -13.93 16.83
CA GLY D 262 -52.95 -12.67 16.47
C GLY D 262 -52.07 -11.78 15.62
N ARG D 263 -50.79 -11.66 15.96
CA ARG D 263 -49.91 -10.69 15.33
C ARG D 263 -48.55 -11.31 15.06
N LEU D 264 -47.88 -10.80 14.01
CA LEU D 264 -46.51 -11.18 13.68
C LEU D 264 -45.61 -9.97 13.88
N LEU D 265 -44.46 -10.19 14.51
CA LEU D 265 -43.50 -9.12 14.80
C LEU D 265 -42.20 -9.43 14.10
N ILE D 266 -41.82 -8.59 13.14
CA ILE D 266 -40.52 -8.69 12.47
C ILE D 266 -39.54 -7.81 13.24
N CYS D 267 -38.48 -8.41 13.75
CA CYS D 267 -37.60 -7.77 14.72
C CYS D 267 -36.33 -7.18 14.11
N GLY D 268 -36.21 -7.15 12.80
CA GLY D 268 -35.13 -6.46 12.14
C GLY D 268 -34.40 -7.33 11.15
N ASN D 269 -33.39 -6.72 10.52
CA ASN D 269 -32.53 -7.40 9.54
C ASN D 269 -33.35 -7.99 8.40
N SER D 270 -34.31 -7.22 7.89
CA SER D 270 -35.17 -7.71 6.81
C SER D 270 -34.42 -7.83 5.50
N VAL D 271 -33.40 -7.00 5.29
CA VAL D 271 -32.60 -7.03 4.07
C VAL D 271 -31.12 -6.99 4.46
N ASP D 272 -30.29 -7.72 3.71
CA ASP D 272 -28.86 -7.80 3.98
C ASP D 272 -28.09 -7.26 2.79
N PHE D 273 -27.29 -6.23 3.02
CA PHE D 273 -26.49 -5.61 1.97
C PHE D 273 -25.27 -4.94 2.60
N ASP D 274 -24.30 -4.61 1.75
CA ASP D 274 -23.11 -3.88 2.18
C ASP D 274 -23.24 -2.43 1.72
N ILE D 275 -23.26 -1.50 2.68
CA ILE D 275 -23.44 -0.10 2.34
C ILE D 275 -22.26 0.44 1.53
N LYS D 276 -21.07 -0.15 1.71
CA LYS D 276 -19.89 0.35 1.02
C LYS D 276 -20.04 0.24 -0.49
N SER D 277 -20.60 -0.88 -0.98
CA SER D 277 -20.78 -1.11 -2.41
C SER D 277 -22.20 -1.62 -2.64
N VAL D 278 -23.13 -0.69 -2.84
CA VAL D 278 -24.52 -1.04 -3.13
C VAL D 278 -25.15 0.09 -3.92
N ASN D 279 -25.99 -0.27 -4.88
CA ASN D 279 -26.76 0.67 -5.66
C ASN D 279 -28.22 0.63 -5.22
N LYS D 280 -29.01 1.57 -5.74
CA LYS D 280 -30.43 1.60 -5.41
C LYS D 280 -31.22 0.52 -6.14
N ASP D 281 -30.68 -0.04 -7.22
CA ASP D 281 -31.42 -1.04 -7.99
C ASP D 281 -31.55 -2.35 -7.22
N GLU D 282 -30.43 -2.86 -6.69
CA GLU D 282 -30.49 -4.13 -5.95
C GLU D 282 -31.29 -3.99 -4.67
N LEU D 283 -31.09 -2.89 -3.94
CA LEU D 283 -31.86 -2.62 -2.74
C LEU D 283 -33.35 -2.52 -3.07
N MET D 284 -33.67 -1.87 -4.19
CA MET D 284 -35.06 -1.77 -4.61
C MET D 284 -35.64 -3.15 -4.94
N ILE D 285 -34.84 -4.02 -5.56
CA ILE D 285 -35.32 -5.37 -5.88
C ILE D 285 -35.65 -6.13 -4.59
N SER D 286 -34.74 -6.08 -3.62
CA SER D 286 -34.99 -6.78 -2.36
C SER D 286 -36.17 -6.18 -1.60
N LEU D 287 -36.30 -4.86 -1.63
CA LEU D 287 -37.41 -4.20 -0.97
C LEU D 287 -38.74 -4.52 -1.65
N THR D 288 -38.75 -4.67 -2.98
CA THR D 288 -39.96 -5.08 -3.66
C THR D 288 -40.32 -6.52 -3.32
N GLU D 289 -39.33 -7.38 -3.15
CA GLU D 289 -39.61 -8.75 -2.68
C GLU D 289 -40.25 -8.73 -1.30
N PHE D 290 -39.69 -7.93 -0.39
CA PHE D 290 -40.25 -7.81 0.95
C PHE D 290 -41.66 -7.23 0.91
N SER D 291 -41.89 -6.23 0.04
CA SER D 291 -43.20 -5.63 -0.09
C SER D 291 -44.21 -6.61 -0.65
N LYS D 292 -43.78 -7.48 -1.59
CA LYS D 292 -44.65 -8.52 -2.09
C LYS D 292 -45.06 -9.48 -0.98
N PHE D 293 -44.09 -9.88 -0.15
CA PHE D 293 -44.43 -10.74 0.99
C PHE D 293 -45.43 -10.05 1.91
N LEU D 294 -45.19 -8.78 2.23
CA LEU D 294 -46.09 -8.05 3.12
C LEU D 294 -47.48 -7.93 2.53
N HIS D 295 -47.57 -7.62 1.24
CA HIS D 295 -48.88 -7.50 0.59
C HIS D 295 -49.61 -8.82 0.60
N ASN D 296 -48.89 -9.93 0.39
CA ASN D 296 -49.55 -11.23 0.37
C ASN D 296 -49.97 -11.68 1.77
N ILE D 297 -49.28 -11.21 2.82
CA ILE D 297 -49.58 -11.69 4.17
C ILE D 297 -50.40 -10.72 5.01
N LEU D 298 -50.41 -9.43 4.67
CA LEU D 298 -51.13 -8.46 5.50
C LEU D 298 -52.63 -8.73 5.57
N PRO D 299 -53.30 -9.20 4.52
CA PRO D 299 -54.75 -9.43 4.62
C PRO D 299 -55.13 -10.48 5.64
N SER D 300 -54.22 -11.37 6.02
CA SER D 300 -54.52 -12.44 6.96
C SER D 300 -54.05 -12.18 8.38
N ILE D 301 -52.95 -11.43 8.55
CA ILE D 301 -52.39 -11.18 9.87
C ILE D 301 -51.81 -9.77 9.89
N SER D 302 -51.62 -9.25 11.10
CA SER D 302 -51.03 -7.93 11.28
C SER D 302 -49.53 -8.07 11.55
N VAL D 303 -48.75 -7.21 10.92
CA VAL D 303 -47.28 -7.31 10.95
C VAL D 303 -46.71 -6.01 11.48
N ASP D 304 -45.77 -6.12 12.41
CA ASP D 304 -45.03 -4.98 12.95
C ASP D 304 -43.58 -5.07 12.49
N ILE D 305 -43.06 -3.98 11.93
CA ILE D 305 -41.73 -3.96 11.35
C ILE D 305 -40.80 -3.16 12.26
N MET D 306 -39.60 -3.71 12.49
CA MET D 306 -38.57 -3.13 13.33
C MET D 306 -37.28 -3.00 12.54
N PRO D 307 -36.60 -1.86 12.63
CA PRO D 307 -35.34 -1.70 11.90
C PRO D 307 -34.23 -2.57 12.47
N GLY D 308 -33.29 -2.94 11.59
CA GLY D 308 -32.15 -3.74 11.96
C GLY D 308 -30.84 -3.02 11.70
N THR D 309 -29.74 -3.72 12.00
CA THR D 309 -28.41 -3.13 11.82
C THR D 309 -28.09 -2.90 10.36
N ASN D 310 -28.29 -3.91 9.52
CA ASN D 310 -27.99 -3.78 8.09
C ASN D 310 -29.20 -3.31 7.28
N ASP D 311 -30.31 -3.02 7.94
CA ASP D 311 -31.45 -2.44 7.26
C ASP D 311 -31.12 -0.99 6.89
N PRO D 312 -31.81 -0.44 5.88
CA PRO D 312 -31.56 0.97 5.51
C PRO D 312 -32.04 1.94 6.57
N SER D 313 -31.30 2.04 7.68
CA SER D 313 -31.63 2.95 8.76
C SER D 313 -30.33 3.38 9.43
N ASP D 314 -30.45 4.36 10.32
CA ASP D 314 -29.26 4.96 10.93
C ASP D 314 -28.51 3.94 11.78
N LYS D 315 -27.20 4.12 11.86
CA LYS D 315 -26.34 3.15 12.54
C LYS D 315 -26.43 3.24 14.06
N SER D 316 -26.90 4.36 14.60
CA SER D 316 -27.09 4.47 16.03
C SER D 316 -28.23 3.57 16.49
N LEU D 317 -28.18 3.18 17.76
CA LEU D 317 -29.18 2.24 18.29
C LEU D 317 -30.61 2.78 18.22
N PRO D 318 -30.91 4.04 18.60
CA PRO D 318 -32.30 4.50 18.45
C PRO D 318 -32.67 4.71 17.00
N GLN D 319 -32.81 3.61 16.26
CA GLN D 319 -33.13 3.69 14.83
C GLN D 319 -34.56 4.15 14.64
N GLN D 320 -34.76 5.11 13.74
CA GLN D 320 -36.07 5.63 13.42
C GLN D 320 -36.83 4.64 12.54
N PRO D 321 -38.16 4.70 12.53
CA PRO D 321 -38.94 3.72 11.77
C PRO D 321 -38.63 3.78 10.28
N PHE D 322 -39.00 2.70 9.59
CA PHE D 322 -38.85 2.64 8.15
C PHE D 322 -39.65 3.76 7.49
N HIS D 323 -39.07 4.33 6.44
CA HIS D 323 -39.73 5.41 5.73
C HIS D 323 -40.98 4.89 5.03
N LYS D 324 -41.95 5.79 4.84
CA LYS D 324 -43.19 5.40 4.16
C LYS D 324 -42.92 4.96 2.74
N SER D 325 -41.89 5.52 2.10
CA SER D 325 -41.44 5.06 0.80
C SER D 325 -40.62 3.79 0.98
N LEU D 326 -39.88 3.40 -0.06
CA LEU D 326 -39.13 2.13 -0.06
C LEU D 326 -40.08 0.94 0.08
N PHE D 327 -41.33 1.13 -0.32
CA PHE D 327 -42.33 0.07 -0.32
C PHE D 327 -43.09 0.13 -1.64
N ASP D 328 -43.65 -1.01 -2.05
CA ASP D 328 -44.34 -1.08 -3.33
C ASP D 328 -45.60 -0.22 -3.31
N LYS D 329 -46.04 0.17 -4.50
CA LYS D 329 -47.23 0.99 -4.64
C LYS D 329 -48.49 0.29 -4.16
N SER D 330 -48.46 -1.04 -4.05
CA SER D 330 -49.61 -1.80 -3.59
C SER D 330 -49.89 -1.63 -2.11
N LEU D 331 -48.98 -1.00 -1.36
CA LEU D 331 -49.15 -0.78 0.07
C LEU D 331 -49.67 0.61 0.41
N GLU D 332 -50.12 1.36 -0.59
CA GLU D 332 -50.60 2.72 -0.35
C GLU D 332 -51.82 2.72 0.56
N SER D 333 -52.72 1.76 0.39
CA SER D 333 -53.89 1.68 1.27
C SER D 333 -53.47 1.43 2.71
N TYR D 334 -52.48 0.56 2.92
CA TYR D 334 -52.01 0.30 4.27
C TYR D 334 -51.26 1.49 4.85
N PHE D 335 -50.68 2.33 3.99
CA PHE D 335 -49.95 3.51 4.44
C PHE D 335 -50.80 4.76 4.40
N ASN D 336 -52.13 4.63 4.34
CA ASN D 336 -53.01 5.79 4.32
C ASN D 336 -52.97 6.58 5.62
N GLY D 337 -52.59 5.94 6.72
CA GLY D 337 -52.50 6.63 8.00
C GLY D 337 -53.51 6.17 9.02
N SER D 338 -54.75 5.92 8.56
CA SER D 338 -55.80 5.49 9.46
C SER D 338 -55.67 4.02 9.86
N ASN D 339 -55.16 3.17 8.96
CA ASN D 339 -55.06 1.74 9.21
C ASN D 339 -53.64 1.41 9.64
N LYS D 340 -53.34 1.71 10.90
CA LYS D 340 -52.07 1.36 11.51
C LYS D 340 -52.15 0.10 12.38
N GLU D 341 -53.34 -0.50 12.50
CA GLU D 341 -53.48 -1.74 13.23
C GLU D 341 -53.08 -2.96 12.40
N ILE D 342 -53.04 -2.83 11.08
CA ILE D 342 -52.62 -3.92 10.22
C ILE D 342 -51.11 -3.88 9.97
N LEU D 343 -50.60 -2.73 9.54
CA LEU D 343 -49.16 -2.54 9.34
C LEU D 343 -48.69 -1.39 10.21
N ASN D 344 -47.67 -1.65 11.02
CA ASN D 344 -47.12 -0.65 11.93
C ASN D 344 -45.60 -0.65 11.83
N LEU D 345 -45.02 0.52 11.62
CA LEU D 345 -43.58 0.70 11.57
C LEU D 345 -43.14 1.43 12.83
N VAL D 346 -42.23 0.82 13.59
CA VAL D 346 -41.83 1.32 14.90
C VAL D 346 -40.31 1.43 14.95
N THR D 347 -39.82 2.03 16.02
CA THR D 347 -38.39 2.22 16.23
C THR D 347 -37.72 0.91 16.66
N ASN D 348 -36.39 0.89 16.56
CA ASN D 348 -35.66 -0.34 16.86
C ASN D 348 -35.83 -0.78 18.32
N PRO D 349 -35.59 0.07 19.33
CA PRO D 349 -36.08 -0.30 20.67
C PRO D 349 -37.48 0.24 20.87
N TYR D 350 -38.42 -0.64 21.25
CA TYR D 350 -39.81 -0.24 21.35
C TYR D 350 -40.50 -1.11 22.39
N GLU D 351 -41.36 -0.50 23.19
CA GLU D 351 -42.14 -1.20 24.20
C GLU D 351 -43.52 -1.50 23.62
N PHE D 352 -43.84 -2.79 23.49
CA PHE D 352 -45.11 -3.24 22.95
C PHE D 352 -46.04 -3.60 24.09
N SER D 353 -47.18 -2.93 24.17
CA SER D 353 -48.21 -3.27 25.15
C SER D 353 -49.27 -4.16 24.50
N TYR D 354 -48.87 -5.41 24.26
CA TYR D 354 -49.70 -6.37 23.55
C TYR D 354 -50.74 -6.94 24.52
N ASN D 355 -51.98 -6.45 24.41
CA ASN D 355 -53.09 -6.93 25.23
C ASN D 355 -52.78 -6.82 26.72
N GLY D 356 -52.14 -5.72 27.11
CA GLY D 356 -51.80 -5.48 28.49
C GLY D 356 -50.47 -6.03 28.95
N VAL D 357 -49.74 -6.73 28.09
CA VAL D 357 -48.44 -7.30 28.43
C VAL D 357 -47.36 -6.44 27.78
N ASP D 358 -46.54 -5.79 28.61
CA ASP D 358 -45.48 -4.93 28.10
C ASP D 358 -44.32 -5.77 27.60
N VAL D 359 -43.89 -5.51 26.36
CA VAL D 359 -42.83 -6.26 25.72
C VAL D 359 -41.76 -5.28 25.24
N LEU D 360 -40.56 -5.40 25.79
CA LEU D 360 -39.42 -4.60 25.37
C LEU D 360 -38.65 -5.38 24.31
N ALA D 361 -38.55 -4.83 23.11
CA ALA D 361 -37.92 -5.50 21.99
C ALA D 361 -36.80 -4.64 21.43
N VAL D 362 -35.67 -5.28 21.12
CA VAL D 362 -34.54 -4.62 20.48
C VAL D 362 -33.92 -5.62 19.50
N SER D 363 -33.51 -5.12 18.33
CA SER D 363 -32.96 -5.97 17.30
C SER D 363 -31.62 -6.58 17.67
N GLY D 364 -31.08 -6.26 18.85
CA GLY D 364 -29.92 -6.94 19.36
C GLY D 364 -28.59 -6.26 19.13
N LYS D 365 -28.57 -4.96 18.81
CA LYS D 365 -27.29 -4.27 18.63
C LYS D 365 -26.54 -4.12 19.94
N ASN D 366 -27.25 -3.98 21.05
CA ASN D 366 -26.58 -3.84 22.35
C ASN D 366 -25.82 -5.10 22.72
N ILE D 367 -26.49 -6.26 22.64
CA ILE D 367 -25.84 -7.51 22.99
C ILE D 367 -24.77 -7.87 21.96
N ASN D 368 -25.03 -7.59 20.68
CA ASN D 368 -24.01 -7.81 19.66
C ASN D 368 -22.84 -6.83 19.81
N ASP D 369 -23.02 -5.76 20.58
CA ASP D 369 -21.97 -4.77 20.79
C ASP D 369 -21.13 -5.07 22.02
N ILE D 370 -21.75 -5.56 23.10
CA ILE D 370 -20.93 -5.98 24.25
C ILE D 370 -20.11 -7.20 23.89
N CYS D 371 -20.65 -8.09 23.05
CA CYS D 371 -19.97 -9.33 22.70
C CYS D 371 -18.81 -9.13 21.74
N LYS D 372 -18.63 -7.93 21.18
CA LYS D 372 -17.51 -7.66 20.30
C LYS D 372 -16.25 -7.27 21.04
N TYR D 373 -16.29 -7.19 22.36
CA TYR D 373 -15.13 -6.91 23.19
C TYR D 373 -14.57 -8.20 23.77
N VAL D 374 -13.30 -8.15 24.14
CA VAL D 374 -12.64 -9.23 24.88
C VAL D 374 -12.46 -8.74 26.30
N ILE D 375 -13.16 -9.37 27.23
CA ILE D 375 -13.11 -8.99 28.64
C ILE D 375 -12.52 -10.14 29.43
N PRO D 376 -11.23 -10.05 29.80
CA PRO D 376 -10.55 -11.14 30.53
C PRO D 376 -10.88 -11.17 32.02
N SER D 377 -12.17 -11.05 32.34
CA SER D 377 -12.63 -11.10 33.72
C SER D 377 -13.86 -11.97 33.91
N ASN D 378 -14.54 -12.39 32.83
CA ASN D 378 -15.72 -13.23 32.95
C ASN D 378 -15.69 -14.33 31.90
N ASP D 397 -18.42 -17.50 23.12
CA ASP D 397 -19.78 -17.21 22.66
C ASP D 397 -20.69 -18.41 22.88
N ASP D 398 -21.57 -18.31 23.86
CA ASP D 398 -22.50 -19.37 24.21
C ASP D 398 -23.89 -18.79 24.42
N ILE D 399 -24.90 -19.63 24.24
CA ILE D 399 -26.28 -19.20 24.44
C ILE D 399 -26.49 -18.80 25.90
N GLU D 400 -25.92 -19.57 26.82
CA GLU D 400 -26.01 -19.22 28.24
C GLU D 400 -25.30 -17.90 28.52
N HIS D 401 -24.17 -17.66 27.86
CA HIS D 401 -23.45 -16.40 28.03
C HIS D 401 -24.29 -15.22 27.57
N ARG D 402 -24.96 -15.36 26.41
CA ARG D 402 -25.81 -14.29 25.92
C ARG D 402 -27.00 -14.06 26.84
N LEU D 403 -27.61 -15.13 27.35
CA LEU D 403 -28.72 -14.98 28.28
C LEU D 403 -28.29 -14.30 29.57
N ASP D 404 -27.09 -14.65 30.07
CA ASP D 404 -26.56 -13.98 31.25
C ASP D 404 -26.29 -12.51 30.98
N LEU D 405 -25.81 -12.19 29.77
CA LEU D 405 -25.58 -10.81 29.42
C LEU D 405 -26.89 -10.02 29.37
N MET D 406 -27.94 -10.62 28.84
CA MET D 406 -29.25 -9.98 28.84
C MET D 406 -29.78 -9.80 30.26
N GLU D 407 -29.58 -10.80 31.12
CA GLU D 407 -29.95 -10.67 32.53
C GLU D 407 -29.21 -9.52 33.18
N CYS D 408 -27.92 -9.37 32.88
CA CYS D 408 -27.14 -8.27 33.42
C CYS D 408 -27.65 -6.93 32.90
N THR D 409 -28.03 -6.88 31.62
CA THR D 409 -28.60 -5.65 31.08
C THR D 409 -29.89 -5.27 31.80
N MET D 410 -30.72 -6.26 32.11
CA MET D 410 -31.92 -5.99 32.89
C MET D 410 -31.59 -5.53 34.31
N LYS D 411 -30.61 -6.17 34.95
CA LYS D 411 -30.26 -5.83 36.33
C LYS D 411 -29.67 -4.43 36.43
N TRP D 412 -28.80 -4.06 35.48
CA TRP D 412 -28.17 -2.75 35.49
C TRP D 412 -29.13 -1.63 35.12
N GLN D 413 -30.35 -1.97 34.70
CA GLN D 413 -31.42 -1.02 34.40
C GLN D 413 -31.08 -0.10 33.23
N ASN D 414 -30.18 -0.51 32.35
CA ASN D 414 -29.95 0.19 31.10
C ASN D 414 -29.85 -0.81 29.96
N ILE D 415 -30.19 -0.34 28.76
CA ILE D 415 -30.27 -1.23 27.60
C ILE D 415 -28.99 -1.21 26.77
N ALA D 416 -28.22 -0.13 26.85
CA ALA D 416 -26.99 0.02 26.06
C ALA D 416 -25.84 0.34 27.00
N PRO D 417 -25.27 -0.67 27.66
CA PRO D 417 -24.11 -0.42 28.53
C PRO D 417 -22.92 0.17 27.81
N THR D 418 -22.67 -0.21 26.55
CA THR D 418 -21.55 0.32 25.77
C THR D 418 -22.07 1.48 24.93
N ALA D 419 -22.20 2.63 25.58
CA ALA D 419 -22.71 3.82 24.88
C ALA D 419 -21.84 4.25 23.71
N PRO D 420 -20.50 4.34 23.82
CA PRO D 420 -19.73 4.78 22.65
C PRO D 420 -19.87 3.89 21.44
N ASP D 421 -20.16 2.60 21.65
CA ASP D 421 -20.28 1.66 20.53
C ASP D 421 -21.72 1.52 20.03
N THR D 422 -22.71 1.75 20.90
CA THR D 422 -24.11 1.48 20.59
C THR D 422 -24.87 2.71 20.09
N LEU D 423 -24.84 3.81 20.84
CA LEU D 423 -25.66 4.97 20.55
C LEU D 423 -24.81 6.17 20.17
N TRP D 424 -25.35 7.01 19.29
CA TRP D 424 -24.71 8.23 18.85
C TRP D 424 -25.07 9.37 19.81
N CYS D 425 -24.75 10.60 19.40
CA CYS D 425 -25.04 11.77 20.23
C CYS D 425 -26.54 11.90 20.49
N TYR D 426 -26.92 11.89 21.76
CA TYR D 426 -28.32 11.97 22.13
C TYR D 426 -28.66 13.39 22.52
N PRO D 427 -29.55 14.08 21.80
CA PRO D 427 -29.93 15.44 22.19
C PRO D 427 -30.66 15.44 23.52
N TYR D 428 -30.49 16.54 24.26
CA TYR D 428 -31.12 16.73 25.56
C TYR D 428 -30.77 15.60 26.54
N ASP D 432 -31.80 10.31 28.69
CA ASP D 432 -31.37 9.06 28.10
C ASP D 432 -32.50 8.03 28.14
N PRO D 433 -33.12 7.77 26.99
CA PRO D 433 -34.21 6.79 26.95
C PRO D 433 -33.77 5.37 27.27
N PHE D 434 -32.48 5.07 27.14
CA PHE D 434 -31.98 3.72 27.38
C PHE D 434 -31.83 3.39 28.86
N VAL D 435 -31.95 4.38 29.74
CA VAL D 435 -32.00 4.12 31.17
C VAL D 435 -33.45 3.79 31.53
N LEU D 436 -33.66 2.57 32.02
CA LEU D 436 -35.02 2.08 32.21
C LEU D 436 -35.71 2.79 33.36
N ASP D 437 -36.99 3.12 33.15
CA ASP D 437 -37.84 3.66 34.19
C ASP D 437 -38.92 2.68 34.64
N LYS D 438 -39.14 1.61 33.88
CA LYS D 438 -40.16 0.61 34.20
C LYS D 438 -39.70 -0.73 33.65
N TRP D 439 -39.95 -1.79 34.40
CA TRP D 439 -39.53 -3.12 33.99
C TRP D 439 -40.60 -3.79 33.14
N PRO D 440 -40.26 -4.29 31.95
CA PRO D 440 -41.26 -4.95 31.11
C PRO D 440 -41.53 -6.37 31.57
N HIS D 441 -42.64 -6.93 31.06
CA HIS D 441 -42.94 -8.33 31.32
C HIS D 441 -42.09 -9.26 30.47
N VAL D 442 -41.81 -8.88 29.22
CA VAL D 442 -41.04 -9.68 28.29
C VAL D 442 -39.90 -8.83 27.74
N TYR D 443 -38.71 -9.41 27.66
CA TYR D 443 -37.54 -8.76 27.07
C TYR D 443 -37.11 -9.57 25.86
N ILE D 444 -37.09 -8.93 24.69
CA ILE D 444 -36.78 -9.59 23.43
C ILE D 444 -35.50 -8.98 22.87
N VAL D 445 -34.52 -9.84 22.58
CA VAL D 445 -33.31 -9.45 21.88
C VAL D 445 -33.17 -10.36 20.68
N ALA D 446 -33.18 -9.78 19.49
CA ALA D 446 -33.24 -10.54 18.25
C ALA D 446 -31.89 -10.56 17.55
N ASN D 447 -31.83 -11.29 16.44
CA ASN D 447 -30.62 -11.45 15.63
C ASN D 447 -29.45 -11.94 16.47
N GLN D 448 -29.64 -13.12 17.05
CA GLN D 448 -28.64 -13.75 17.89
C GLN D 448 -28.25 -15.10 17.30
N PRO D 449 -27.05 -15.59 17.61
CA PRO D 449 -26.61 -16.88 17.04
C PRO D 449 -27.47 -18.05 17.47
N TYR D 450 -28.08 -17.99 18.65
CA TYR D 450 -28.81 -19.13 19.20
C TYR D 450 -30.15 -18.66 19.75
N PHE D 451 -31.04 -19.62 19.98
CA PHE D 451 -32.34 -19.37 20.60
C PHE D 451 -32.30 -19.83 22.05
N GLY D 452 -32.79 -19.00 22.96
CA GLY D 452 -32.85 -19.35 24.36
C GLY D 452 -33.82 -18.46 25.10
N THR D 453 -34.41 -19.02 26.15
CA THR D 453 -35.34 -18.28 26.99
C THR D 453 -35.04 -18.57 28.45
N ARG D 454 -35.27 -17.57 29.31
CA ARG D 454 -35.03 -17.72 30.73
C ARG D 454 -35.93 -16.76 31.49
N VAL D 455 -36.50 -17.23 32.60
CA VAL D 455 -37.33 -16.42 33.48
C VAL D 455 -36.48 -15.96 34.65
N VAL D 456 -36.46 -14.65 34.90
CA VAL D 456 -35.63 -14.07 35.94
C VAL D 456 -36.52 -13.37 36.96
N GLU D 457 -35.98 -13.20 38.16
CA GLU D 457 -36.68 -12.54 39.26
C GLU D 457 -35.71 -11.54 39.89
N ILE D 458 -35.85 -10.27 39.53
CA ILE D 458 -35.02 -9.20 40.07
C ILE D 458 -35.90 -8.35 40.98
N GLY D 459 -35.61 -8.38 42.28
CA GLY D 459 -36.36 -7.60 43.23
C GLY D 459 -37.83 -7.98 43.32
N GLY D 460 -38.14 -9.27 43.21
CA GLY D 460 -39.51 -9.73 43.29
C GLY D 460 -40.33 -9.56 42.04
N LYS D 461 -39.74 -9.08 40.95
CA LYS D 461 -40.44 -8.89 39.69
C LYS D 461 -39.96 -9.92 38.68
N ASN D 462 -40.91 -10.58 38.02
CA ASN D 462 -40.59 -11.63 37.06
C ASN D 462 -40.49 -11.03 35.66
N ILE D 463 -39.36 -11.26 35.01
CA ILE D 463 -39.12 -10.81 33.64
C ILE D 463 -38.71 -12.02 32.80
N LYS D 464 -39.36 -12.17 31.65
CA LYS D 464 -39.06 -13.26 30.72
C LYS D 464 -38.17 -12.72 29.61
N ILE D 465 -37.00 -13.33 29.43
CA ILE D 465 -36.01 -12.90 28.45
C ILE D 465 -35.98 -13.92 27.33
N ILE D 466 -36.15 -13.47 26.09
CA ILE D 466 -36.19 -14.33 24.92
C ILE D 466 -35.10 -13.89 23.96
N SER D 467 -34.34 -14.85 23.45
CA SER D 467 -33.30 -14.61 22.45
C SER D 467 -33.83 -15.15 21.12
N VAL D 468 -34.07 -14.25 20.18
CA VAL D 468 -34.67 -14.60 18.89
C VAL D 468 -33.54 -14.87 17.90
N PRO D 469 -33.45 -16.06 17.32
CA PRO D 469 -32.41 -16.34 16.33
C PRO D 469 -32.78 -15.77 14.97
N GLU D 470 -31.78 -15.73 14.10
CA GLU D 470 -32.01 -15.25 12.74
C GLU D 470 -32.78 -16.29 11.93
N PHE D 471 -33.43 -15.81 10.87
CA PHE D 471 -34.18 -16.67 9.97
C PHE D 471 -33.38 -17.10 8.75
N SER D 472 -32.38 -16.32 8.34
CA SER D 472 -31.55 -16.73 7.22
C SER D 472 -30.75 -17.98 7.56
N SER D 473 -30.21 -18.05 8.77
CA SER D 473 -29.53 -19.23 9.28
C SER D 473 -30.32 -19.75 10.47
N THR D 474 -30.60 -21.06 10.47
CA THR D 474 -31.48 -21.68 11.46
C THR D 474 -32.86 -21.01 11.42
N GLY D 475 -33.55 -21.23 10.31
CA GLY D 475 -34.77 -20.51 10.00
C GLY D 475 -35.92 -20.86 10.93
N MET D 476 -35.78 -20.43 12.18
CA MET D 476 -36.70 -20.78 13.25
C MET D 476 -37.56 -19.60 13.64
N ILE D 477 -38.83 -19.88 13.96
CA ILE D 477 -39.78 -18.87 14.40
C ILE D 477 -40.13 -19.14 15.86
N ILE D 478 -40.43 -18.08 16.59
CA ILE D 478 -40.78 -18.17 18.01
C ILE D 478 -42.24 -17.80 18.16
N LEU D 479 -43.01 -18.67 18.82
CA LEU D 479 -44.40 -18.40 19.15
C LEU D 479 -44.49 -18.07 20.63
N LEU D 480 -44.94 -16.85 20.94
CA LEU D 480 -45.02 -16.35 22.31
C LEU D 480 -46.47 -16.33 22.75
N ASP D 481 -46.81 -17.16 23.72
CA ASP D 481 -48.17 -17.20 24.25
C ASP D 481 -48.34 -16.10 25.29
N LEU D 482 -49.28 -15.18 25.05
CA LEU D 482 -49.45 -14.03 25.93
C LEU D 482 -50.16 -14.41 27.24
N GLU D 483 -50.95 -15.47 27.24
CA GLU D 483 -51.70 -15.82 28.45
C GLU D 483 -50.78 -16.40 29.52
N THR D 484 -49.89 -17.32 29.15
CA THR D 484 -49.02 -18.00 30.10
C THR D 484 -47.57 -17.58 30.01
N LEU D 485 -47.22 -16.67 29.10
CA LEU D 485 -45.86 -16.20 28.92
C LEU D 485 -44.90 -17.34 28.60
N GLU D 486 -45.39 -18.37 27.89
CA GLU D 486 -44.57 -19.49 27.48
C GLU D 486 -44.27 -19.38 25.98
N ALA D 487 -43.01 -19.62 25.64
CA ALA D 487 -42.54 -19.49 24.26
C ALA D 487 -42.26 -20.86 23.68
N GLU D 488 -42.93 -21.17 22.57
CA GLU D 488 -42.72 -22.42 21.85
C GLU D 488 -42.17 -22.09 20.46
N THR D 489 -41.42 -23.03 19.90
CA THR D 489 -40.63 -22.80 18.70
C THR D 489 -41.17 -23.59 17.52
N VAL D 490 -41.08 -22.98 16.33
CA VAL D 490 -41.46 -23.61 15.08
C VAL D 490 -40.30 -23.49 14.11
N LYS D 491 -39.92 -24.61 13.50
CA LYS D 491 -38.77 -24.66 12.60
C LYS D 491 -39.22 -24.97 11.17
N ILE D 492 -38.58 -24.32 10.21
CA ILE D 492 -38.83 -24.53 8.79
C ILE D 492 -37.52 -24.95 8.13
N ASP D 493 -37.55 -26.06 7.41
CA ASP D 493 -36.37 -26.60 6.73
C ASP D 493 -36.51 -26.42 5.23
N ILE D 494 -35.50 -25.80 4.63
CA ILE D 494 -35.46 -25.54 3.19
C ILE D 494 -36.70 -24.77 2.75
N MET E 1 -62.06 -28.22 -9.97
CA MET E 1 -61.78 -29.50 -9.34
C MET E 1 -61.48 -30.57 -10.38
N ASP E 2 -62.38 -31.54 -10.50
CA ASP E 2 -62.21 -32.59 -11.49
C ASP E 2 -62.28 -32.03 -12.90
N GLN E 3 -61.35 -32.44 -13.75
CA GLN E 3 -61.22 -32.03 -15.15
C GLN E 3 -60.89 -30.55 -15.32
N LYS E 4 -60.73 -29.81 -14.22
CA LYS E 4 -60.36 -28.40 -14.27
C LYS E 4 -59.02 -28.14 -13.62
N ALA E 5 -58.82 -28.63 -12.39
CA ALA E 5 -57.51 -28.51 -11.75
C ALA E 5 -56.45 -29.27 -12.53
N SER E 6 -56.81 -30.43 -13.08
CA SER E 6 -55.86 -31.18 -13.91
C SER E 6 -55.47 -30.39 -15.14
N TYR E 7 -56.43 -29.75 -15.81
CA TYR E 7 -56.12 -28.95 -16.98
C TYR E 7 -55.23 -27.77 -16.62
N PHE E 8 -55.54 -27.10 -15.50
CA PHE E 8 -54.72 -25.96 -15.08
C PHE E 8 -53.29 -26.39 -14.77
N ILE E 9 -53.14 -27.52 -14.06
CA ILE E 9 -51.81 -28.02 -13.73
C ILE E 9 -51.05 -28.39 -15.00
N ASN E 10 -51.71 -29.06 -15.94
CA ASN E 10 -51.06 -29.45 -17.18
C ASN E 10 -50.59 -28.23 -17.95
N GLU E 11 -51.44 -27.21 -18.06
CA GLU E 11 -51.08 -26.00 -18.78
C GLU E 11 -49.89 -25.30 -18.10
N LYS E 12 -50.01 -25.04 -16.80
CA LYS E 12 -48.97 -24.33 -16.06
C LYS E 12 -47.69 -25.13 -15.90
N LEU E 13 -47.72 -26.43 -16.18
CA LEU E 13 -46.53 -27.27 -16.10
C LEU E 13 -45.85 -27.48 -17.44
N PHE E 14 -46.60 -27.52 -18.54
CA PHE E 14 -46.03 -27.86 -19.83
C PHE E 14 -46.13 -26.75 -20.86
N THR E 15 -47.28 -26.07 -20.97
CA THR E 15 -47.39 -24.97 -21.92
C THR E 15 -46.43 -23.84 -21.57
N GLU E 16 -46.36 -23.49 -20.29
CA GLU E 16 -45.35 -22.59 -19.76
C GLU E 16 -44.60 -23.33 -18.67
N VAL E 17 -43.27 -23.35 -18.75
CA VAL E 17 -42.49 -24.11 -17.78
C VAL E 17 -42.40 -23.34 -16.49
N LYS E 18 -43.32 -23.63 -15.56
CA LYS E 18 -43.39 -22.97 -14.27
C LYS E 18 -43.78 -24.01 -13.23
N PRO E 19 -43.15 -23.99 -12.06
CA PRO E 19 -43.60 -24.87 -10.97
C PRO E 19 -45.03 -24.53 -10.56
N VAL E 20 -45.79 -25.56 -10.21
CA VAL E 20 -47.19 -25.42 -9.83
C VAL E 20 -47.31 -25.75 -8.35
N LEU E 21 -47.78 -24.79 -7.57
CA LEU E 21 -48.00 -24.96 -6.14
C LEU E 21 -49.48 -25.17 -5.86
N PHE E 22 -49.77 -25.80 -4.72
CA PHE E 22 -51.16 -25.99 -4.34
C PHE E 22 -51.83 -24.68 -3.94
N THR E 23 -51.06 -23.69 -3.49
CA THR E 23 -51.61 -22.35 -3.28
C THR E 23 -52.07 -21.73 -4.59
N ASP E 24 -51.44 -22.10 -5.72
CA ASP E 24 -51.93 -21.65 -7.01
C ASP E 24 -53.33 -22.19 -7.29
N LEU E 25 -53.57 -23.47 -6.97
CA LEU E 25 -54.91 -24.01 -7.08
C LEU E 25 -55.87 -23.32 -6.13
N ILE E 26 -55.40 -23.00 -4.92
CA ILE E 26 -56.24 -22.29 -3.95
C ILE E 26 -56.69 -20.96 -4.52
N HIS E 27 -55.76 -20.22 -5.12
CA HIS E 27 -56.11 -18.92 -5.69
C HIS E 27 -56.95 -19.06 -6.96
N HIS E 28 -56.75 -20.13 -7.72
CA HIS E 28 -57.44 -20.29 -8.99
C HIS E 28 -58.89 -20.72 -8.80
N LEU E 29 -59.10 -21.88 -8.15
CA LEU E 29 -60.44 -22.44 -8.00
C LEU E 29 -61.17 -21.91 -6.78
N LYS E 30 -60.52 -21.08 -5.96
CA LYS E 30 -61.10 -20.55 -4.73
C LYS E 30 -61.61 -21.68 -3.83
N ILE E 31 -60.66 -22.52 -3.42
CA ILE E 31 -60.94 -23.71 -2.62
C ILE E 31 -59.96 -23.77 -1.46
N GLY E 32 -60.34 -24.56 -0.45
CA GLY E 32 -59.56 -24.68 0.77
C GLY E 32 -58.25 -25.41 0.57
N PRO E 33 -57.30 -25.19 1.48
CA PRO E 33 -55.99 -25.86 1.34
C PRO E 33 -56.07 -27.37 1.39
N SER E 34 -56.97 -27.94 2.19
CA SER E 34 -57.11 -29.39 2.24
C SER E 34 -57.60 -29.94 0.90
N MET E 35 -58.58 -29.27 0.29
CA MET E 35 -59.04 -29.67 -1.03
C MET E 35 -57.94 -29.53 -2.07
N ALA E 36 -57.12 -28.48 -1.95
CA ALA E 36 -56.00 -28.31 -2.88
C ALA E 36 -55.00 -29.45 -2.75
N LYS E 37 -54.71 -29.86 -1.51
CA LYS E 37 -53.82 -31.01 -1.29
C LYS E 37 -54.44 -32.27 -1.87
N LYS E 38 -55.75 -32.44 -1.73
CA LYS E 38 -56.42 -33.61 -2.30
C LYS E 38 -56.31 -33.62 -3.82
N LEU E 39 -56.50 -32.48 -4.47
CA LEU E 39 -56.38 -32.41 -5.92
C LEU E 39 -54.94 -32.65 -6.37
N MET E 40 -53.96 -32.14 -5.62
CA MET E 40 -52.57 -32.42 -5.94
C MET E 40 -52.28 -33.91 -5.84
N PHE E 41 -52.79 -34.57 -4.80
CA PHE E 41 -52.62 -36.02 -4.69
C PHE E 41 -53.29 -36.75 -5.84
N ASP E 42 -54.50 -36.31 -6.22
CA ASP E 42 -55.21 -36.95 -7.31
C ASP E 42 -54.45 -36.82 -8.62
N TYR E 43 -53.90 -35.63 -8.90
CA TYR E 43 -53.09 -35.46 -10.10
C TYR E 43 -51.80 -36.26 -10.02
N TYR E 44 -51.27 -36.47 -8.82
CA TYR E 44 -50.06 -37.27 -8.68
C TYR E 44 -50.26 -38.69 -9.19
N LYS E 45 -51.48 -39.21 -9.08
CA LYS E 45 -51.80 -40.52 -9.62
C LYS E 45 -52.22 -40.39 -11.08
N GLN E 46 -52.62 -41.52 -11.68
CA GLN E 46 -53.04 -41.64 -13.08
C GLN E 46 -52.20 -40.80 -14.04
N THR E 47 -50.89 -40.81 -13.86
CA THR E 47 -49.96 -40.10 -14.74
C THR E 47 -48.87 -41.08 -15.18
N THR E 48 -48.96 -41.53 -16.43
CA THR E 48 -47.96 -42.46 -16.95
C THR E 48 -46.65 -41.76 -17.24
N ASN E 49 -46.71 -40.53 -17.76
CA ASN E 49 -45.51 -39.77 -18.11
C ASN E 49 -45.12 -38.93 -16.90
N ALA E 50 -44.12 -39.39 -16.15
CA ALA E 50 -43.62 -38.67 -14.98
C ALA E 50 -42.56 -37.66 -15.42
N LYS E 51 -43.05 -36.57 -16.03
CA LYS E 51 -42.20 -35.50 -16.52
C LYS E 51 -41.99 -34.40 -15.50
N TYR E 52 -42.48 -34.56 -14.28
CA TYR E 52 -42.34 -33.57 -13.23
C TYR E 52 -41.75 -34.20 -11.99
N ASN E 53 -41.11 -33.38 -11.17
CA ASN E 53 -40.55 -33.80 -9.89
C ASN E 53 -41.42 -33.24 -8.77
N CYS E 54 -42.18 -34.10 -8.12
CA CYS E 54 -43.03 -33.66 -7.03
C CYS E 54 -42.19 -33.25 -5.83
N VAL E 55 -42.59 -32.14 -5.20
CA VAL E 55 -41.95 -31.63 -3.98
C VAL E 55 -42.93 -31.82 -2.84
N VAL E 56 -42.53 -32.56 -1.81
CA VAL E 56 -43.39 -32.86 -0.68
C VAL E 56 -42.72 -32.38 0.59
N ILE E 57 -43.55 -32.06 1.59
CA ILE E 57 -43.06 -31.66 2.91
C ILE E 57 -43.79 -32.47 3.96
N CYS E 58 -43.13 -32.65 5.11
CA CYS E 58 -43.66 -33.43 6.21
C CYS E 58 -43.86 -32.52 7.41
N CYS E 59 -45.05 -32.56 8.00
CA CYS E 59 -45.38 -31.77 9.17
C CYS E 59 -45.24 -32.65 10.40
N TYR E 60 -44.38 -32.24 11.34
CA TYR E 60 -44.07 -33.03 12.51
C TYR E 60 -44.90 -32.56 13.71
N LYS E 61 -44.79 -33.31 14.80
CA LYS E 61 -45.51 -32.94 16.03
C LYS E 61 -44.97 -31.66 16.62
N ASP E 62 -43.68 -31.37 16.43
CA ASP E 62 -43.06 -30.14 16.90
C ASP E 62 -43.15 -29.01 15.88
N GLN E 63 -44.08 -29.11 14.91
CA GLN E 63 -44.24 -28.12 13.85
C GLN E 63 -42.94 -27.88 13.09
N THR E 64 -42.23 -28.97 12.79
CA THR E 64 -40.98 -28.88 12.02
C THR E 64 -41.33 -29.08 10.55
N ILE E 65 -41.54 -27.98 9.84
CA ILE E 65 -41.79 -28.04 8.40
C ILE E 65 -40.48 -28.38 7.70
N LYS E 66 -40.46 -29.52 7.02
CA LYS E 66 -39.24 -30.03 6.41
C LYS E 66 -39.50 -30.41 4.96
N ILE E 67 -38.66 -29.91 4.06
CA ILE E 67 -38.70 -30.30 2.66
C ILE E 67 -38.00 -31.65 2.53
N ILE E 68 -38.71 -32.63 1.97
CA ILE E 68 -38.14 -33.97 1.79
C ILE E 68 -37.22 -33.96 0.58
N HIS E 69 -35.96 -34.32 0.79
CA HIS E 69 -34.96 -34.32 -0.27
C HIS E 69 -34.45 -35.72 -0.58
N ASP E 70 -34.08 -36.49 0.44
CA ASP E 70 -33.50 -37.81 0.22
C ASP E 70 -34.49 -38.75 -0.46
N LEU E 71 -35.77 -38.66 -0.07
CA LEU E 71 -36.87 -39.47 -0.61
C LEU E 71 -36.69 -40.97 -0.33
N SER E 72 -35.70 -41.34 0.48
CA SER E 72 -35.48 -42.73 0.84
C SER E 72 -35.55 -42.95 2.34
N ASN E 73 -34.91 -42.10 3.13
CA ASN E 73 -34.90 -42.20 4.59
C ASN E 73 -35.47 -40.91 5.16
N ILE E 74 -36.63 -41.00 5.80
CA ILE E 74 -37.30 -39.86 6.41
C ILE E 74 -37.19 -40.01 7.92
N PRO E 75 -36.42 -39.17 8.61
CA PRO E 75 -36.27 -39.34 10.06
C PRO E 75 -37.57 -39.06 10.80
N GLN E 76 -37.73 -39.75 11.93
CA GLN E 76 -38.89 -39.61 12.81
C GLN E 76 -40.19 -39.86 12.03
N GLN E 77 -40.32 -41.08 11.52
CA GLN E 77 -41.49 -41.45 10.75
C GLN E 77 -42.76 -41.41 11.60
N ASP E 78 -42.66 -41.85 12.86
CA ASP E 78 -43.81 -41.83 13.74
C ASP E 78 -44.21 -40.42 14.18
N SER E 79 -43.32 -39.44 13.99
CA SER E 79 -43.59 -38.07 14.38
C SER E 79 -44.29 -37.26 13.29
N ILE E 80 -44.44 -37.82 12.09
CA ILE E 80 -45.07 -37.09 11.00
C ILE E 80 -46.57 -37.03 11.24
N ILE E 81 -47.12 -35.82 11.26
CA ILE E 81 -48.55 -35.63 11.46
C ILE E 81 -49.28 -35.24 10.18
N ASP E 82 -48.56 -34.83 9.13
CA ASP E 82 -49.17 -34.50 7.85
C ASP E 82 -48.11 -34.60 6.77
N CYS E 83 -48.52 -35.08 5.59
CA CYS E 83 -47.62 -35.20 4.47
C CYS E 83 -48.41 -34.97 3.18
N PHE E 84 -47.91 -34.07 2.33
CA PHE E 84 -48.63 -33.72 1.11
C PHE E 84 -47.64 -33.23 0.07
N ILE E 85 -48.11 -33.18 -1.18
CA ILE E 85 -47.31 -32.69 -2.29
C ILE E 85 -47.36 -31.16 -2.27
N TYR E 86 -46.23 -30.53 -1.96
CA TYR E 86 -46.18 -29.08 -1.89
C TYR E 86 -46.28 -28.45 -3.27
N ALA E 87 -45.54 -28.98 -4.24
CA ALA E 87 -45.52 -28.38 -5.57
C ALA E 87 -45.10 -29.43 -6.59
N PHE E 88 -45.36 -29.12 -7.85
CA PHE E 88 -44.92 -29.93 -8.98
C PHE E 88 -43.84 -29.15 -9.72
N ASN E 89 -42.68 -29.78 -9.91
CA ASN E 89 -41.53 -29.12 -10.52
C ASN E 89 -41.15 -29.81 -11.82
N PRO E 90 -41.11 -29.11 -12.96
CA PRO E 90 -40.67 -29.72 -14.21
C PRO E 90 -39.16 -29.83 -14.35
N MET E 91 -38.39 -29.33 -13.39
CA MET E 91 -36.94 -29.30 -13.47
C MET E 91 -36.35 -29.68 -12.13
N ASP E 92 -35.03 -29.93 -12.12
CA ASP E 92 -34.36 -30.28 -10.88
C ASP E 92 -34.31 -29.11 -9.91
N SER E 93 -34.02 -27.92 -10.40
CA SER E 93 -33.93 -26.74 -9.56
C SER E 93 -35.34 -26.18 -9.31
N PHE E 94 -35.65 -25.90 -8.06
CA PHE E 94 -37.00 -25.44 -7.71
C PHE E 94 -37.16 -23.95 -8.00
N ILE E 95 -36.46 -23.12 -7.23
CA ILE E 95 -36.39 -21.66 -7.37
C ILE E 95 -37.71 -21.05 -7.86
N PRO E 96 -38.79 -21.10 -7.07
CA PRO E 96 -40.05 -20.51 -7.53
C PRO E 96 -40.00 -18.99 -7.51
N TYR E 97 -40.97 -18.39 -8.21
CA TYR E 97 -41.11 -16.94 -8.27
C TYR E 97 -42.46 -16.54 -7.70
N TYR E 98 -42.47 -15.46 -6.93
CA TYR E 98 -43.67 -14.99 -6.25
C TYR E 98 -44.04 -13.60 -6.73
N ASP E 99 -45.34 -13.31 -6.75
CA ASP E 99 -45.86 -12.04 -7.23
C ASP E 99 -47.01 -11.61 -6.33
N ILE E 100 -47.72 -10.57 -6.75
CA ILE E 100 -48.85 -10.05 -6.00
C ILE E 100 -50.07 -10.93 -6.24
N ILE E 101 -50.71 -11.37 -5.16
CA ILE E 101 -51.90 -12.20 -5.23
C ILE E 101 -53.09 -11.40 -4.76
N ASP E 102 -54.13 -11.33 -5.59
CA ASP E 102 -55.37 -10.65 -5.23
C ASP E 102 -56.28 -11.64 -4.49
N GLN E 103 -56.01 -11.81 -3.20
CA GLN E 103 -56.73 -12.77 -2.37
C GLN E 103 -58.03 -12.15 -1.88
N LYS E 104 -58.94 -11.95 -2.84
CA LYS E 104 -60.22 -11.33 -2.52
C LYS E 104 -61.10 -12.25 -1.67
N ASP E 105 -61.19 -13.53 -2.07
CA ASP E 105 -62.06 -14.47 -1.37
C ASP E 105 -61.41 -15.82 -1.14
N CYS E 106 -60.09 -15.89 -1.18
CA CYS E 106 -59.37 -17.15 -0.97
C CYS E 106 -58.86 -17.30 0.46
N LEU E 107 -59.11 -16.32 1.33
CA LEU E 107 -58.63 -16.40 2.70
C LEU E 107 -59.38 -17.47 3.49
N THR E 108 -58.63 -18.22 4.30
CA THR E 108 -59.23 -19.15 5.25
C THR E 108 -59.15 -18.65 6.68
N ILE E 109 -58.23 -17.73 6.99
CA ILE E 109 -58.11 -17.12 8.30
C ILE E 109 -57.94 -15.62 8.05
N LYS E 110 -59.03 -14.86 8.16
CA LYS E 110 -58.97 -13.42 7.98
C LYS E 110 -58.64 -12.74 9.31
N ASN E 111 -57.98 -11.59 9.21
CA ASN E 111 -57.59 -10.86 10.41
C ASN E 111 -58.78 -10.06 10.96
N SER E 112 -58.69 -9.72 12.24
CA SER E 112 -59.78 -9.01 12.89
C SER E 112 -59.99 -7.62 12.30
N TYR E 113 -58.90 -6.92 12.00
CA TYR E 113 -59.01 -5.54 11.54
C TYR E 113 -59.32 -5.50 10.04
N GLU E 114 -60.28 -4.64 9.68
CA GLU E 114 -60.64 -4.44 8.29
C GLU E 114 -59.92 -3.23 7.72
N LEU E 115 -59.65 -3.28 6.42
CA LEU E 115 -58.90 -2.22 5.75
C LEU E 115 -59.80 -1.02 5.48
N LYS E 116 -59.32 0.17 5.81
CA LYS E 116 -60.04 1.42 5.59
C LYS E 116 -59.31 2.26 4.56
N VAL E 117 -60.04 2.76 3.57
CA VAL E 117 -59.49 3.56 2.49
C VAL E 117 -60.13 4.95 2.55
N SER E 118 -59.28 5.98 2.59
CA SER E 118 -59.74 7.37 2.63
C SER E 118 -60.69 7.62 3.81
N LYS F 862 -37.43 -1.93 -40.24
CA LYS F 862 -36.83 -0.62 -40.12
C LYS F 862 -35.77 -0.39 -41.19
N ASN F 863 -35.92 -1.08 -42.32
CA ASN F 863 -35.01 -0.94 -43.45
C ASN F 863 -35.73 -1.43 -44.70
N HIS F 864 -34.97 -1.56 -45.80
CA HIS F 864 -35.55 -1.92 -47.08
C HIS F 864 -35.58 -3.43 -47.32
N PHE F 865 -34.63 -4.18 -46.76
CA PHE F 865 -34.58 -5.61 -46.99
C PHE F 865 -35.64 -6.38 -46.21
N MET F 866 -36.31 -5.75 -45.25
CA MET F 866 -37.34 -6.45 -44.48
C MET F 866 -38.56 -6.74 -45.35
N GLY F 867 -39.12 -7.93 -45.17
CA GLY F 867 -40.34 -8.30 -45.85
C GLY F 867 -41.62 -7.89 -45.17
N GLN F 868 -41.52 -7.35 -43.96
CA GLN F 868 -42.67 -6.92 -43.19
C GLN F 868 -42.18 -5.90 -42.15
N ASN F 869 -43.00 -5.62 -41.14
CA ASN F 869 -42.53 -4.81 -40.02
C ASN F 869 -41.36 -5.46 -39.30
N SER F 870 -41.19 -6.77 -39.46
CA SER F 870 -40.04 -7.51 -38.95
C SER F 870 -39.12 -7.88 -40.11
N ILE F 871 -38.03 -8.58 -39.78
CA ILE F 871 -37.06 -8.96 -40.79
C ILE F 871 -37.66 -9.97 -41.77
N PHE F 872 -38.41 -10.95 -41.26
CA PHE F 872 -39.02 -11.97 -42.08
C PHE F 872 -40.53 -11.89 -41.97
N GLN F 873 -41.21 -12.45 -42.97
CA GLN F 873 -42.66 -12.42 -43.04
C GLN F 873 -43.22 -13.69 -42.40
N PRO F 874 -43.91 -13.61 -41.28
CA PRO F 874 -44.49 -14.81 -40.67
C PRO F 874 -45.64 -15.36 -41.50
N ILE F 875 -45.81 -16.67 -41.44
CA ILE F 875 -46.89 -17.35 -42.15
C ILE F 875 -48.17 -17.24 -41.32
N LYS F 876 -49.23 -16.72 -41.94
CA LYS F 876 -50.49 -16.50 -41.25
C LYS F 876 -51.43 -17.68 -41.46
N PHE F 877 -51.96 -18.20 -40.36
CA PHE F 877 -52.92 -19.31 -40.39
C PHE F 877 -54.17 -18.88 -39.62
N GLN F 878 -55.32 -18.94 -40.28
CA GLN F 878 -56.60 -18.56 -39.68
C GLN F 878 -56.55 -17.15 -39.12
N ASN F 879 -55.95 -16.24 -39.89
CA ASN F 879 -55.81 -14.82 -39.51
C ASN F 879 -55.10 -14.67 -38.17
N LEU F 880 -54.08 -15.50 -37.95
CA LEU F 880 -53.27 -15.45 -36.75
C LEU F 880 -51.81 -15.35 -37.13
N THR F 881 -51.07 -14.48 -36.44
CA THR F 881 -49.66 -14.24 -36.72
C THR F 881 -48.74 -14.75 -35.62
N ARG F 882 -49.07 -14.48 -34.36
CA ARG F 882 -48.24 -14.95 -33.25
C ARG F 882 -48.19 -16.47 -33.22
N PHE F 883 -47.02 -17.01 -32.90
CA PHE F 883 -46.87 -18.46 -32.83
C PHE F 883 -47.48 -19.03 -31.55
N LYS F 884 -47.43 -18.28 -30.44
CA LYS F 884 -48.08 -18.76 -29.23
C LYS F 884 -49.59 -18.83 -29.40
N LYS F 885 -50.17 -17.83 -30.06
CA LYS F 885 -51.61 -17.82 -30.27
C LYS F 885 -52.04 -18.98 -31.17
N ILE F 886 -51.31 -19.23 -32.25
CA ILE F 886 -51.68 -20.34 -33.12
C ILE F 886 -51.43 -21.67 -32.42
N CYS F 887 -50.40 -21.77 -31.58
CA CYS F 887 -50.17 -23.00 -30.83
C CYS F 887 -51.32 -23.28 -29.87
N GLN F 888 -51.79 -22.26 -29.15
CA GLN F 888 -52.92 -22.47 -28.24
C GLN F 888 -54.20 -22.74 -29.00
N LEU F 889 -54.37 -22.13 -30.18
CA LEU F 889 -55.54 -22.43 -31.01
C LEU F 889 -55.51 -23.89 -31.46
N VAL F 890 -54.34 -24.39 -31.87
CA VAL F 890 -54.22 -25.78 -32.28
C VAL F 890 -54.49 -26.71 -31.10
N LYS F 891 -53.99 -26.35 -29.92
CA LYS F 891 -54.24 -27.17 -28.73
C LYS F 891 -55.72 -27.22 -28.40
N GLN F 892 -56.40 -26.08 -28.45
CA GLN F 892 -57.84 -26.05 -28.19
C GLN F 892 -58.60 -26.87 -29.23
N TRP F 893 -58.20 -26.75 -30.50
CA TRP F 893 -58.86 -27.51 -31.56
C TRP F 893 -58.66 -29.01 -31.38
N VAL F 894 -57.45 -29.43 -31.02
CA VAL F 894 -57.20 -30.86 -30.85
C VAL F 894 -57.85 -31.38 -29.58
N ALA F 895 -58.10 -30.53 -28.59
CA ALA F 895 -58.85 -30.96 -27.41
C ALA F 895 -60.34 -31.08 -27.73
N GLU F 896 -60.89 -30.13 -28.49
CA GLU F 896 -62.31 -30.14 -28.78
C GLU F 896 -62.70 -31.18 -29.83
N THR F 897 -61.82 -31.44 -30.79
CA THR F 897 -62.16 -32.36 -31.88
C THR F 897 -62.15 -33.81 -31.45
N LEU F 898 -61.54 -34.13 -30.30
CA LEU F 898 -61.55 -35.50 -29.81
C LEU F 898 -62.97 -35.95 -29.47
N GLY F 899 -63.75 -35.08 -28.82
CA GLY F 899 -65.11 -35.41 -28.47
C GLY F 899 -66.11 -35.32 -29.60
N ASP F 900 -65.71 -34.78 -30.74
CA ASP F 900 -66.57 -34.67 -31.91
C ASP F 900 -66.49 -35.88 -32.82
N GLY F 901 -65.73 -36.92 -32.44
CA GLY F 901 -65.54 -38.07 -33.27
C GLY F 901 -64.40 -37.97 -34.25
N GLY F 902 -63.72 -36.83 -34.31
CA GLY F 902 -62.62 -36.63 -35.22
C GLY F 902 -62.68 -35.27 -35.89
N PRO F 903 -61.52 -34.69 -36.16
CA PRO F 903 -61.48 -33.40 -36.85
C PRO F 903 -61.99 -33.51 -38.27
N HIS F 904 -62.56 -32.40 -38.76
CA HIS F 904 -63.04 -32.36 -40.13
C HIS F 904 -61.90 -32.47 -41.12
N GLU F 905 -62.19 -33.03 -42.30
CA GLU F 905 -61.16 -33.23 -43.31
C GLU F 905 -60.60 -31.90 -43.79
N LYS F 906 -61.46 -30.88 -43.92
CA LYS F 906 -61.00 -29.58 -44.37
C LYS F 906 -60.01 -28.96 -43.38
N ASP F 907 -60.28 -29.09 -42.08
CA ASP F 907 -59.38 -28.55 -41.07
C ASP F 907 -58.03 -29.26 -41.10
N VAL F 908 -58.04 -30.58 -41.24
CA VAL F 908 -56.79 -31.33 -41.31
C VAL F 908 -56.00 -30.94 -42.56
N LYS F 909 -56.70 -30.78 -43.70
CA LYS F 909 -56.02 -30.37 -44.92
C LYS F 909 -55.41 -28.99 -44.77
N LEU F 910 -56.14 -28.06 -44.13
CA LEU F 910 -55.59 -26.73 -43.91
C LEU F 910 -54.37 -26.76 -43.00
N PHE F 911 -54.41 -27.59 -41.95
CA PHE F 911 -53.26 -27.72 -41.06
C PHE F 911 -52.07 -28.30 -41.80
N VAL F 912 -52.30 -29.30 -42.66
CA VAL F 912 -51.22 -29.89 -43.43
C VAL F 912 -50.62 -28.86 -44.38
N LYS F 913 -51.47 -28.07 -45.03
CA LYS F 913 -50.97 -27.02 -45.93
C LYS F 913 -50.15 -26.00 -45.17
N TYR F 914 -50.60 -25.61 -43.98
CA TYR F 914 -49.83 -24.65 -43.17
C TYR F 914 -48.49 -25.24 -42.76
N LEU F 915 -48.47 -26.51 -42.37
CA LEU F 915 -47.21 -27.15 -41.99
C LEU F 915 -46.26 -27.23 -43.18
N ILE F 916 -46.80 -27.52 -44.37
CA ILE F 916 -45.97 -27.56 -45.57
C ILE F 916 -45.38 -26.19 -45.87
N LYS F 917 -46.20 -25.15 -45.74
CA LYS F 917 -45.70 -23.78 -45.93
C LYS F 917 -44.61 -23.46 -44.91
N LEU F 918 -44.80 -23.88 -43.66
CA LEU F 918 -43.81 -23.62 -42.63
C LEU F 918 -42.50 -24.34 -42.93
N CYS F 919 -42.58 -25.59 -43.39
CA CYS F 919 -41.38 -26.35 -43.73
C CYS F 919 -40.66 -25.76 -44.92
N ASP F 920 -41.40 -25.32 -45.95
CA ASP F 920 -40.79 -24.74 -47.13
C ASP F 920 -40.12 -23.40 -46.83
N SER F 921 -40.44 -22.77 -45.70
CA SER F 921 -39.86 -21.50 -45.32
C SER F 921 -38.73 -21.64 -44.31
N ASN F 922 -38.18 -22.85 -44.16
CA ASN F 922 -37.08 -23.13 -43.24
C ASN F 922 -37.49 -22.80 -41.80
N ARG F 923 -38.61 -23.38 -41.39
CA ARG F 923 -39.12 -23.26 -40.02
C ARG F 923 -39.44 -24.63 -39.46
N VAL F 924 -38.57 -25.61 -39.72
CA VAL F 924 -38.83 -26.97 -39.27
C VAL F 924 -38.84 -27.08 -37.75
N HIS F 925 -38.19 -26.16 -37.05
CA HIS F 925 -38.26 -26.16 -35.59
C HIS F 925 -39.68 -25.88 -35.11
N LEU F 926 -40.39 -24.97 -35.78
CA LEU F 926 -41.77 -24.70 -35.43
C LEU F 926 -42.67 -25.91 -35.71
N VAL F 927 -42.41 -26.60 -36.82
CA VAL F 927 -43.17 -27.82 -37.12
C VAL F 927 -42.92 -28.87 -36.06
N LEU F 928 -41.68 -29.03 -35.63
CA LEU F 928 -41.36 -29.97 -34.56
C LEU F 928 -42.04 -29.57 -33.26
N HIS F 929 -42.09 -28.26 -32.98
CA HIS F 929 -42.77 -27.79 -31.77
C HIS F 929 -44.25 -28.12 -31.81
N LEU F 930 -44.90 -27.90 -32.96
CA LEU F 930 -46.31 -28.23 -33.08
C LEU F 930 -46.54 -29.74 -32.95
N SER F 931 -45.66 -30.54 -33.55
CA SER F 931 -45.77 -31.99 -33.43
C SER F 931 -45.65 -32.44 -31.98
N ASN F 932 -44.68 -31.88 -31.25
CA ASN F 932 -44.50 -32.22 -29.85
C ASN F 932 -45.70 -31.79 -29.02
N LEU F 933 -46.25 -30.61 -29.32
CA LEU F 933 -47.44 -30.15 -28.59
C LEU F 933 -48.62 -31.09 -28.82
N ILE F 934 -48.85 -31.50 -30.07
CA ILE F 934 -49.96 -32.41 -30.35
C ILE F 934 -49.74 -33.75 -29.69
N SER F 935 -48.51 -34.27 -29.74
CA SER F 935 -48.22 -35.56 -29.11
C SER F 935 -48.41 -35.49 -27.60
N ARG F 936 -47.97 -34.39 -26.98
CA ARG F 936 -48.14 -34.23 -25.54
C ARG F 936 -49.61 -34.13 -25.16
N GLU F 937 -50.40 -33.40 -25.97
CA GLU F 937 -51.83 -33.32 -25.71
C GLU F 937 -52.49 -34.69 -25.81
N LEU F 938 -52.12 -35.47 -26.83
CA LEU F 938 -52.69 -36.80 -26.98
C LEU F 938 -52.29 -37.70 -25.82
N ASN F 939 -51.03 -37.61 -25.38
CA ASN F 939 -50.57 -38.44 -24.27
C ASN F 939 -51.27 -38.06 -22.97
N LEU F 940 -51.48 -36.76 -22.75
CA LEU F 940 -52.16 -36.32 -21.53
C LEU F 940 -53.65 -36.64 -21.57
N CYS F 941 -54.22 -36.75 -22.76
CA CYS F 941 -55.63 -37.11 -22.90
C CYS F 941 -55.89 -38.61 -22.72
N ALA F 942 -54.83 -39.41 -22.61
CA ALA F 942 -55.00 -40.85 -22.46
C ALA F 942 -55.55 -41.19 -21.08
N PHE F 943 -56.07 -42.42 -20.98
CA PHE F 943 -56.67 -43.00 -19.77
C PHE F 943 -57.98 -42.35 -19.38
N LEU F 944 -58.40 -41.28 -20.07
CA LEU F 944 -59.70 -40.66 -19.86
C LEU F 944 -60.54 -40.66 -21.13
N ASN F 945 -59.96 -40.26 -22.26
CA ASN F 945 -60.63 -40.29 -23.55
C ASN F 945 -59.89 -41.19 -24.55
N GLN F 946 -59.05 -42.10 -24.05
CA GLN F 946 -58.33 -43.00 -24.92
C GLN F 946 -59.28 -44.00 -25.57
N ASP F 947 -59.01 -44.30 -26.85
CA ASP F 947 -59.82 -45.26 -27.62
C ASP F 947 -61.30 -44.87 -27.61
N HIS F 948 -61.58 -43.58 -27.75
CA HIS F 948 -62.93 -43.05 -27.75
C HIS F 948 -63.37 -42.61 -29.15
N SER F 949 -62.84 -43.25 -30.18
CA SER F 949 -63.13 -43.03 -31.59
C SER F 949 -62.64 -41.68 -32.10
N GLY F 950 -62.07 -40.84 -31.25
CA GLY F 950 -61.48 -39.59 -31.69
C GLY F 950 -59.99 -39.56 -31.40
N PHE F 951 -59.58 -40.26 -30.34
CA PHE F 951 -58.17 -40.38 -30.03
C PHE F 951 -57.42 -41.17 -31.09
N GLN F 952 -58.03 -42.27 -31.57
CA GLN F 952 -57.36 -43.12 -32.55
C GLN F 952 -57.17 -42.39 -33.88
N THR F 953 -58.20 -41.69 -34.34
CA THR F 953 -58.09 -40.95 -35.60
C THR F 953 -57.08 -39.82 -35.49
N TRP F 954 -57.08 -39.12 -34.35
CA TRP F 954 -56.10 -38.05 -34.15
C TRP F 954 -54.68 -38.60 -34.15
N GLU F 955 -54.46 -39.73 -33.47
CA GLU F 955 -53.13 -40.33 -33.46
C GLU F 955 -52.72 -40.77 -34.86
N ARG F 956 -53.64 -41.39 -35.60
CA ARG F 956 -53.32 -41.84 -36.95
C ARG F 956 -52.99 -40.67 -37.86
N ILE F 957 -53.73 -39.56 -37.75
CA ILE F 957 -53.43 -38.38 -38.54
C ILE F 957 -52.07 -37.81 -38.15
N LEU F 958 -51.86 -37.59 -36.85
CA LEU F 958 -50.62 -37.01 -36.36
C LEU F 958 -49.41 -37.87 -36.70
N LEU F 959 -49.61 -39.17 -36.92
CA LEU F 959 -48.51 -39.98 -37.42
C LEU F 959 -48.36 -39.84 -38.93
N ASN F 960 -49.38 -40.28 -39.68
CA ASN F 960 -49.24 -40.46 -41.12
C ASN F 960 -49.03 -39.14 -41.85
N ASP F 961 -49.83 -38.11 -41.52
CA ASP F 961 -49.79 -36.88 -42.28
C ASP F 961 -48.79 -35.86 -41.74
N ILE F 962 -48.06 -36.19 -40.68
CA ILE F 962 -47.16 -35.25 -40.02
C ILE F 962 -45.74 -35.79 -39.93
N ILE F 963 -45.56 -36.99 -39.38
CA ILE F 963 -44.21 -37.50 -39.15
C ILE F 963 -43.40 -37.62 -40.45
N PRO F 964 -43.92 -38.19 -41.54
CA PRO F 964 -43.14 -38.17 -42.79
C PRO F 964 -42.85 -36.78 -43.29
N LEU F 965 -43.71 -35.81 -43.00
CA LEU F 965 -43.51 -34.43 -43.48
C LEU F 965 -42.29 -33.77 -42.85
N LEU F 966 -41.78 -34.30 -41.74
CA LEU F 966 -40.63 -33.68 -41.10
C LEU F 966 -39.35 -33.86 -41.91
N ASN F 967 -39.28 -34.92 -42.73
CA ASN F 967 -38.08 -35.25 -43.48
C ASN F 967 -38.06 -34.66 -44.88
N ARG F 968 -38.68 -33.49 -45.08
CA ARG F 968 -38.74 -32.85 -46.38
C ARG F 968 -38.30 -31.40 -46.25
N ASN F 969 -37.84 -30.84 -47.37
CA ASN F 969 -37.42 -29.44 -47.47
C ASN F 969 -36.28 -29.14 -46.49
N LYS F 970 -35.15 -29.81 -46.73
CA LYS F 970 -33.95 -29.61 -45.91
C LYS F 970 -33.08 -28.51 -46.53
N HIS F 971 -33.59 -27.28 -46.46
CA HIS F 971 -32.92 -26.12 -46.98
C HIS F 971 -32.83 -25.04 -45.91
N THR F 972 -31.74 -24.29 -45.94
CA THR F 972 -31.47 -23.22 -44.98
C THR F 972 -31.12 -21.92 -45.72
N TYR F 973 -31.92 -21.59 -46.73
CA TYR F 973 -31.75 -20.40 -47.56
C TYR F 973 -30.45 -20.44 -48.36
N GLN F 974 -29.70 -21.54 -48.27
CA GLN F 974 -28.44 -21.67 -48.99
C GLN F 974 -28.15 -23.15 -49.17
N THR F 975 -28.41 -23.66 -50.37
CA THR F 975 -28.16 -25.06 -50.75
C THR F 975 -28.93 -25.95 -49.76
N VAL F 976 -28.31 -27.03 -49.26
CA VAL F 976 -28.96 -27.93 -48.34
C VAL F 976 -28.06 -28.16 -47.13
N ARG F 977 -28.67 -28.53 -46.02
CA ARG F 977 -27.94 -28.76 -44.79
C ARG F 977 -27.13 -30.05 -44.87
N LYS F 978 -25.95 -30.04 -44.25
CA LYS F 978 -25.11 -31.23 -44.21
C LYS F 978 -25.68 -32.25 -43.23
N LEU F 979 -25.25 -33.50 -43.39
CA LEU F 979 -25.68 -34.62 -42.57
C LEU F 979 -27.19 -34.83 -42.66
N ASP F 980 -27.74 -35.64 -41.76
CA ASP F 980 -29.15 -36.00 -41.80
C ASP F 980 -29.86 -35.51 -40.54
N MET F 981 -31.18 -35.41 -40.63
CA MET F 981 -32.01 -34.90 -39.56
C MET F 981 -32.44 -36.03 -38.65
N ASP F 982 -32.28 -35.83 -37.34
CA ASP F 982 -32.75 -36.77 -36.31
C ASP F 982 -33.59 -35.97 -35.32
N PHE F 983 -34.87 -35.85 -35.62
CA PHE F 983 -35.76 -35.00 -34.83
C PHE F 983 -36.13 -35.63 -33.51
N GLU F 984 -36.37 -34.78 -32.51
CA GLU F 984 -36.71 -35.27 -31.17
C GLU F 984 -38.04 -36.03 -31.17
N VAL F 985 -39.04 -35.49 -31.87
CA VAL F 985 -40.41 -36.03 -31.94
C VAL F 985 -40.87 -36.65 -30.63
#